data_3A9S
#
_entry.id   3A9S
#
_cell.length_a   144.317
_cell.length_b   127.271
_cell.length_c   110.315
_cell.angle_alpha   90.00
_cell.angle_beta   90.00
_cell.angle_gamma   90.00
#
_symmetry.space_group_name_H-M   'P 21 21 2'
#
loop_
_entity.id
_entity.type
_entity.pdbx_description
1 polymer 'D-arabinose isomerase'
2 non-polymer GLYCEROL
3 non-polymer 'MANGANESE (II) ION'
4 water water
#
_entity_poly.entity_id   1
_entity_poly.type   'polypeptide(L)'
_entity_poly.pdbx_seq_one_letter_code
;MAKDPRYVGNLPKIGIRPTIDGRRKGVRESLEETTMNMAKAVAKLLEENVFYYNGQPVECVIADTCIGGVKEAAEAAEKF
AREGVGVSITVTPCWCYGTETMDMDPHIPKAVWGFNGTERPGAVYLAAVLAGYNQKGLPAFGIYGKDVQDAGDTNIPEDV
KEKLIRFAKAGLAVAMMKGKSYLSIGSVSMGIAGSVVQEDFFQNYLGMRNEYVDMSEFVRRIELGIYDKEEYERALKWVK
ENCKVGPDNNRDGFKRTEEQKEKDWEISVKMALIARDLMVGNKKLEEMGYGEEALGRNAIVAGFQGQRQWTDYFPNGDFM
ETILNSSFDWNGKRAPYIFATENDNLNGISMLFGYLLTNTAQIFADVRTYWSPEAVKRVTGYTLEGRAANGIIHLINSGA
AALDGTGEQTKDGKPVIKPYYELTDEDIKKCLEATQFRPASTEYFRGGGYSTDFLTKGGMPVTISRLNIVKGLGPVLQIA
EGYTVDLPEEVHDVLDKRTDPTWPTTWFVPNLTGEGAFKDVYSVMNNWGANHCSISYGHIGADLITLASILRIPVNMHNV
PEEKIFRPDAWSMFGTKDLEGADYRACKKLGPIYK
;
_entity_poly.pdbx_strand_id   A,B,C
#
# COMPACT_ATOMS: atom_id res chain seq x y z
N ALA A 2 -26.11 -34.42 -1.49
CA ALA A 2 -25.89 -35.33 -2.66
C ALA A 2 -24.49 -35.93 -2.62
N LYS A 3 -24.38 -37.19 -3.04
CA LYS A 3 -23.10 -37.88 -3.07
C LYS A 3 -22.24 -37.34 -4.21
N ASP A 4 -20.95 -37.14 -3.97
CA ASP A 4 -20.06 -36.67 -5.02
C ASP A 4 -19.89 -37.91 -5.91
N PRO A 5 -20.19 -37.78 -7.21
CA PRO A 5 -20.07 -38.92 -8.13
C PRO A 5 -18.67 -39.44 -8.45
N ARG A 6 -17.65 -38.65 -8.14
CA ARG A 6 -16.28 -39.06 -8.45
C ARG A 6 -15.37 -39.15 -7.24
N TYR A 7 -15.63 -38.31 -6.25
CA TYR A 7 -14.78 -38.26 -5.07
C TYR A 7 -15.42 -38.74 -3.78
N VAL A 8 -14.57 -39.06 -2.82
CA VAL A 8 -15.03 -39.53 -1.52
C VAL A 8 -15.91 -38.48 -0.87
N GLY A 9 -16.97 -38.93 -0.20
CA GLY A 9 -17.86 -38.02 0.50
C GLY A 9 -18.99 -37.42 -0.32
N ASN A 10 -19.65 -36.44 0.29
CA ASN A 10 -20.77 -35.76 -0.34
C ASN A 10 -20.39 -34.35 -0.77
N LEU A 11 -21.16 -33.80 -1.69
CA LEU A 11 -20.93 -32.45 -2.17
C LEU A 11 -21.26 -31.47 -1.05
N PRO A 12 -20.50 -30.38 -0.94
CA PRO A 12 -20.74 -29.38 0.11
C PRO A 12 -22.13 -28.77 0.06
N LYS A 13 -22.70 -28.52 1.23
CA LYS A 13 -24.02 -27.90 1.33
C LYS A 13 -23.87 -26.49 1.87
N ILE A 14 -24.90 -25.68 1.69
CA ILE A 14 -24.91 -24.31 2.17
C ILE A 14 -25.88 -24.21 3.35
N GLY A 15 -25.37 -23.73 4.48
CA GLY A 15 -26.21 -23.60 5.66
C GLY A 15 -26.74 -22.18 5.81
N ILE A 16 -28.04 -22.07 6.09
CA ILE A 16 -28.67 -20.77 6.27
C ILE A 16 -29.03 -20.57 7.74
N ARG A 17 -28.52 -19.49 8.32
CA ARG A 17 -28.73 -19.19 9.73
C ARG A 17 -29.69 -18.01 9.92
N PRO A 18 -30.95 -18.30 10.30
CA PRO A 18 -31.93 -17.23 10.50
C PRO A 18 -31.78 -16.67 11.91
N THR A 19 -31.16 -15.50 12.04
CA THR A 19 -30.98 -14.92 13.37
C THR A 19 -32.13 -14.00 13.75
N ILE A 20 -32.40 -13.91 15.04
CA ILE A 20 -33.53 -13.12 15.52
C ILE A 20 -33.25 -12.48 16.88
N ASP A 21 -34.08 -11.50 17.23
CA ASP A 21 -33.96 -10.81 18.52
C ASP A 21 -34.41 -11.87 19.54
N GLY A 22 -33.63 -12.07 20.59
CA GLY A 22 -33.99 -13.07 21.58
C GLY A 22 -35.13 -12.74 22.51
N ARG A 23 -35.49 -11.46 22.57
CA ARG A 23 -36.57 -10.99 23.44
C ARG A 23 -37.94 -11.55 23.11
N ARG A 24 -38.59 -12.16 24.09
CA ARG A 24 -39.93 -12.67 23.89
C ARG A 24 -40.88 -11.56 24.29
N LYS A 25 -42.02 -11.90 24.89
CA LYS A 25 -42.98 -10.88 25.30
C LYS A 25 -43.47 -10.07 24.10
N GLY A 26 -43.37 -10.64 22.91
CA GLY A 26 -43.86 -9.94 21.72
C GLY A 26 -42.91 -9.77 20.55
N VAL A 27 -41.66 -9.38 20.80
CA VAL A 27 -40.70 -9.17 19.73
C VAL A 27 -40.39 -10.42 18.91
N ARG A 28 -39.74 -11.41 19.53
CA ARG A 28 -39.40 -12.62 18.80
C ARG A 28 -40.62 -13.31 18.19
N GLU A 29 -41.71 -13.39 18.95
CA GLU A 29 -42.93 -14.04 18.47
C GLU A 29 -43.39 -13.45 17.14
N SER A 30 -43.26 -12.13 17.01
CA SER A 30 -43.70 -11.44 15.80
C SER A 30 -42.72 -11.50 14.64
N LEU A 31 -41.53 -12.04 14.87
CA LEU A 31 -40.52 -12.09 13.82
C LEU A 31 -40.10 -13.45 13.30
N GLU A 32 -40.46 -14.52 13.99
CA GLU A 32 -40.04 -15.85 13.55
C GLU A 32 -40.47 -16.21 12.13
N GLU A 33 -41.71 -15.90 11.77
CA GLU A 33 -42.21 -16.22 10.44
C GLU A 33 -41.43 -15.49 9.34
N THR A 34 -41.30 -14.17 9.50
CA THR A 34 -40.58 -13.36 8.51
C THR A 34 -39.12 -13.77 8.39
N THR A 35 -38.50 -14.10 9.51
CA THR A 35 -37.10 -14.49 9.53
C THR A 35 -36.89 -15.82 8.81
N MET A 36 -37.74 -16.79 9.08
CA MET A 36 -37.64 -18.07 8.42
C MET A 36 -37.94 -17.92 6.92
N ASN A 37 -38.85 -17.01 6.60
CA ASN A 37 -39.21 -16.75 5.20
C ASN A 37 -37.99 -16.23 4.44
N MET A 38 -37.16 -15.44 5.11
CA MET A 38 -35.95 -14.91 4.49
C MET A 38 -35.02 -16.08 4.18
N ALA A 39 -34.87 -16.98 5.15
CA ALA A 39 -34.01 -18.13 5.00
C ALA A 39 -34.46 -18.99 3.83
N LYS A 40 -35.77 -19.20 3.74
CA LYS A 40 -36.34 -20.01 2.66
C LYS A 40 -36.15 -19.34 1.30
N ALA A 41 -36.28 -18.02 1.26
CA ALA A 41 -36.13 -17.27 0.02
C ALA A 41 -34.70 -17.41 -0.51
N VAL A 42 -33.72 -17.32 0.39
CA VAL A 42 -32.32 -17.46 -0.01
C VAL A 42 -32.07 -18.88 -0.50
N ALA A 43 -32.59 -19.87 0.21
CA ALA A 43 -32.40 -21.25 -0.20
C ALA A 43 -32.95 -21.47 -1.61
N LYS A 44 -34.14 -20.94 -1.86
CA LYS A 44 -34.76 -21.06 -3.18
C LYS A 44 -33.91 -20.40 -4.25
N LEU A 45 -33.45 -19.19 -3.98
CA LEU A 45 -32.62 -18.47 -4.94
C LEU A 45 -31.36 -19.24 -5.29
N LEU A 46 -30.67 -19.75 -4.27
CA LEU A 46 -29.43 -20.49 -4.53
C LEU A 46 -29.66 -21.80 -5.26
N GLU A 47 -30.73 -22.50 -4.91
CA GLU A 47 -31.03 -23.77 -5.55
C GLU A 47 -31.37 -23.59 -7.03
N GLU A 48 -31.80 -22.39 -7.40
CA GLU A 48 -32.15 -22.13 -8.79
C GLU A 48 -31.00 -21.50 -9.57
N ASN A 49 -29.95 -21.09 -8.88
CA ASN A 49 -28.84 -20.43 -9.55
C ASN A 49 -27.44 -21.01 -9.35
N VAL A 50 -27.28 -21.87 -8.35
CA VAL A 50 -25.97 -22.47 -8.07
C VAL A 50 -26.06 -23.99 -8.21
N PHE A 51 -25.21 -24.56 -9.05
CA PHE A 51 -25.21 -26.00 -9.29
C PHE A 51 -23.87 -26.66 -9.09
N TYR A 52 -23.91 -27.92 -8.66
CA TYR A 52 -22.69 -28.71 -8.46
C TYR A 52 -22.12 -29.00 -9.84
N TYR A 53 -20.90 -29.50 -9.89
CA TYR A 53 -20.27 -29.76 -11.18
C TYR A 53 -20.99 -30.77 -12.06
N ASN A 54 -21.88 -31.57 -11.47
CA ASN A 54 -22.63 -32.57 -12.23
C ASN A 54 -24.02 -32.08 -12.62
N GLY A 55 -24.26 -30.79 -12.44
CA GLY A 55 -25.56 -30.23 -12.81
C GLY A 55 -26.65 -30.27 -11.75
N GLN A 56 -26.42 -30.99 -10.66
CA GLN A 56 -27.42 -31.07 -9.59
C GLN A 56 -27.43 -29.72 -8.87
N PRO A 57 -28.63 -29.23 -8.50
CA PRO A 57 -28.67 -27.95 -7.79
C PRO A 57 -28.03 -28.05 -6.41
N VAL A 58 -27.38 -26.98 -5.97
CA VAL A 58 -26.75 -26.99 -4.65
C VAL A 58 -27.83 -27.27 -3.61
N GLU A 59 -27.44 -27.93 -2.52
CA GLU A 59 -28.39 -28.25 -1.46
C GLU A 59 -28.14 -27.36 -0.25
N CYS A 60 -29.21 -26.85 0.32
CA CYS A 60 -29.13 -25.97 1.47
C CYS A 60 -29.72 -26.62 2.72
N VAL A 61 -29.21 -26.17 3.88
CA VAL A 61 -29.67 -26.67 5.17
C VAL A 61 -30.04 -25.45 5.99
N ILE A 62 -31.27 -25.39 6.49
CA ILE A 62 -31.68 -24.26 7.31
C ILE A 62 -31.70 -24.71 8.76
N ALA A 63 -31.29 -23.83 9.67
CA ALA A 63 -31.27 -24.16 11.10
C ALA A 63 -32.68 -24.58 11.53
N ASP A 64 -32.76 -25.44 12.54
CA ASP A 64 -34.06 -25.91 13.02
C ASP A 64 -34.90 -24.85 13.71
N THR A 65 -34.25 -23.81 14.20
CA THR A 65 -34.95 -22.72 14.87
C THR A 65 -34.26 -21.43 14.50
N CYS A 66 -34.91 -20.31 14.80
CA CYS A 66 -34.30 -19.02 14.56
C CYS A 66 -33.22 -18.96 15.64
N ILE A 67 -32.18 -18.18 15.37
CA ILE A 67 -31.06 -18.06 16.30
C ILE A 67 -31.07 -16.72 17.03
N GLY A 68 -31.44 -16.75 18.31
CA GLY A 68 -31.48 -15.53 19.08
C GLY A 68 -30.46 -15.48 20.20
N GLY A 69 -29.67 -16.53 20.32
CA GLY A 69 -28.66 -16.60 21.36
C GLY A 69 -27.64 -17.68 21.09
N VAL A 70 -26.71 -17.87 22.01
CA VAL A 70 -25.65 -18.84 21.86
C VAL A 70 -26.09 -20.31 21.82
N LYS A 71 -27.12 -20.66 22.58
CA LYS A 71 -27.61 -22.04 22.59
C LYS A 71 -28.08 -22.43 21.19
N GLU A 72 -28.89 -21.57 20.59
CA GLU A 72 -29.41 -21.84 19.25
C GLU A 72 -28.29 -21.75 18.22
N ALA A 73 -27.30 -20.91 18.46
CA ALA A 73 -26.17 -20.79 17.54
C ALA A 73 -25.40 -22.11 17.57
N ALA A 74 -25.23 -22.66 18.77
CA ALA A 74 -24.52 -23.93 18.90
C ALA A 74 -25.31 -25.04 18.22
N GLU A 75 -26.63 -25.00 18.36
CA GLU A 75 -27.49 -26.00 17.74
C GLU A 75 -27.34 -25.97 16.22
N ALA A 76 -27.27 -24.76 15.67
CA ALA A 76 -27.12 -24.62 14.22
C ALA A 76 -25.77 -25.18 13.79
N ALA A 77 -24.72 -24.84 14.53
CA ALA A 77 -23.39 -25.34 14.23
C ALA A 77 -23.37 -26.87 14.21
N GLU A 78 -24.04 -27.47 15.20
CA GLU A 78 -24.12 -28.92 15.31
C GLU A 78 -24.85 -29.55 14.13
N LYS A 79 -26.00 -28.97 13.76
CA LYS A 79 -26.77 -29.49 12.64
C LYS A 79 -25.99 -29.37 11.34
N PHE A 80 -25.34 -28.23 11.15
CA PHE A 80 -24.57 -27.99 9.93
C PHE A 80 -23.40 -28.95 9.81
N ALA A 81 -22.75 -29.24 10.94
CA ALA A 81 -21.61 -30.15 10.93
C ALA A 81 -22.07 -31.55 10.54
N ARG A 82 -23.23 -31.96 11.05
CA ARG A 82 -23.73 -33.29 10.76
C ARG A 82 -24.34 -33.41 9.36
N GLU A 83 -24.78 -32.29 8.80
CA GLU A 83 -25.38 -32.29 7.48
C GLU A 83 -24.38 -32.05 6.36
N GLY A 84 -23.12 -31.78 6.73
CA GLY A 84 -22.10 -31.56 5.71
C GLY A 84 -22.12 -30.18 5.08
N VAL A 85 -22.36 -29.16 5.90
CA VAL A 85 -22.39 -27.78 5.43
C VAL A 85 -20.96 -27.26 5.28
N GLY A 86 -20.67 -26.60 4.16
CA GLY A 86 -19.34 -26.07 3.93
C GLY A 86 -19.31 -24.58 3.64
N VAL A 87 -20.48 -23.96 3.68
CA VAL A 87 -20.63 -22.53 3.42
C VAL A 87 -21.80 -22.06 4.27
N SER A 88 -21.70 -20.88 4.88
CA SER A 88 -22.82 -20.41 5.70
C SER A 88 -23.25 -19.00 5.37
N ILE A 89 -24.57 -18.78 5.47
CA ILE A 89 -25.15 -17.47 5.20
C ILE A 89 -26.14 -17.16 6.31
N THR A 90 -25.93 -16.02 6.96
CA THR A 90 -26.82 -15.60 8.04
C THR A 90 -27.80 -14.59 7.46
N VAL A 91 -29.07 -14.70 7.85
CA VAL A 91 -30.09 -13.79 7.37
C VAL A 91 -30.94 -13.29 8.52
N THR A 92 -31.35 -12.02 8.46
CA THR A 92 -32.20 -11.46 9.51
C THR A 92 -32.85 -10.16 9.08
N PRO A 93 -34.06 -9.90 9.60
CA PRO A 93 -34.81 -8.68 9.30
C PRO A 93 -34.85 -7.79 10.54
N CYS A 94 -34.13 -8.18 11.58
CA CYS A 94 -34.15 -7.43 12.83
C CYS A 94 -32.82 -7.35 13.56
N TRP A 95 -32.87 -6.75 14.74
CA TRP A 95 -31.70 -6.63 15.59
C TRP A 95 -31.48 -7.99 16.25
N CYS A 96 -30.23 -8.42 16.34
CA CYS A 96 -29.89 -9.69 16.97
C CYS A 96 -28.65 -9.41 17.82
N TYR A 97 -28.35 -10.27 18.79
CA TYR A 97 -27.24 -10.02 19.70
C TYR A 97 -25.82 -10.38 19.30
N GLY A 98 -25.34 -9.73 18.25
CA GLY A 98 -23.99 -9.92 17.72
C GLY A 98 -23.20 -11.19 18.02
N THR A 99 -22.22 -11.08 18.92
CA THR A 99 -21.37 -12.21 19.27
C THR A 99 -22.12 -13.46 19.76
N GLU A 100 -23.29 -13.27 20.34
CA GLU A 100 -24.08 -14.40 20.84
C GLU A 100 -24.64 -15.25 19.70
N THR A 101 -24.81 -14.64 18.53
CA THR A 101 -25.40 -15.31 17.38
C THR A 101 -24.45 -15.61 16.22
N MET A 102 -23.18 -15.21 16.36
CA MET A 102 -22.18 -15.41 15.32
C MET A 102 -21.85 -16.86 15.00
N ASP A 103 -21.43 -17.08 13.76
CA ASP A 103 -20.98 -18.38 13.31
C ASP A 103 -19.49 -18.31 13.66
N MET A 104 -19.05 -19.12 14.61
CA MET A 104 -17.66 -19.08 15.04
C MET A 104 -16.73 -20.09 14.37
N ASP A 105 -17.22 -20.78 13.35
CA ASP A 105 -16.40 -21.75 12.62
C ASP A 105 -15.45 -20.99 11.71
N PRO A 106 -14.14 -21.03 12.02
CA PRO A 106 -13.15 -20.33 11.20
C PRO A 106 -12.89 -20.95 9.83
N HIS A 107 -13.31 -22.20 9.67
CA HIS A 107 -13.06 -22.94 8.44
C HIS A 107 -14.18 -22.96 7.42
N ILE A 108 -15.14 -22.05 7.55
CA ILE A 108 -16.25 -22.01 6.61
C ILE A 108 -16.48 -20.61 6.06
N PRO A 109 -16.55 -20.48 4.72
CA PRO A 109 -16.78 -19.15 4.15
C PRO A 109 -18.15 -18.70 4.67
N LYS A 110 -18.26 -17.43 5.04
CA LYS A 110 -19.53 -16.96 5.59
C LYS A 110 -19.93 -15.56 5.14
N ALA A 111 -21.24 -15.37 5.02
CA ALA A 111 -21.81 -14.09 4.62
C ALA A 111 -22.99 -13.77 5.51
N VAL A 112 -23.37 -12.49 5.55
CA VAL A 112 -24.49 -12.05 6.36
C VAL A 112 -25.35 -11.13 5.52
N TRP A 113 -26.65 -11.42 5.44
CA TRP A 113 -27.57 -10.57 4.69
C TRP A 113 -28.56 -9.94 5.67
N GLY A 114 -28.48 -8.62 5.80
CA GLY A 114 -29.38 -7.91 6.68
C GLY A 114 -30.43 -7.18 5.86
N PHE A 115 -31.70 -7.50 6.10
CA PHE A 115 -32.82 -6.89 5.38
C PHE A 115 -32.77 -5.37 5.54
N ASN A 116 -32.92 -4.63 4.44
CA ASN A 116 -32.93 -3.18 4.54
C ASN A 116 -34.36 -2.74 4.80
N GLY A 117 -34.79 -2.91 6.05
CA GLY A 117 -36.13 -2.52 6.43
C GLY A 117 -36.04 -1.47 7.52
N THR A 118 -37.12 -0.76 7.77
CA THR A 118 -37.11 0.27 8.80
C THR A 118 -37.69 -0.16 10.14
N GLU A 119 -38.73 -0.99 10.12
CA GLU A 119 -39.37 -1.42 11.35
C GLU A 119 -38.42 -2.02 12.40
N ARG A 120 -37.43 -2.79 11.95
CA ARG A 120 -36.46 -3.40 12.86
C ARG A 120 -35.03 -3.12 12.39
N PRO A 121 -34.09 -2.96 13.35
CA PRO A 121 -32.68 -2.67 13.11
C PRO A 121 -31.88 -3.80 12.44
N GLY A 122 -32.33 -4.26 11.27
CA GLY A 122 -31.66 -5.32 10.57
C GLY A 122 -30.27 -4.96 10.07
N ALA A 123 -30.12 -3.72 9.63
CA ALA A 123 -28.84 -3.24 9.12
C ALA A 123 -27.92 -2.99 10.30
N VAL A 124 -28.54 -2.68 11.44
CA VAL A 124 -27.80 -2.45 12.66
C VAL A 124 -27.16 -3.78 13.05
N TYR A 125 -27.89 -4.88 12.86
CA TYR A 125 -27.33 -6.20 13.17
C TYR A 125 -26.19 -6.51 12.23
N LEU A 126 -26.44 -6.33 10.93
CA LEU A 126 -25.42 -6.60 9.93
C LEU A 126 -24.11 -5.89 10.29
N ALA A 127 -24.20 -4.58 10.52
CA ALA A 127 -23.00 -3.81 10.85
C ALA A 127 -22.41 -4.23 12.19
N ALA A 128 -23.27 -4.53 13.16
CA ALA A 128 -22.81 -4.93 14.47
C ALA A 128 -22.08 -6.28 14.44
N VAL A 129 -22.66 -7.26 13.76
CA VAL A 129 -22.02 -8.57 13.70
C VAL A 129 -20.77 -8.53 12.84
N LEU A 130 -20.76 -7.72 11.78
CA LEU A 130 -19.56 -7.63 10.95
C LEU A 130 -18.43 -7.03 11.79
N ALA A 131 -18.76 -6.10 12.67
CA ALA A 131 -17.74 -5.51 13.53
C ALA A 131 -17.18 -6.63 14.40
N GLY A 132 -18.05 -7.57 14.76
CA GLY A 132 -17.63 -8.70 15.58
C GLY A 132 -16.73 -9.64 14.82
N TYR A 133 -17.11 -9.94 13.57
CA TYR A 133 -16.28 -10.82 12.74
C TYR A 133 -14.92 -10.17 12.51
N ASN A 134 -14.92 -8.86 12.27
CA ASN A 134 -13.67 -8.14 12.04
C ASN A 134 -12.81 -8.12 13.30
N GLN A 135 -13.44 -7.92 14.45
CA GLN A 135 -12.71 -7.85 15.70
C GLN A 135 -12.13 -9.21 16.10
N LYS A 136 -12.84 -10.28 15.76
CA LYS A 136 -12.40 -11.62 16.11
C LYS A 136 -11.52 -12.30 15.06
N GLY A 137 -11.33 -11.65 13.92
CA GLY A 137 -10.49 -12.23 12.88
C GLY A 137 -11.13 -13.35 12.07
N LEU A 138 -12.46 -13.30 11.95
CA LEU A 138 -13.20 -14.30 11.19
C LEU A 138 -13.84 -13.58 10.00
N PRO A 139 -13.13 -13.52 8.86
CA PRO A 139 -13.67 -12.84 7.67
C PRO A 139 -15.08 -13.26 7.31
N ALA A 140 -15.92 -12.26 7.04
CA ALA A 140 -17.31 -12.51 6.65
C ALA A 140 -17.76 -11.44 5.66
N PHE A 141 -18.55 -11.84 4.69
CA PHE A 141 -19.07 -10.93 3.68
C PHE A 141 -20.34 -10.25 4.17
N GLY A 142 -20.48 -8.96 3.86
CA GLY A 142 -21.65 -8.22 4.26
C GLY A 142 -22.52 -7.91 3.05
N ILE A 143 -23.81 -8.18 3.15
CA ILE A 143 -24.74 -7.94 2.06
C ILE A 143 -25.87 -7.02 2.52
N TYR A 144 -25.88 -5.80 2.00
CA TYR A 144 -26.89 -4.80 2.34
C TYR A 144 -27.50 -4.22 1.07
N GLY A 145 -28.82 -4.35 0.93
CA GLY A 145 -29.49 -3.84 -0.26
C GLY A 145 -29.58 -2.33 -0.21
N LYS A 146 -29.47 -1.70 -1.38
CA LYS A 146 -29.49 -0.25 -1.47
C LYS A 146 -30.85 0.41 -1.26
N ASP A 147 -31.93 -0.32 -1.56
CA ASP A 147 -33.28 0.23 -1.44
C ASP A 147 -34.12 -0.34 -0.31
N VAL A 148 -34.69 0.55 0.51
CA VAL A 148 -35.53 0.12 1.62
C VAL A 148 -36.68 -0.74 1.12
N GLN A 149 -36.90 -1.89 1.77
CA GLN A 149 -38.00 -2.78 1.42
C GLN A 149 -39.01 -2.75 2.54
N ASP A 150 -40.28 -2.96 2.22
CA ASP A 150 -41.31 -2.97 3.23
C ASP A 150 -41.29 -4.29 4.00
N ALA A 151 -41.68 -4.24 5.26
CA ALA A 151 -41.68 -5.42 6.12
C ALA A 151 -42.40 -6.61 5.47
N GLY A 152 -41.77 -7.77 5.54
CA GLY A 152 -42.38 -8.98 4.98
C GLY A 152 -42.12 -9.24 3.51
N ASP A 153 -41.59 -8.24 2.79
CA ASP A 153 -41.31 -8.42 1.36
C ASP A 153 -40.30 -9.55 1.20
N THR A 154 -40.72 -10.64 0.57
CA THR A 154 -39.83 -11.78 0.36
C THR A 154 -39.07 -11.73 -0.95
N ASN A 155 -39.32 -10.69 -1.75
CA ASN A 155 -38.61 -10.55 -3.00
C ASN A 155 -37.18 -10.09 -2.72
N ILE A 156 -36.21 -10.79 -3.28
CA ILE A 156 -34.82 -10.42 -3.06
C ILE A 156 -34.38 -9.45 -4.16
N PRO A 157 -33.94 -8.25 -3.78
CA PRO A 157 -33.49 -7.23 -4.73
C PRO A 157 -32.36 -7.73 -5.61
N GLU A 158 -32.26 -7.20 -6.81
CA GLU A 158 -31.22 -7.61 -7.74
C GLU A 158 -29.81 -7.45 -7.21
N ASP A 159 -29.53 -6.34 -6.52
CA ASP A 159 -28.17 -6.16 -6.01
C ASP A 159 -27.84 -7.17 -4.94
N VAL A 160 -28.84 -7.53 -4.13
CA VAL A 160 -28.66 -8.52 -3.08
C VAL A 160 -28.48 -9.89 -3.71
N LYS A 161 -29.28 -10.19 -4.73
CA LYS A 161 -29.18 -11.48 -5.42
C LYS A 161 -27.79 -11.70 -6.00
N GLU A 162 -27.23 -10.67 -6.62
CA GLU A 162 -25.90 -10.79 -7.22
C GLU A 162 -24.84 -11.16 -6.18
N LYS A 163 -24.89 -10.52 -5.02
CA LYS A 163 -23.93 -10.79 -3.96
C LYS A 163 -24.12 -12.17 -3.35
N LEU A 164 -25.38 -12.56 -3.13
CA LEU A 164 -25.65 -13.88 -2.58
C LEU A 164 -25.13 -14.98 -3.51
N ILE A 165 -25.39 -14.83 -4.80
CA ILE A 165 -24.94 -15.82 -5.78
C ILE A 165 -23.43 -15.83 -5.95
N ARG A 166 -22.81 -14.66 -6.02
CA ARG A 166 -21.35 -14.60 -6.18
C ARG A 166 -20.68 -15.22 -4.97
N PHE A 167 -21.16 -14.90 -3.78
CA PHE A 167 -20.60 -15.47 -2.56
C PHE A 167 -20.78 -16.99 -2.54
N ALA A 168 -21.99 -17.43 -2.87
CA ALA A 168 -22.30 -18.86 -2.87
C ALA A 168 -21.43 -19.65 -3.83
N LYS A 169 -21.25 -19.16 -5.05
CA LYS A 169 -20.43 -19.86 -6.03
C LYS A 169 -18.97 -19.93 -5.58
N ALA A 170 -18.45 -18.81 -5.10
CA ALA A 170 -17.07 -18.76 -4.64
C ALA A 170 -16.90 -19.65 -3.42
N GLY A 171 -17.85 -19.57 -2.49
CA GLY A 171 -17.79 -20.38 -1.29
C GLY A 171 -17.83 -21.87 -1.62
N LEU A 172 -18.71 -22.25 -2.53
CA LEU A 172 -18.84 -23.64 -2.94
C LEU A 172 -17.56 -24.14 -3.60
N ALA A 173 -16.96 -23.31 -4.45
CA ALA A 173 -15.72 -23.70 -5.13
C ALA A 173 -14.64 -23.97 -4.09
N VAL A 174 -14.54 -23.11 -3.08
CA VAL A 174 -13.54 -23.29 -2.04
C VAL A 174 -13.81 -24.58 -1.26
N ALA A 175 -15.08 -24.80 -0.91
CA ALA A 175 -15.46 -26.00 -0.17
C ALA A 175 -15.18 -27.27 -0.97
N MET A 176 -15.35 -27.19 -2.28
CA MET A 176 -15.13 -28.34 -3.17
C MET A 176 -13.71 -28.89 -3.16
N MET A 177 -12.71 -28.02 -3.02
CA MET A 177 -11.32 -28.47 -3.05
C MET A 177 -10.83 -29.18 -1.79
N LYS A 178 -11.39 -28.80 -0.64
CA LYS A 178 -10.97 -29.38 0.63
C LYS A 178 -11.06 -30.90 0.68
N GLY A 179 -9.94 -31.52 1.08
CA GLY A 179 -9.90 -32.97 1.20
C GLY A 179 -9.54 -33.72 -0.07
N LYS A 180 -9.54 -33.02 -1.20
CA LYS A 180 -9.23 -33.62 -2.48
C LYS A 180 -7.73 -33.58 -2.74
N SER A 181 -7.26 -34.38 -3.69
CA SER A 181 -5.83 -34.43 -4.02
C SER A 181 -5.45 -33.77 -5.34
N TYR A 182 -4.18 -33.38 -5.42
CA TYR A 182 -3.62 -32.89 -6.67
C TYR A 182 -2.69 -34.07 -6.93
N LEU A 183 -2.80 -34.69 -8.09
CA LEU A 183 -1.93 -35.82 -8.40
C LEU A 183 -0.85 -35.36 -9.36
N SER A 184 0.40 -35.49 -8.93
CA SER A 184 1.55 -35.14 -9.74
C SER A 184 2.03 -36.39 -10.46
N ILE A 185 1.89 -36.41 -11.77
CA ILE A 185 2.34 -37.56 -12.56
C ILE A 185 3.63 -37.11 -13.21
N GLY A 186 4.74 -37.62 -12.71
CA GLY A 186 6.02 -37.21 -13.22
C GLY A 186 6.58 -36.18 -12.26
N SER A 187 7.61 -35.46 -12.70
CA SER A 187 8.25 -34.47 -11.85
C SER A 187 8.22 -33.10 -12.51
N VAL A 188 9.28 -32.31 -12.28
CA VAL A 188 9.37 -31.00 -12.88
C VAL A 188 9.54 -31.17 -14.38
N SER A 189 8.88 -30.32 -15.16
CA SER A 189 8.99 -30.38 -16.61
C SER A 189 9.82 -29.23 -17.14
N MET A 190 10.96 -29.55 -17.73
CA MET A 190 11.84 -28.55 -18.32
C MET A 190 12.04 -27.28 -17.48
N GLY A 191 12.32 -27.47 -16.20
CA GLY A 191 12.55 -26.34 -15.31
C GLY A 191 11.44 -25.34 -15.14
N ILE A 192 10.20 -25.74 -15.40
CA ILE A 192 9.07 -24.84 -15.23
C ILE A 192 8.75 -24.71 -13.74
N ALA A 193 8.83 -23.48 -13.23
CA ALA A 193 8.61 -23.21 -11.82
C ALA A 193 7.30 -23.78 -11.27
N GLY A 194 6.24 -23.62 -12.07
CA GLY A 194 4.92 -24.11 -11.68
C GLY A 194 4.80 -25.62 -11.58
N SER A 195 5.80 -26.35 -12.05
CA SER A 195 5.74 -27.81 -11.96
C SER A 195 6.44 -28.30 -10.69
N VAL A 196 6.98 -27.37 -9.90
CA VAL A 196 7.58 -27.72 -8.62
C VAL A 196 6.36 -27.69 -7.69
N VAL A 197 6.18 -28.75 -6.90
CA VAL A 197 5.03 -28.81 -6.00
C VAL A 197 5.35 -28.23 -4.63
N GLN A 198 4.60 -27.21 -4.23
CA GLN A 198 4.80 -26.61 -2.91
C GLN A 198 3.63 -27.09 -2.06
N GLU A 199 3.88 -28.16 -1.30
CA GLU A 199 2.85 -28.76 -0.47
C GLU A 199 2.18 -27.80 0.50
N ASP A 200 2.95 -26.86 1.04
CA ASP A 200 2.39 -25.91 1.99
C ASP A 200 1.23 -25.15 1.37
N PHE A 201 1.33 -24.82 0.09
CA PHE A 201 0.25 -24.10 -0.56
C PHE A 201 -1.02 -24.93 -0.63
N PHE A 202 -0.90 -26.15 -1.16
CA PHE A 202 -2.06 -27.02 -1.28
C PHE A 202 -2.68 -27.31 0.08
N GLN A 203 -1.84 -27.64 1.06
CA GLN A 203 -2.30 -27.96 2.39
C GLN A 203 -2.94 -26.80 3.16
N ASN A 204 -2.20 -25.70 3.27
CA ASN A 204 -2.67 -24.56 4.04
C ASN A 204 -3.62 -23.58 3.37
N TYR A 205 -3.54 -23.43 2.06
CA TYR A 205 -4.46 -22.52 1.40
C TYR A 205 -5.70 -23.21 0.86
N LEU A 206 -5.52 -24.40 0.30
CA LEU A 206 -6.65 -25.12 -0.30
C LEU A 206 -7.19 -26.31 0.48
N GLY A 207 -6.47 -26.75 1.50
CA GLY A 207 -6.92 -27.89 2.27
C GLY A 207 -6.86 -29.17 1.46
N MET A 208 -5.95 -29.19 0.48
CA MET A 208 -5.79 -30.34 -0.40
C MET A 208 -4.61 -31.23 -0.04
N ARG A 209 -4.63 -32.46 -0.56
CA ARG A 209 -3.57 -33.42 -0.33
C ARG A 209 -2.71 -33.49 -1.59
N ASN A 210 -1.44 -33.86 -1.43
CA ASN A 210 -0.53 -33.99 -2.55
C ASN A 210 -0.11 -35.43 -2.74
N GLU A 211 -0.44 -35.96 -3.92
CA GLU A 211 -0.11 -37.33 -4.28
C GLU A 211 0.87 -37.34 -5.44
N TYR A 212 1.73 -38.35 -5.48
CA TYR A 212 2.77 -38.44 -6.50
C TYR A 212 2.90 -39.81 -7.14
N VAL A 213 3.12 -39.82 -8.45
CA VAL A 213 3.31 -41.07 -9.19
C VAL A 213 4.26 -40.82 -10.37
N ASP A 214 5.34 -41.59 -10.41
CA ASP A 214 6.34 -41.47 -11.46
C ASP A 214 5.73 -41.94 -12.78
N MET A 215 6.12 -41.34 -13.89
CA MET A 215 5.56 -41.72 -15.19
C MET A 215 5.82 -43.17 -15.58
N SER A 216 6.77 -43.83 -14.90
CA SER A 216 7.04 -45.23 -15.19
C SER A 216 5.79 -46.07 -14.92
N GLU A 217 4.85 -45.52 -14.15
CA GLU A 217 3.60 -46.21 -13.85
C GLU A 217 2.84 -46.45 -15.15
N PHE A 218 2.94 -45.50 -16.08
CA PHE A 218 2.25 -45.64 -17.36
C PHE A 218 2.87 -46.77 -18.16
N VAL A 219 4.19 -46.94 -18.04
CA VAL A 219 4.87 -48.02 -18.75
C VAL A 219 4.33 -49.35 -18.25
N ARG A 220 4.24 -49.49 -16.92
CA ARG A 220 3.75 -50.72 -16.32
C ARG A 220 2.33 -51.04 -16.74
N ARG A 221 1.44 -50.06 -16.62
CA ARG A 221 0.04 -50.29 -16.97
C ARG A 221 -0.17 -50.57 -18.46
N ILE A 222 0.65 -49.97 -19.31
CA ILE A 222 0.53 -50.22 -20.74
C ILE A 222 1.02 -51.64 -21.03
N GLU A 223 2.20 -51.98 -20.52
CA GLU A 223 2.79 -53.29 -20.73
C GLU A 223 1.99 -54.46 -20.17
N LEU A 224 1.43 -54.28 -18.97
CA LEU A 224 0.66 -55.34 -18.33
C LEU A 224 -0.84 -55.26 -18.59
N GLY A 225 -1.26 -54.30 -19.42
CA GLY A 225 -2.67 -54.16 -19.72
C GLY A 225 -3.54 -53.81 -18.53
N ILE A 226 -3.04 -52.91 -17.68
CA ILE A 226 -3.80 -52.51 -16.50
C ILE A 226 -4.70 -51.32 -16.84
N TYR A 227 -5.79 -51.64 -17.52
CA TYR A 227 -6.79 -50.66 -17.92
C TYR A 227 -7.95 -51.46 -18.51
N ASP A 228 -9.10 -50.81 -18.68
CA ASP A 228 -10.29 -51.48 -19.21
C ASP A 228 -10.08 -51.75 -20.70
N LYS A 229 -9.75 -53.00 -21.04
CA LYS A 229 -9.50 -53.35 -22.43
C LYS A 229 -10.72 -53.19 -23.33
N GLU A 230 -11.90 -53.47 -22.80
CA GLU A 230 -13.11 -53.32 -23.60
C GLU A 230 -13.35 -51.84 -23.90
N GLU A 231 -13.10 -50.97 -22.92
CA GLU A 231 -13.27 -49.55 -23.14
C GLU A 231 -12.21 -49.08 -24.14
N TYR A 232 -11.00 -49.60 -23.98
CA TYR A 232 -9.90 -49.24 -24.87
C TYR A 232 -10.30 -49.47 -26.34
N GLU A 233 -10.85 -50.63 -26.62
CA GLU A 233 -11.27 -50.96 -27.98
C GLU A 233 -12.33 -49.99 -28.48
N ARG A 234 -13.28 -49.65 -27.62
CA ARG A 234 -14.34 -48.71 -27.99
C ARG A 234 -13.75 -47.33 -28.24
N ALA A 235 -12.79 -46.96 -27.40
CA ALA A 235 -12.15 -45.65 -27.51
C ALA A 235 -11.37 -45.53 -28.81
N LEU A 236 -10.60 -46.56 -29.15
CA LEU A 236 -9.80 -46.54 -30.36
C LEU A 236 -10.70 -46.41 -31.58
N LYS A 237 -11.82 -47.13 -31.56
CA LYS A 237 -12.77 -47.10 -32.66
C LYS A 237 -13.37 -45.69 -32.77
N TRP A 238 -13.75 -45.12 -31.63
CA TRP A 238 -14.33 -43.79 -31.58
C TRP A 238 -13.35 -42.76 -32.15
N VAL A 239 -12.08 -42.90 -31.78
CA VAL A 239 -11.04 -42.00 -32.26
C VAL A 239 -10.91 -42.07 -33.78
N LYS A 240 -10.81 -43.29 -34.31
CA LYS A 240 -10.66 -43.46 -35.75
C LYS A 240 -11.85 -42.89 -36.52
N GLU A 241 -13.03 -42.90 -35.91
CA GLU A 241 -14.23 -42.39 -36.56
C GLU A 241 -14.47 -40.90 -36.40
N ASN A 242 -14.03 -40.33 -35.28
CA ASN A 242 -14.27 -38.91 -35.01
C ASN A 242 -13.08 -37.96 -35.00
N CYS A 243 -11.88 -38.47 -34.82
CA CYS A 243 -10.70 -37.61 -34.78
C CYS A 243 -9.97 -37.61 -36.12
N LYS A 244 -10.17 -36.53 -36.88
CA LYS A 244 -9.56 -36.40 -38.19
C LYS A 244 -8.07 -36.09 -38.10
N VAL A 245 -7.26 -36.83 -38.85
CA VAL A 245 -5.82 -36.62 -38.86
C VAL A 245 -5.44 -35.59 -39.91
N GLY A 246 -4.76 -34.53 -39.47
CA GLY A 246 -4.34 -33.48 -40.39
C GLY A 246 -2.99 -33.76 -41.02
N PRO A 247 -2.50 -32.86 -41.88
CA PRO A 247 -1.21 -33.01 -42.55
C PRO A 247 -0.04 -33.15 -41.60
N ASP A 248 0.97 -33.90 -42.02
CA ASP A 248 2.17 -34.12 -41.23
C ASP A 248 3.18 -33.04 -41.64
N ASN A 249 3.55 -32.18 -40.71
CA ASN A 249 4.50 -31.10 -41.00
C ASN A 249 5.96 -31.51 -40.83
N ASN A 250 6.19 -32.71 -40.31
CA ASN A 250 7.56 -33.19 -40.14
C ASN A 250 8.12 -33.41 -41.53
N ARG A 251 9.31 -32.90 -41.78
CA ARG A 251 9.91 -33.07 -43.09
C ARG A 251 10.67 -34.38 -43.20
N ASP A 252 10.23 -35.20 -44.15
CA ASP A 252 10.80 -36.52 -44.45
C ASP A 252 11.76 -37.10 -43.41
N GLY A 253 12.90 -36.44 -43.22
CA GLY A 253 13.86 -36.92 -42.24
C GLY A 253 13.34 -37.08 -40.82
N PHE A 254 12.27 -36.36 -40.50
CA PHE A 254 11.69 -36.43 -39.15
C PHE A 254 10.34 -37.13 -39.10
N LYS A 255 9.84 -37.59 -40.25
CA LYS A 255 8.55 -38.27 -40.31
C LYS A 255 8.55 -39.67 -39.72
N ARG A 256 7.53 -39.98 -38.92
CA ARG A 256 7.41 -41.31 -38.34
C ARG A 256 6.66 -42.19 -39.33
N THR A 257 6.91 -43.49 -39.28
CA THR A 257 6.29 -44.44 -40.20
C THR A 257 4.81 -44.65 -39.93
N GLU A 258 4.15 -45.32 -40.87
CA GLU A 258 2.73 -45.63 -40.74
C GLU A 258 2.50 -46.50 -39.52
N GLU A 259 3.40 -47.47 -39.30
CA GLU A 259 3.28 -48.36 -38.16
C GLU A 259 3.42 -47.59 -36.85
N GLN A 260 4.40 -46.70 -36.79
CA GLN A 260 4.62 -45.90 -35.59
C GLN A 260 3.40 -45.03 -35.30
N LYS A 261 2.87 -44.38 -36.33
CA LYS A 261 1.71 -43.52 -36.17
C LYS A 261 0.49 -44.25 -35.62
N GLU A 262 0.33 -45.52 -36.00
CA GLU A 262 -0.79 -46.30 -35.49
C GLU A 262 -0.56 -46.62 -34.02
N LYS A 263 0.68 -46.95 -33.69
CA LYS A 263 1.03 -47.26 -32.31
C LYS A 263 0.88 -45.99 -31.47
N ASP A 264 1.21 -44.84 -32.07
CA ASP A 264 1.10 -43.57 -31.37
C ASP A 264 -0.34 -43.35 -30.91
N TRP A 265 -1.30 -43.73 -31.76
CA TRP A 265 -2.72 -43.59 -31.41
C TRP A 265 -3.12 -44.55 -30.30
N GLU A 266 -2.70 -45.80 -30.41
CA GLU A 266 -3.03 -46.81 -29.42
C GLU A 266 -2.51 -46.42 -28.03
N ILE A 267 -1.25 -46.00 -27.97
CA ILE A 267 -0.66 -45.59 -26.70
C ILE A 267 -1.30 -44.30 -26.18
N SER A 268 -1.59 -43.37 -27.08
CA SER A 268 -2.21 -42.11 -26.69
C SER A 268 -3.55 -42.35 -26.01
N VAL A 269 -4.31 -43.30 -26.54
CA VAL A 269 -5.61 -43.64 -25.98
C VAL A 269 -5.43 -44.31 -24.61
N LYS A 270 -4.48 -45.25 -24.54
CA LYS A 270 -4.23 -45.94 -23.28
C LYS A 270 -3.80 -44.95 -22.20
N MET A 271 -3.02 -43.93 -22.61
CA MET A 271 -2.57 -42.92 -21.67
C MET A 271 -3.76 -42.19 -21.08
N ALA A 272 -4.77 -41.90 -21.90
CA ALA A 272 -5.96 -41.21 -21.43
C ALA A 272 -6.68 -42.05 -20.38
N LEU A 273 -6.84 -43.34 -20.65
CA LEU A 273 -7.52 -44.24 -19.72
C LEU A 273 -6.77 -44.33 -18.40
N ILE A 274 -5.45 -44.51 -18.49
CA ILE A 274 -4.61 -44.63 -17.30
C ILE A 274 -4.64 -43.36 -16.45
N ALA A 275 -4.53 -42.20 -17.08
CA ALA A 275 -4.56 -40.95 -16.35
C ALA A 275 -5.87 -40.80 -15.58
N ARG A 276 -6.99 -41.06 -16.26
CA ARG A 276 -8.29 -40.94 -15.62
C ARG A 276 -8.42 -41.95 -14.48
N ASP A 277 -7.97 -43.18 -14.72
CA ASP A 277 -8.04 -44.23 -13.70
C ASP A 277 -7.24 -43.82 -12.46
N LEU A 278 -6.12 -43.13 -12.68
CA LEU A 278 -5.29 -42.68 -11.57
C LEU A 278 -6.00 -41.61 -10.76
N MET A 279 -6.70 -40.71 -11.46
CA MET A 279 -7.39 -39.62 -10.78
C MET A 279 -8.61 -40.05 -9.95
N VAL A 280 -9.48 -40.86 -10.52
CA VAL A 280 -10.70 -41.26 -9.82
C VAL A 280 -10.94 -42.75 -9.62
N GLY A 281 -9.95 -43.57 -9.95
CA GLY A 281 -10.09 -45.01 -9.78
C GLY A 281 -10.95 -45.64 -10.87
N ASN A 282 -11.12 -46.96 -10.78
CA ASN A 282 -11.92 -47.68 -11.75
C ASN A 282 -12.27 -49.06 -11.22
N LYS A 283 -13.55 -49.28 -10.94
CA LYS A 283 -14.00 -50.56 -10.41
C LYS A 283 -13.59 -51.73 -11.30
N LYS A 284 -13.49 -51.48 -12.60
CA LYS A 284 -13.11 -52.52 -13.54
C LYS A 284 -11.74 -53.11 -13.21
N LEU A 285 -10.84 -52.28 -12.70
CA LEU A 285 -9.51 -52.75 -12.35
C LEU A 285 -9.55 -53.77 -11.21
N GLU A 286 -10.49 -53.59 -10.29
CA GLU A 286 -10.62 -54.51 -9.18
C GLU A 286 -11.04 -55.88 -9.70
N GLU A 287 -11.99 -55.87 -10.63
CA GLU A 287 -12.48 -57.11 -11.23
C GLU A 287 -11.35 -57.83 -11.96
N MET A 288 -10.38 -57.06 -12.45
CA MET A 288 -9.25 -57.61 -13.20
C MET A 288 -8.11 -58.12 -12.31
N GLY A 289 -8.25 -57.93 -11.00
CA GLY A 289 -7.22 -58.39 -10.09
C GLY A 289 -6.22 -57.31 -9.69
N TYR A 290 -6.60 -56.05 -9.88
CA TYR A 290 -5.75 -54.93 -9.52
C TYR A 290 -6.51 -54.02 -8.55
N GLY A 291 -6.78 -54.56 -7.38
CA GLY A 291 -7.52 -53.85 -6.35
C GLY A 291 -6.95 -52.53 -5.86
N GLU A 292 -5.63 -52.46 -5.72
CA GLU A 292 -5.03 -51.21 -5.24
C GLU A 292 -5.20 -50.12 -6.30
N GLU A 293 -4.87 -50.46 -7.54
CA GLU A 293 -4.98 -49.51 -8.65
C GLU A 293 -6.42 -49.05 -8.84
N ALA A 294 -7.38 -49.93 -8.53
CA ALA A 294 -8.78 -49.60 -8.69
C ALA A 294 -9.25 -48.44 -7.81
N LEU A 295 -8.55 -48.21 -6.70
CA LEU A 295 -8.93 -47.15 -5.77
C LEU A 295 -8.79 -45.74 -6.32
N GLY A 296 -7.72 -45.48 -7.04
CA GLY A 296 -7.51 -44.13 -7.57
C GLY A 296 -6.86 -43.27 -6.51
N ARG A 297 -6.52 -42.03 -6.86
CA ARG A 297 -5.86 -41.13 -5.91
C ARG A 297 -6.76 -39.97 -5.45
N ASN A 298 -8.07 -40.10 -5.67
CA ASN A 298 -9.06 -39.10 -5.26
C ASN A 298 -8.60 -37.69 -5.64
N ALA A 299 -8.16 -37.55 -6.88
CA ALA A 299 -7.64 -36.28 -7.38
C ALA A 299 -8.65 -35.45 -8.19
N ILE A 300 -8.91 -34.23 -7.72
CA ILE A 300 -9.85 -33.36 -8.42
C ILE A 300 -9.07 -32.59 -9.50
N VAL A 301 -7.74 -32.74 -9.48
CA VAL A 301 -6.88 -32.10 -10.46
C VAL A 301 -5.56 -32.87 -10.48
N ALA A 302 -4.92 -32.92 -11.64
CA ALA A 302 -3.65 -33.63 -11.79
C ALA A 302 -2.84 -33.02 -12.92
N GLY A 303 -1.61 -33.50 -13.07
CA GLY A 303 -0.73 -33.00 -14.12
C GLY A 303 0.17 -34.11 -14.63
N PHE A 304 0.66 -33.95 -15.85
CA PHE A 304 1.54 -34.94 -16.47
C PHE A 304 2.79 -34.22 -16.96
N GLN A 305 3.96 -34.62 -16.46
CA GLN A 305 5.20 -33.98 -16.84
C GLN A 305 5.42 -34.00 -18.36
N GLY A 306 5.44 -35.20 -18.93
CA GLY A 306 5.65 -35.32 -20.37
C GLY A 306 7.09 -35.02 -20.76
N GLN A 307 7.34 -33.82 -21.30
CA GLN A 307 8.69 -33.44 -21.70
C GLN A 307 9.53 -33.26 -20.43
N ARG A 308 10.80 -33.65 -20.46
CA ARG A 308 11.43 -34.25 -21.64
C ARG A 308 11.49 -35.78 -21.60
N GLN A 309 11.56 -36.34 -20.40
CA GLN A 309 11.69 -37.78 -20.24
C GLN A 309 10.73 -38.70 -20.98
N TRP A 310 9.43 -38.46 -20.83
CA TRP A 310 8.44 -39.31 -21.48
C TRP A 310 8.40 -39.15 -22.98
N THR A 311 8.35 -37.90 -23.43
CA THR A 311 8.27 -37.59 -24.86
C THR A 311 9.52 -37.93 -25.68
N ASP A 312 10.66 -38.10 -25.02
CA ASP A 312 11.88 -38.44 -25.76
C ASP A 312 11.80 -39.88 -26.28
N TYR A 313 10.84 -40.65 -25.78
CA TYR A 313 10.71 -42.04 -26.21
C TYR A 313 9.29 -42.51 -26.53
N PHE A 314 8.31 -42.01 -25.77
CA PHE A 314 6.91 -42.40 -25.95
C PHE A 314 6.06 -41.30 -26.58
N PRO A 315 4.87 -41.66 -27.09
CA PRO A 315 3.96 -40.68 -27.70
C PRO A 315 3.66 -39.61 -26.66
N ASN A 316 3.59 -38.35 -27.08
CA ASN A 316 3.35 -37.28 -26.10
C ASN A 316 1.96 -37.28 -25.46
N GLY A 317 1.79 -36.41 -24.47
CA GLY A 317 0.51 -36.35 -23.78
C GLY A 317 -0.54 -35.42 -24.36
N ASP A 318 -0.33 -34.95 -25.59
CA ASP A 318 -1.30 -34.05 -26.20
C ASP A 318 -2.72 -34.58 -26.27
N PHE A 319 -2.90 -35.81 -26.76
CA PHE A 319 -4.24 -36.36 -26.86
C PHE A 319 -4.86 -36.55 -25.48
N MET A 320 -4.11 -37.17 -24.58
CA MET A 320 -4.58 -37.41 -23.22
C MET A 320 -5.00 -36.09 -22.55
N GLU A 321 -4.14 -35.08 -22.64
CA GLU A 321 -4.44 -33.78 -22.03
C GLU A 321 -5.60 -33.08 -22.73
N THR A 322 -5.76 -33.34 -24.01
CA THR A 322 -6.85 -32.74 -24.78
C THR A 322 -8.19 -33.36 -24.38
N ILE A 323 -8.26 -34.68 -24.46
CA ILE A 323 -9.50 -35.38 -24.15
C ILE A 323 -9.96 -35.30 -22.69
N LEU A 324 -9.04 -35.42 -21.74
CA LEU A 324 -9.44 -35.35 -20.33
C LEU A 324 -10.10 -34.02 -19.99
N ASN A 325 -9.53 -32.93 -20.49
CA ASN A 325 -10.07 -31.60 -20.22
C ASN A 325 -11.33 -31.27 -20.99
N SER A 326 -11.66 -32.08 -21.99
CA SER A 326 -12.87 -31.85 -22.78
C SER A 326 -14.11 -32.28 -22.02
N SER A 327 -15.26 -31.82 -22.49
CA SER A 327 -16.54 -32.15 -21.86
C SER A 327 -17.19 -33.38 -22.49
N PHE A 328 -16.41 -34.17 -23.22
CA PHE A 328 -16.95 -35.37 -23.84
C PHE A 328 -15.84 -36.26 -24.40
N ASP A 329 -16.19 -37.52 -24.62
CA ASP A 329 -15.27 -38.50 -25.20
C ASP A 329 -16.07 -39.70 -25.70
N TRP A 330 -15.40 -40.82 -25.91
CA TRP A 330 -16.04 -42.03 -26.41
C TRP A 330 -17.16 -42.57 -25.52
N ASN A 331 -17.24 -42.10 -24.28
CA ASN A 331 -18.28 -42.56 -23.37
C ASN A 331 -19.42 -41.55 -23.29
N GLY A 332 -19.33 -40.50 -24.11
CA GLY A 332 -20.38 -39.48 -24.11
C GLY A 332 -19.99 -38.22 -23.37
N LYS A 333 -20.96 -37.32 -23.19
CA LYS A 333 -20.70 -36.07 -22.48
C LYS A 333 -20.42 -36.35 -21.01
N ARG A 334 -19.54 -35.53 -20.42
CA ARG A 334 -19.17 -35.71 -19.02
C ARG A 334 -18.43 -34.50 -18.52
N ALA A 335 -18.28 -34.40 -17.21
CA ALA A 335 -17.56 -33.30 -16.61
C ALA A 335 -16.09 -33.48 -16.98
N PRO A 336 -15.37 -32.38 -17.18
CA PRO A 336 -13.95 -32.50 -17.53
C PRO A 336 -13.17 -33.03 -16.34
N TYR A 337 -11.94 -33.46 -16.60
CA TYR A 337 -11.02 -33.92 -15.57
C TYR A 337 -9.93 -32.86 -15.74
N ILE A 338 -9.81 -31.95 -14.77
CA ILE A 338 -8.83 -30.87 -14.86
C ILE A 338 -7.43 -31.49 -14.86
N PHE A 339 -6.74 -31.34 -15.98
CA PHE A 339 -5.44 -31.96 -16.17
C PHE A 339 -4.41 -31.00 -16.76
N ALA A 340 -3.31 -30.80 -16.04
CA ALA A 340 -2.28 -29.87 -16.46
C ALA A 340 -1.14 -30.39 -17.32
N THR A 341 -0.90 -29.68 -18.42
CA THR A 341 0.18 -30.01 -19.33
C THR A 341 1.48 -29.64 -18.58
N GLU A 342 2.56 -30.35 -18.88
CA GLU A 342 3.87 -30.12 -18.27
C GLU A 342 3.84 -30.14 -16.74
N ASN A 343 2.87 -30.85 -16.18
CA ASN A 343 2.69 -31.00 -14.75
C ASN A 343 2.75 -29.66 -14.02
N ASP A 344 2.28 -28.62 -14.70
CA ASP A 344 2.25 -27.27 -14.14
C ASP A 344 1.08 -27.24 -13.16
N ASN A 345 1.34 -27.61 -11.91
CA ASN A 345 0.28 -27.65 -10.92
C ASN A 345 -0.38 -26.30 -10.66
N LEU A 346 0.38 -25.22 -10.82
CA LEU A 346 -0.19 -23.89 -10.59
C LEU A 346 -1.16 -23.54 -11.71
N ASN A 347 -0.91 -24.00 -12.93
CA ASN A 347 -1.86 -23.72 -14.00
C ASN A 347 -3.05 -24.65 -13.78
N GLY A 348 -2.77 -25.83 -13.22
CA GLY A 348 -3.83 -26.78 -12.94
C GLY A 348 -4.81 -26.17 -11.95
N ILE A 349 -4.29 -25.49 -10.93
CA ILE A 349 -5.15 -24.86 -9.93
C ILE A 349 -5.85 -23.65 -10.55
N SER A 350 -5.16 -22.94 -11.44
CA SER A 350 -5.76 -21.78 -12.10
C SER A 350 -6.98 -22.28 -12.88
N MET A 351 -6.82 -23.42 -13.54
CA MET A 351 -7.89 -24.03 -14.30
C MET A 351 -9.00 -24.50 -13.36
N LEU A 352 -8.61 -25.10 -12.24
CA LEU A 352 -9.58 -25.61 -11.28
C LEU A 352 -10.47 -24.49 -10.71
N PHE A 353 -9.87 -23.34 -10.41
CA PHE A 353 -10.66 -22.21 -9.89
C PHE A 353 -11.76 -21.85 -10.89
N GLY A 354 -11.37 -21.67 -12.15
CA GLY A 354 -12.33 -21.32 -13.18
C GLY A 354 -13.37 -22.39 -13.39
N TYR A 355 -12.94 -23.65 -13.36
CA TYR A 355 -13.86 -24.76 -13.54
C TYR A 355 -14.90 -24.83 -12.42
N LEU A 356 -14.44 -24.78 -11.18
CA LEU A 356 -15.36 -24.87 -10.05
C LEU A 356 -16.33 -23.70 -9.96
N LEU A 357 -16.01 -22.59 -10.61
CA LEU A 357 -16.88 -21.43 -10.58
C LEU A 357 -17.86 -21.41 -11.76
N THR A 358 -17.60 -22.24 -12.76
CA THR A 358 -18.42 -22.25 -13.97
C THR A 358 -18.95 -23.60 -14.46
N ASN A 359 -18.29 -24.67 -14.03
CA ASN A 359 -18.64 -26.03 -14.44
C ASN A 359 -18.29 -26.25 -15.91
N THR A 360 -17.49 -25.35 -16.48
CA THR A 360 -17.09 -25.46 -17.89
C THR A 360 -15.62 -25.83 -18.08
N ALA A 361 -15.33 -26.51 -19.20
CA ALA A 361 -13.97 -26.92 -19.52
C ALA A 361 -13.07 -25.69 -19.60
N GLN A 362 -11.84 -25.84 -19.11
CA GLN A 362 -10.88 -24.75 -19.09
C GLN A 362 -9.74 -24.99 -20.08
N ILE A 363 -9.28 -23.94 -20.74
CA ILE A 363 -8.22 -24.06 -21.73
C ILE A 363 -6.81 -23.74 -21.22
N PHE A 364 -5.92 -24.72 -21.28
CA PHE A 364 -4.53 -24.56 -20.89
C PHE A 364 -3.83 -23.89 -22.08
N ALA A 365 -3.05 -22.85 -21.83
CA ALA A 365 -2.39 -22.18 -22.96
C ALA A 365 -1.05 -21.53 -22.63
N ASP A 366 -0.21 -21.36 -23.65
CA ASP A 366 1.06 -20.68 -23.52
C ASP A 366 0.74 -19.25 -23.90
N VAL A 367 1.34 -18.28 -23.22
CA VAL A 367 1.15 -16.89 -23.60
C VAL A 367 2.34 -16.77 -24.55
N ARG A 368 2.09 -17.11 -25.81
CA ARG A 368 3.10 -17.18 -26.85
C ARG A 368 3.65 -15.93 -27.51
N THR A 369 2.77 -15.06 -28.01
CA THR A 369 3.25 -13.87 -28.71
C THR A 369 2.32 -12.67 -28.57
N TYR A 370 2.92 -11.49 -28.41
CA TYR A 370 2.14 -10.27 -28.39
C TYR A 370 2.33 -9.73 -29.80
N TRP A 371 1.22 -9.55 -30.52
CA TRP A 371 1.26 -9.04 -31.89
C TRP A 371 0.76 -7.60 -31.92
N SER A 372 1.67 -6.66 -32.11
CA SER A 372 1.31 -5.24 -32.16
C SER A 372 0.71 -4.93 -33.53
N PRO A 373 -0.03 -3.81 -33.63
CA PRO A 373 -0.61 -3.45 -34.93
C PRO A 373 0.52 -3.29 -35.95
N GLU A 374 1.62 -2.70 -35.50
CA GLU A 374 2.79 -2.47 -36.36
C GLU A 374 3.33 -3.79 -36.90
N ALA A 375 3.45 -4.79 -36.02
CA ALA A 375 3.98 -6.09 -36.43
C ALA A 375 3.05 -6.80 -37.39
N VAL A 376 1.74 -6.77 -37.12
CA VAL A 376 0.80 -7.43 -38.01
C VAL A 376 0.83 -6.75 -39.39
N LYS A 377 0.93 -5.42 -39.40
CA LYS A 377 0.96 -4.69 -40.67
C LYS A 377 2.20 -5.04 -41.47
N ARG A 378 3.35 -5.12 -40.80
CA ARG A 378 4.60 -5.46 -41.48
C ARG A 378 4.55 -6.85 -42.07
N VAL A 379 4.14 -7.82 -41.26
CA VAL A 379 4.10 -9.21 -41.67
C VAL A 379 2.99 -9.62 -42.63
N THR A 380 1.83 -8.95 -42.56
CA THR A 380 0.71 -9.31 -43.42
C THR A 380 0.16 -8.20 -44.30
N GLY A 381 0.44 -6.95 -43.97
CA GLY A 381 -0.06 -5.83 -44.75
C GLY A 381 -1.47 -5.46 -44.33
N TYR A 382 -1.98 -6.16 -43.33
CA TYR A 382 -3.34 -5.93 -42.82
C TYR A 382 -3.35 -5.08 -41.55
N THR A 383 -4.32 -4.17 -41.48
CA THR A 383 -4.49 -3.29 -40.33
C THR A 383 -5.52 -3.89 -39.39
N LEU A 384 -5.11 -4.22 -38.17
CA LEU A 384 -6.03 -4.80 -37.20
C LEU A 384 -7.23 -3.87 -37.00
N GLU A 385 -8.42 -4.46 -36.92
CA GLU A 385 -9.65 -3.68 -36.77
C GLU A 385 -10.43 -4.04 -35.51
N GLY A 386 -11.45 -3.23 -35.23
CA GLY A 386 -12.32 -3.46 -34.09
C GLY A 386 -11.61 -3.71 -32.76
N ARG A 387 -12.07 -4.73 -32.06
CA ARG A 387 -11.49 -5.07 -30.76
C ARG A 387 -10.00 -5.36 -30.86
N ALA A 388 -9.55 -5.81 -32.02
CA ALA A 388 -8.14 -6.14 -32.22
C ALA A 388 -7.27 -4.95 -32.63
N ALA A 389 -7.89 -3.80 -32.86
CA ALA A 389 -7.17 -2.60 -33.32
C ALA A 389 -5.93 -2.19 -32.55
N ASN A 390 -5.85 -2.52 -31.26
CA ASN A 390 -4.71 -2.13 -30.45
C ASN A 390 -3.74 -3.27 -30.18
N GLY A 391 -3.89 -4.36 -30.93
CA GLY A 391 -3.00 -5.50 -30.75
C GLY A 391 -3.72 -6.71 -30.22
N ILE A 392 -3.10 -7.88 -30.40
CA ILE A 392 -3.67 -9.14 -29.96
C ILE A 392 -2.60 -10.01 -29.31
N ILE A 393 -3.05 -10.98 -28.52
CA ILE A 393 -2.13 -11.90 -27.85
C ILE A 393 -2.44 -13.31 -28.31
N HIS A 394 -1.40 -14.02 -28.75
CA HIS A 394 -1.54 -15.38 -29.23
C HIS A 394 -1.46 -16.36 -28.06
N LEU A 395 -2.58 -17.02 -27.78
CA LEU A 395 -2.64 -18.01 -26.71
C LEU A 395 -2.66 -19.37 -27.40
N ILE A 396 -1.65 -20.18 -27.11
CA ILE A 396 -1.54 -21.47 -27.76
C ILE A 396 -0.63 -22.44 -26.97
N ASN A 397 -1.24 -23.48 -26.42
CA ASN A 397 -0.51 -24.48 -25.65
C ASN A 397 0.35 -25.33 -26.57
N SER A 398 1.29 -26.06 -26.00
CA SER A 398 2.20 -26.91 -26.77
C SER A 398 1.57 -28.18 -27.31
N GLY A 399 0.41 -28.05 -27.94
CA GLY A 399 -0.25 -29.20 -28.55
C GLY A 399 -1.51 -29.78 -27.93
N ALA A 400 -1.90 -29.29 -26.75
CA ALA A 400 -3.09 -29.80 -26.08
C ALA A 400 -4.06 -28.71 -25.65
N ALA A 401 -5.35 -28.98 -25.81
CA ALA A 401 -6.40 -28.05 -25.41
C ALA A 401 -7.75 -28.73 -25.50
N ALA A 402 -8.62 -28.45 -24.53
CA ALA A 402 -9.95 -29.04 -24.51
C ALA A 402 -10.63 -28.72 -25.83
N LEU A 403 -11.31 -29.69 -26.41
CA LEU A 403 -11.99 -29.46 -27.69
C LEU A 403 -13.04 -28.36 -27.55
N ASP A 404 -13.44 -28.08 -26.32
CA ASP A 404 -14.41 -27.03 -26.06
C ASP A 404 -13.82 -25.69 -26.52
N GLY A 405 -12.49 -25.65 -26.56
CA GLY A 405 -11.78 -24.43 -26.96
C GLY A 405 -12.01 -23.98 -28.40
N THR A 406 -12.61 -24.84 -29.21
CA THR A 406 -12.89 -24.49 -30.60
C THR A 406 -13.90 -23.35 -30.64
N GLY A 407 -14.74 -23.28 -29.62
CA GLY A 407 -15.75 -22.24 -29.56
C GLY A 407 -16.94 -22.58 -30.43
N GLU A 408 -17.00 -23.84 -30.88
CA GLU A 408 -18.09 -24.30 -31.74
C GLU A 408 -19.42 -24.50 -30.99
N GLN A 409 -19.36 -24.63 -29.67
CA GLN A 409 -20.58 -24.80 -28.90
C GLN A 409 -21.31 -23.47 -29.04
N THR A 410 -22.63 -23.53 -29.17
CA THR A 410 -23.39 -22.29 -29.39
C THR A 410 -24.61 -22.09 -28.51
N LYS A 411 -24.84 -20.85 -28.12
CA LYS A 411 -25.98 -20.47 -27.30
C LYS A 411 -26.46 -19.11 -27.80
N ASP A 412 -27.71 -19.06 -28.25
CA ASP A 412 -28.30 -17.83 -28.78
C ASP A 412 -27.48 -17.27 -29.94
N GLY A 413 -27.02 -18.16 -30.80
CA GLY A 413 -26.24 -17.75 -31.96
C GLY A 413 -24.86 -17.20 -31.65
N LYS A 414 -24.39 -17.41 -30.43
CA LYS A 414 -23.06 -16.93 -30.04
C LYS A 414 -22.15 -18.07 -29.61
N PRO A 415 -20.83 -17.89 -29.77
CA PRO A 415 -19.86 -18.92 -29.39
C PRO A 415 -19.68 -18.94 -27.88
N VAL A 416 -19.69 -20.13 -27.30
CA VAL A 416 -19.54 -20.27 -25.85
C VAL A 416 -18.93 -21.62 -25.52
N ILE A 417 -18.71 -21.83 -24.23
CA ILE A 417 -18.25 -23.11 -23.71
C ILE A 417 -19.33 -23.34 -22.66
N LYS A 418 -20.05 -24.46 -22.79
CA LYS A 418 -21.14 -24.76 -21.87
C LYS A 418 -20.80 -25.92 -20.94
N PRO A 419 -21.49 -25.99 -19.78
CA PRO A 419 -21.25 -27.09 -18.86
C PRO A 419 -21.67 -28.32 -19.67
N TYR A 420 -20.99 -29.46 -19.46
CA TYR A 420 -21.31 -30.65 -20.25
C TYR A 420 -22.78 -31.05 -20.26
N TYR A 421 -23.47 -30.85 -19.14
CA TYR A 421 -24.88 -31.22 -19.07
C TYR A 421 -25.82 -30.39 -19.93
N GLU A 422 -25.29 -29.37 -20.60
CA GLU A 422 -26.11 -28.52 -21.48
C GLU A 422 -25.75 -28.73 -22.94
N LEU A 423 -24.77 -29.57 -23.21
CA LEU A 423 -24.33 -29.83 -24.58
C LEU A 423 -25.35 -30.58 -25.42
N THR A 424 -25.43 -30.20 -26.69
CA THR A 424 -26.31 -30.86 -27.65
C THR A 424 -25.39 -31.74 -28.48
N ASP A 425 -25.95 -32.72 -29.19
CA ASP A 425 -25.11 -33.58 -30.02
C ASP A 425 -24.43 -32.75 -31.10
N GLU A 426 -25.11 -31.71 -31.55
CA GLU A 426 -24.58 -30.82 -32.57
C GLU A 426 -23.36 -30.07 -32.05
N ASP A 427 -23.43 -29.60 -30.81
CA ASP A 427 -22.31 -28.87 -30.20
C ASP A 427 -21.06 -29.73 -30.25
N ILE A 428 -21.21 -30.98 -29.79
CA ILE A 428 -20.11 -31.93 -29.75
C ILE A 428 -19.58 -32.24 -31.14
N LYS A 429 -20.50 -32.54 -32.05
CA LYS A 429 -20.15 -32.86 -33.43
C LYS A 429 -19.32 -31.73 -34.06
N LYS A 430 -19.74 -30.49 -33.84
CA LYS A 430 -19.03 -29.34 -34.40
C LYS A 430 -17.66 -29.13 -33.78
N CYS A 431 -17.51 -29.42 -32.49
CA CYS A 431 -16.21 -29.26 -31.85
C CYS A 431 -15.20 -30.20 -32.51
N LEU A 432 -15.64 -31.41 -32.78
CA LEU A 432 -14.79 -32.42 -33.41
C LEU A 432 -14.46 -32.05 -34.86
N GLU A 433 -15.48 -31.63 -35.61
CA GLU A 433 -15.29 -31.25 -37.01
C GLU A 433 -14.32 -30.09 -37.17
N ALA A 434 -14.27 -29.21 -36.19
CA ALA A 434 -13.41 -28.03 -36.23
C ALA A 434 -11.99 -28.34 -35.78
N THR A 435 -11.72 -29.58 -35.41
CA THR A 435 -10.41 -29.98 -34.93
C THR A 435 -9.69 -30.97 -35.84
N GLN A 436 -8.37 -30.81 -35.93
CA GLN A 436 -7.51 -31.69 -36.71
C GLN A 436 -6.42 -32.17 -35.77
N PHE A 437 -6.11 -33.46 -35.84
CA PHE A 437 -5.05 -34.01 -35.01
C PHE A 437 -3.82 -34.20 -35.88
N ARG A 438 -2.75 -33.50 -35.53
CA ARG A 438 -1.52 -33.50 -36.30
C ARG A 438 -0.38 -34.33 -35.71
N PRO A 439 0.33 -35.09 -36.56
CA PRO A 439 1.44 -35.90 -36.06
C PRO A 439 2.37 -34.92 -35.33
N ALA A 440 2.77 -35.27 -34.12
CA ALA A 440 3.64 -34.40 -33.32
C ALA A 440 4.97 -34.07 -33.98
N SER A 441 5.45 -32.85 -33.73
CA SER A 441 6.73 -32.40 -34.27
C SER A 441 7.80 -33.21 -33.55
N THR A 442 8.43 -34.14 -34.27
CA THR A 442 9.45 -35.01 -33.68
C THR A 442 10.71 -34.30 -33.19
N GLU A 443 10.97 -33.09 -33.67
CA GLU A 443 12.16 -32.37 -33.23
C GLU A 443 11.98 -32.04 -31.75
N TYR A 444 10.73 -31.89 -31.33
CA TYR A 444 10.40 -31.59 -29.94
C TYR A 444 9.93 -32.86 -29.22
N PHE A 445 9.07 -33.62 -29.90
CA PHE A 445 8.48 -34.85 -29.36
C PHE A 445 8.97 -36.06 -30.14
N ARG A 446 10.14 -36.57 -29.78
CA ARG A 446 10.72 -37.71 -30.46
C ARG A 446 9.86 -38.97 -30.48
N GLY A 447 9.05 -39.15 -29.45
CA GLY A 447 8.21 -40.34 -29.38
C GLY A 447 6.92 -40.25 -30.17
N GLY A 448 6.70 -39.14 -30.85
CA GLY A 448 5.48 -38.99 -31.63
C GLY A 448 4.29 -38.51 -30.84
N GLY A 449 3.10 -38.86 -31.31
CA GLY A 449 1.87 -38.45 -30.66
C GLY A 449 1.08 -37.60 -31.63
N TYR A 450 0.01 -36.96 -31.15
CA TYR A 450 -0.83 -36.12 -31.99
C TYR A 450 -1.24 -34.83 -31.28
N SER A 451 -0.95 -33.70 -31.90
CA SER A 451 -1.30 -32.41 -31.32
C SER A 451 -2.68 -31.97 -31.79
N THR A 452 -3.30 -31.11 -30.99
CA THR A 452 -4.64 -30.62 -31.27
C THR A 452 -4.58 -29.30 -32.03
N ASP A 453 -5.09 -29.30 -33.25
CA ASP A 453 -5.09 -28.12 -34.09
C ASP A 453 -6.48 -27.58 -34.35
N PHE A 454 -6.78 -26.43 -33.76
CA PHE A 454 -8.05 -25.75 -33.98
C PHE A 454 -7.87 -24.25 -33.86
N LEU A 455 -8.92 -23.50 -34.13
CA LEU A 455 -8.89 -22.04 -34.05
C LEU A 455 -10.16 -21.59 -33.35
N THR A 456 -10.01 -21.02 -32.15
CA THR A 456 -11.15 -20.56 -31.38
C THR A 456 -11.94 -19.48 -32.12
N LYS A 457 -13.25 -19.65 -32.19
CA LYS A 457 -14.09 -18.66 -32.85
C LYS A 457 -14.01 -17.34 -32.09
N GLY A 458 -14.05 -16.23 -32.83
CA GLY A 458 -13.96 -14.93 -32.20
C GLY A 458 -15.25 -14.37 -31.64
N GLY A 459 -15.13 -13.30 -30.86
CA GLY A 459 -16.29 -12.65 -30.28
C GLY A 459 -16.77 -13.24 -28.96
N MET A 460 -16.05 -14.23 -28.46
CA MET A 460 -16.44 -14.88 -27.21
C MET A 460 -15.81 -14.23 -25.98
N PRO A 461 -16.63 -13.87 -24.98
CA PRO A 461 -16.07 -13.25 -23.79
C PRO A 461 -15.32 -14.34 -23.02
N VAL A 462 -14.11 -14.02 -22.56
CA VAL A 462 -13.31 -14.98 -21.82
C VAL A 462 -12.52 -14.30 -20.72
N THR A 463 -11.93 -15.10 -19.86
CA THR A 463 -11.10 -14.59 -18.77
C THR A 463 -9.88 -15.47 -18.67
N ILE A 464 -8.69 -14.88 -18.71
CA ILE A 464 -7.51 -15.69 -18.55
C ILE A 464 -7.01 -15.38 -17.15
N SER A 465 -6.40 -16.37 -16.51
CA SER A 465 -5.90 -16.17 -15.16
C SER A 465 -4.68 -17.04 -14.94
N ARG A 466 -3.92 -16.69 -13.90
CA ARG A 466 -2.72 -17.43 -13.54
C ARG A 466 -2.38 -17.24 -12.09
N LEU A 467 -2.16 -18.36 -11.41
CA LEU A 467 -1.77 -18.34 -10.01
C LEU A 467 -0.25 -18.54 -10.01
N ASN A 468 0.45 -17.72 -9.24
CA ASN A 468 1.90 -17.83 -9.13
C ASN A 468 2.26 -17.88 -7.66
N ILE A 469 3.43 -18.44 -7.34
CA ILE A 469 3.89 -18.48 -5.96
C ILE A 469 5.20 -17.71 -5.95
N VAL A 470 5.21 -16.62 -5.19
CA VAL A 470 6.36 -15.73 -5.11
C VAL A 470 7.01 -15.73 -3.75
N LYS A 471 8.33 -15.91 -3.72
CA LYS A 471 9.07 -15.93 -2.46
C LYS A 471 8.86 -14.61 -1.73
N GLY A 472 8.52 -14.69 -0.44
CA GLY A 472 8.29 -13.50 0.36
C GLY A 472 6.85 -13.02 0.30
N LEU A 473 6.02 -13.72 -0.47
CA LEU A 473 4.62 -13.35 -0.61
C LEU A 473 3.71 -14.57 -0.53
N GLY A 474 4.07 -15.62 -1.26
CA GLY A 474 3.25 -16.82 -1.28
C GLY A 474 2.42 -16.80 -2.55
N PRO A 475 1.22 -17.41 -2.54
CA PRO A 475 0.36 -17.41 -3.73
C PRO A 475 -0.18 -16.04 -4.08
N VAL A 476 -0.27 -15.76 -5.37
CA VAL A 476 -0.79 -14.49 -5.86
C VAL A 476 -1.45 -14.74 -7.22
N LEU A 477 -2.63 -14.15 -7.40
CA LEU A 477 -3.42 -14.37 -8.61
C LEU A 477 -3.55 -13.15 -9.53
N GLN A 478 -3.44 -13.40 -10.84
CA GLN A 478 -3.60 -12.34 -11.83
C GLN A 478 -4.73 -12.76 -12.77
N ILE A 479 -5.52 -11.76 -13.17
CA ILE A 479 -6.70 -11.98 -14.00
C ILE A 479 -6.80 -10.97 -15.15
N ALA A 480 -7.26 -11.43 -16.30
CA ALA A 480 -7.45 -10.54 -17.44
C ALA A 480 -8.70 -10.94 -18.21
N GLU A 481 -9.78 -10.17 -18.05
CA GLU A 481 -11.00 -10.44 -18.78
C GLU A 481 -10.83 -9.83 -20.17
N GLY A 482 -11.50 -10.41 -21.16
CA GLY A 482 -11.40 -9.90 -22.50
C GLY A 482 -12.27 -10.68 -23.45
N TYR A 483 -11.84 -10.75 -24.72
CA TYR A 483 -12.57 -11.46 -25.75
C TYR A 483 -11.66 -12.16 -26.73
N THR A 484 -12.18 -13.19 -27.39
CA THR A 484 -11.43 -13.87 -28.42
C THR A 484 -11.80 -13.06 -29.66
N VAL A 485 -10.94 -13.07 -30.67
CA VAL A 485 -11.23 -12.33 -31.89
C VAL A 485 -11.00 -13.17 -33.12
N ASP A 486 -11.60 -12.75 -34.23
CA ASP A 486 -11.43 -13.42 -35.50
C ASP A 486 -10.51 -12.56 -36.35
N LEU A 487 -9.60 -13.20 -37.07
CA LEU A 487 -8.71 -12.49 -37.97
C LEU A 487 -9.09 -12.97 -39.36
N PRO A 488 -8.86 -12.15 -40.39
CA PRO A 488 -9.21 -12.64 -41.73
C PRO A 488 -8.46 -13.95 -41.93
N GLU A 489 -9.08 -14.90 -42.62
CA GLU A 489 -8.47 -16.21 -42.84
C GLU A 489 -7.01 -16.17 -43.28
N GLU A 490 -6.71 -15.36 -44.30
CA GLU A 490 -5.35 -15.27 -44.81
C GLU A 490 -4.38 -14.67 -43.79
N VAL A 491 -4.87 -13.73 -42.98
CA VAL A 491 -4.04 -13.09 -41.97
C VAL A 491 -3.69 -14.12 -40.90
N HIS A 492 -4.70 -14.84 -40.42
CA HIS A 492 -4.46 -15.87 -39.42
C HIS A 492 -3.44 -16.86 -39.96
N ASP A 493 -3.66 -17.34 -41.18
CA ASP A 493 -2.75 -18.31 -41.79
C ASP A 493 -1.29 -17.87 -41.75
N VAL A 494 -1.03 -16.60 -42.04
CA VAL A 494 0.35 -16.11 -42.03
C VAL A 494 0.95 -16.10 -40.62
N LEU A 495 0.22 -15.55 -39.66
CA LEU A 495 0.74 -15.47 -38.29
C LEU A 495 0.90 -16.88 -37.70
N ASP A 496 -0.06 -17.74 -38.04
CA ASP A 496 -0.09 -19.12 -37.57
C ASP A 496 1.05 -19.98 -38.12
N LYS A 497 1.28 -19.92 -39.43
CA LYS A 497 2.31 -20.73 -40.05
C LYS A 497 3.74 -20.46 -39.57
N ARG A 498 4.03 -19.24 -39.17
CA ARG A 498 5.36 -18.89 -38.69
C ARG A 498 5.52 -19.10 -37.19
N THR A 499 4.50 -19.68 -36.55
CA THR A 499 4.55 -19.92 -35.11
C THR A 499 4.53 -21.43 -34.86
N ASP A 500 3.35 -22.01 -34.74
CA ASP A 500 3.20 -23.45 -34.53
C ASP A 500 1.82 -23.86 -34.99
N PRO A 501 1.64 -24.01 -36.32
CA PRO A 501 0.37 -24.37 -36.93
C PRO A 501 -0.24 -25.72 -36.53
N THR A 502 0.52 -26.57 -35.86
CA THR A 502 -0.02 -27.86 -35.45
C THR A 502 -0.57 -27.80 -34.03
N TRP A 503 -0.47 -26.62 -33.39
CA TRP A 503 -0.97 -26.44 -32.03
C TRP A 503 -2.26 -25.61 -32.09
N PRO A 504 -3.06 -25.61 -31.00
CA PRO A 504 -4.33 -24.87 -30.94
C PRO A 504 -4.22 -23.36 -30.69
N THR A 505 -4.87 -22.57 -31.56
CA THR A 505 -4.83 -21.12 -31.45
C THR A 505 -6.08 -20.42 -30.93
N THR A 506 -5.85 -19.44 -30.05
CA THR A 506 -6.91 -18.59 -29.52
C THR A 506 -6.33 -17.18 -29.61
N TRP A 507 -7.01 -16.29 -30.33
CA TRP A 507 -6.55 -14.91 -30.45
C TRP A 507 -7.29 -14.12 -29.37
N PHE A 508 -6.52 -13.57 -28.43
CA PHE A 508 -7.07 -12.85 -27.29
C PHE A 508 -6.78 -11.36 -27.20
N VAL A 509 -7.79 -10.61 -26.81
CA VAL A 509 -7.68 -9.17 -26.60
C VAL A 509 -8.21 -8.89 -25.21
N PRO A 510 -7.35 -8.39 -24.31
CA PRO A 510 -7.75 -8.08 -22.94
C PRO A 510 -8.47 -6.73 -22.85
N ASN A 511 -9.44 -6.61 -21.94
CA ASN A 511 -10.12 -5.34 -21.75
C ASN A 511 -9.09 -4.39 -21.17
N LEU A 512 -9.05 -3.16 -21.69
CA LEU A 512 -8.10 -2.17 -21.19
C LEU A 512 -8.77 -1.17 -20.26
N THR A 513 -7.99 -0.64 -19.33
CA THR A 513 -8.50 0.33 -18.35
C THR A 513 -7.78 1.66 -18.48
N GLY A 514 -6.66 1.66 -19.19
CA GLY A 514 -5.90 2.89 -19.36
C GLY A 514 -4.96 3.14 -18.20
N GLU A 515 -4.96 2.22 -17.23
CA GLU A 515 -4.10 2.35 -16.04
C GLU A 515 -3.49 1.02 -15.64
N GLY A 516 -2.58 1.06 -14.67
CA GLY A 516 -1.93 -0.15 -14.20
C GLY A 516 -1.32 -0.99 -15.31
N ALA A 517 -1.54 -2.30 -15.25
CA ALA A 517 -1.01 -3.22 -16.24
C ALA A 517 -1.94 -3.34 -17.44
N PHE A 518 -3.00 -2.51 -17.47
CA PHE A 518 -3.95 -2.57 -18.56
C PHE A 518 -4.04 -1.26 -19.34
N LYS A 519 -2.90 -0.58 -19.48
CA LYS A 519 -2.85 0.68 -20.23
C LYS A 519 -2.90 0.34 -21.72
N ASP A 520 -2.35 -0.79 -22.09
CA ASP A 520 -2.34 -1.26 -23.47
C ASP A 520 -2.18 -2.78 -23.49
N VAL A 521 -2.41 -3.38 -24.65
CA VAL A 521 -2.31 -4.84 -24.76
C VAL A 521 -0.91 -5.36 -24.44
N TYR A 522 0.11 -4.64 -24.88
CA TYR A 522 1.48 -5.05 -24.61
C TYR A 522 1.71 -5.20 -23.11
N SER A 523 1.23 -4.23 -22.34
CA SER A 523 1.42 -4.25 -20.90
C SER A 523 0.79 -5.46 -20.21
N VAL A 524 -0.31 -5.96 -20.77
CA VAL A 524 -0.96 -7.12 -20.18
C VAL A 524 -0.02 -8.32 -20.26
N MET A 525 0.60 -8.52 -21.42
CA MET A 525 1.52 -9.64 -21.57
C MET A 525 2.83 -9.40 -20.83
N ASN A 526 3.33 -8.17 -20.87
CA ASN A 526 4.58 -7.83 -20.20
C ASN A 526 4.48 -8.06 -18.70
N ASN A 527 3.27 -7.94 -18.17
CA ASN A 527 3.03 -8.14 -16.74
C ASN A 527 2.56 -9.55 -16.37
N TRP A 528 2.45 -10.44 -17.35
CA TRP A 528 2.03 -11.81 -17.02
C TRP A 528 3.21 -12.47 -16.30
N GLY A 529 2.93 -13.09 -15.16
CA GLY A 529 3.98 -13.70 -14.36
C GLY A 529 4.46 -15.10 -14.64
N ALA A 530 3.99 -15.70 -15.73
CA ALA A 530 4.42 -17.05 -16.09
C ALA A 530 4.20 -17.25 -17.58
N ASN A 531 4.70 -18.36 -18.11
CA ASN A 531 4.55 -18.65 -19.53
C ASN A 531 3.20 -19.28 -19.88
N HIS A 532 2.44 -19.65 -18.85
CA HIS A 532 1.13 -20.28 -19.06
C HIS A 532 -0.02 -19.49 -18.45
N CYS A 533 -1.22 -19.79 -18.89
CA CYS A 533 -2.43 -19.19 -18.35
C CYS A 533 -3.55 -20.18 -18.55
N SER A 534 -4.68 -19.91 -17.91
CA SER A 534 -5.86 -20.75 -18.06
C SER A 534 -6.95 -19.85 -18.64
N ILE A 535 -7.68 -20.35 -19.64
CA ILE A 535 -8.75 -19.58 -20.25
C ILE A 535 -10.12 -20.17 -19.91
N SER A 536 -11.03 -19.31 -19.46
CA SER A 536 -12.39 -19.74 -19.17
C SER A 536 -13.36 -18.91 -19.98
N TYR A 537 -14.46 -19.53 -20.41
CA TYR A 537 -15.47 -18.78 -21.14
C TYR A 537 -16.12 -17.85 -20.13
N GLY A 538 -16.54 -16.68 -20.61
CA GLY A 538 -17.20 -15.71 -19.76
C GLY A 538 -16.28 -14.74 -19.04
N HIS A 539 -16.90 -13.74 -18.42
CA HIS A 539 -16.15 -12.76 -17.64
C HIS A 539 -16.38 -13.15 -16.19
N ILE A 540 -15.45 -13.94 -15.67
CA ILE A 540 -15.55 -14.45 -14.30
C ILE A 540 -14.56 -13.80 -13.34
N GLY A 541 -14.02 -12.64 -13.74
CA GLY A 541 -13.06 -11.95 -12.89
C GLY A 541 -13.59 -11.62 -11.51
N ALA A 542 -14.83 -11.15 -11.44
CA ALA A 542 -15.42 -10.81 -10.14
C ALA A 542 -15.56 -12.05 -9.27
N ASP A 543 -15.95 -13.17 -9.87
CA ASP A 543 -16.09 -14.41 -9.13
C ASP A 543 -14.72 -14.87 -8.62
N LEU A 544 -13.70 -14.76 -9.47
CA LEU A 544 -12.34 -15.15 -9.09
C LEU A 544 -11.81 -14.28 -7.96
N ILE A 545 -12.16 -12.99 -7.98
CA ILE A 545 -11.70 -12.08 -6.94
C ILE A 545 -12.32 -12.47 -5.59
N THR A 546 -13.61 -12.79 -5.60
CA THR A 546 -14.27 -13.18 -4.37
C THR A 546 -13.66 -14.48 -3.85
N LEU A 547 -13.45 -15.44 -4.76
CA LEU A 547 -12.86 -16.72 -4.39
C LEU A 547 -11.45 -16.51 -3.81
N ALA A 548 -10.66 -15.66 -4.46
CA ALA A 548 -9.31 -15.38 -3.99
C ALA A 548 -9.31 -14.80 -2.58
N SER A 549 -10.25 -13.89 -2.29
CA SER A 549 -10.30 -13.28 -0.97
C SER A 549 -10.66 -14.32 0.10
N ILE A 550 -11.50 -15.28 -0.24
CA ILE A 550 -11.87 -16.32 0.72
C ILE A 550 -10.62 -17.14 1.03
N LEU A 551 -9.78 -17.36 0.01
CA LEU A 551 -8.55 -18.13 0.16
C LEU A 551 -7.38 -17.31 0.68
N ARG A 552 -7.60 -16.01 0.86
CA ARG A 552 -6.55 -15.10 1.32
C ARG A 552 -5.36 -15.03 0.37
N ILE A 553 -5.67 -15.11 -0.93
CA ILE A 553 -4.68 -15.02 -1.99
C ILE A 553 -4.86 -13.64 -2.62
N PRO A 554 -3.83 -12.78 -2.49
CA PRO A 554 -3.96 -11.45 -3.08
C PRO A 554 -3.99 -11.47 -4.60
N VAL A 555 -4.63 -10.47 -5.18
CA VAL A 555 -4.74 -10.36 -6.64
C VAL A 555 -3.86 -9.19 -7.06
N ASN A 556 -2.70 -9.52 -7.62
CA ASN A 556 -1.74 -8.49 -8.03
C ASN A 556 -2.10 -7.75 -9.30
N MET A 557 -2.98 -8.34 -10.10
CA MET A 557 -3.35 -7.76 -11.38
C MET A 557 -4.72 -8.22 -11.84
N HIS A 558 -5.58 -7.27 -12.19
CA HIS A 558 -6.91 -7.61 -12.69
C HIS A 558 -7.56 -6.38 -13.32
N ASN A 559 -8.46 -6.62 -14.27
CA ASN A 559 -9.14 -5.52 -14.93
C ASN A 559 -10.65 -5.56 -14.68
N VAL A 560 -11.02 -5.97 -13.47
CA VAL A 560 -12.43 -6.03 -13.08
C VAL A 560 -12.82 -4.64 -12.55
N PRO A 561 -13.97 -4.10 -13.00
CA PRO A 561 -14.39 -2.78 -12.51
C PRO A 561 -14.43 -2.82 -10.99
N GLU A 562 -13.92 -1.78 -10.34
CA GLU A 562 -13.89 -1.79 -8.89
C GLU A 562 -15.26 -1.91 -8.21
N GLU A 563 -16.32 -1.48 -8.89
CA GLU A 563 -17.66 -1.58 -8.31
C GLU A 563 -18.09 -3.05 -8.18
N LYS A 564 -17.41 -3.93 -8.90
CA LYS A 564 -17.73 -5.36 -8.87
C LYS A 564 -16.88 -6.15 -7.88
N ILE A 565 -15.91 -5.49 -7.26
CA ILE A 565 -15.05 -6.18 -6.30
C ILE A 565 -15.88 -6.47 -5.04
N PHE A 566 -15.94 -7.74 -4.67
CA PHE A 566 -16.70 -8.19 -3.52
C PHE A 566 -15.81 -9.07 -2.65
N ARG A 567 -15.37 -8.50 -1.53
CA ARG A 567 -14.47 -9.16 -0.59
C ARG A 567 -15.03 -9.09 0.83
N PRO A 568 -14.48 -9.87 1.77
CA PRO A 568 -15.00 -9.83 3.15
C PRO A 568 -14.94 -8.40 3.68
N ASP A 569 -15.87 -8.07 4.59
CA ASP A 569 -15.94 -6.74 5.16
C ASP A 569 -14.63 -6.26 5.78
N ALA A 570 -13.87 -7.19 6.35
CA ALA A 570 -12.59 -6.86 6.98
C ALA A 570 -11.62 -6.16 6.04
N TRP A 571 -11.69 -6.47 4.75
CA TRP A 571 -10.77 -5.86 3.79
C TRP A 571 -10.85 -4.33 3.80
N SER A 572 -12.05 -3.78 3.97
CA SER A 572 -12.22 -2.33 3.98
C SER A 572 -11.51 -1.69 5.17
N MET A 573 -11.33 -2.46 6.24
CA MET A 573 -10.65 -1.96 7.43
C MET A 573 -9.16 -1.76 7.15
N PHE A 574 -8.67 -2.37 6.07
CA PHE A 574 -7.27 -2.22 5.71
C PHE A 574 -7.07 -1.19 4.62
N GLY A 575 -8.15 -0.50 4.25
CA GLY A 575 -8.05 0.53 3.23
C GLY A 575 -9.22 0.60 2.27
N THR A 576 -9.71 1.82 2.01
CA THR A 576 -10.83 2.02 1.09
C THR A 576 -10.40 2.80 -0.15
N LYS A 577 -9.29 3.51 -0.05
CA LYS A 577 -8.76 4.32 -1.15
C LYS A 577 -8.01 3.44 -2.15
N ASP A 578 -7.12 2.60 -1.64
CA ASP A 578 -6.35 1.70 -2.50
C ASP A 578 -6.71 0.26 -2.16
N LEU A 579 -7.67 -0.29 -2.92
CA LEU A 579 -8.12 -1.65 -2.69
C LEU A 579 -7.04 -2.70 -2.87
N GLU A 580 -6.10 -2.45 -3.78
CA GLU A 580 -5.02 -3.40 -4.01
C GLU A 580 -4.15 -3.50 -2.75
N GLY A 581 -3.73 -2.36 -2.24
CA GLY A 581 -2.91 -2.36 -1.05
C GLY A 581 -3.64 -2.98 0.12
N ALA A 582 -4.93 -2.68 0.25
CA ALA A 582 -5.74 -3.23 1.34
C ALA A 582 -5.81 -4.75 1.23
N ASP A 583 -5.86 -5.23 -0.01
CA ASP A 583 -5.93 -6.67 -0.29
C ASP A 583 -4.65 -7.35 0.23
N TYR A 584 -3.49 -6.78 -0.09
CA TYR A 584 -2.25 -7.37 0.39
C TYR A 584 -2.17 -7.33 1.90
N ARG A 585 -2.58 -6.21 2.49
CA ARG A 585 -2.53 -6.07 3.93
C ARG A 585 -3.48 -7.05 4.63
N ALA A 586 -4.68 -7.21 4.08
CA ALA A 586 -5.66 -8.12 4.67
C ALA A 586 -5.24 -9.58 4.56
N CYS A 587 -4.76 -9.97 3.39
CA CYS A 587 -4.34 -11.36 3.17
C CYS A 587 -3.18 -11.76 4.09
N LYS A 588 -2.29 -10.81 4.37
CA LYS A 588 -1.14 -11.07 5.22
C LYS A 588 -1.50 -11.17 6.70
N LYS A 589 -2.26 -10.20 7.19
CA LYS A 589 -2.63 -10.17 8.60
C LYS A 589 -3.70 -11.19 8.99
N LEU A 590 -4.75 -11.30 8.18
CA LEU A 590 -5.82 -12.23 8.47
C LEU A 590 -5.39 -13.66 8.16
N ALA B 2 39.39 -4.82 -17.14
CA ALA B 2 40.26 -3.62 -16.96
C ALA B 2 40.52 -3.35 -15.48
N LYS B 3 41.75 -2.96 -15.17
CA LYS B 3 42.14 -2.66 -13.79
C LYS B 3 41.49 -1.36 -13.33
N ASP B 4 41.01 -1.31 -12.10
CA ASP B 4 40.43 -0.06 -11.60
C ASP B 4 41.64 0.82 -11.32
N PRO B 5 41.70 2.01 -11.96
CA PRO B 5 42.84 2.91 -11.76
C PRO B 5 43.05 3.52 -10.38
N ARG B 6 42.04 3.45 -9.52
CA ARG B 6 42.15 4.03 -8.18
C ARG B 6 41.94 3.05 -7.04
N TYR B 7 41.11 2.04 -7.29
CA TYR B 7 40.79 1.08 -6.25
C TYR B 7 41.30 -0.33 -6.49
N VAL B 8 41.36 -1.09 -5.40
CA VAL B 8 41.83 -2.47 -5.46
C VAL B 8 40.97 -3.27 -6.42
N GLY B 9 41.61 -4.14 -7.19
CA GLY B 9 40.88 -4.98 -8.11
C GLY B 9 40.60 -4.42 -9.49
N ASN B 10 39.73 -5.13 -10.21
CA ASN B 10 39.35 -4.75 -11.56
C ASN B 10 37.92 -4.22 -11.60
N LEU B 11 37.63 -3.47 -12.65
CA LEU B 11 36.30 -2.93 -12.84
C LEU B 11 35.34 -4.07 -13.16
N PRO B 12 34.09 -3.99 -12.66
CA PRO B 12 33.10 -5.04 -12.89
C PRO B 12 32.83 -5.31 -14.37
N LYS B 13 32.64 -6.58 -14.72
CA LYS B 13 32.34 -6.93 -16.10
C LYS B 13 30.89 -7.41 -16.18
N ILE B 14 30.33 -7.38 -17.38
CA ILE B 14 28.96 -7.83 -17.58
C ILE B 14 29.01 -9.18 -18.30
N GLY B 15 28.39 -10.19 -17.71
CA GLY B 15 28.37 -11.50 -18.33
C GLY B 15 27.12 -11.73 -19.15
N ILE B 16 27.28 -12.29 -20.35
CA ILE B 16 26.14 -12.56 -21.23
C ILE B 16 25.93 -14.06 -21.31
N ARG B 17 24.73 -14.51 -20.98
CA ARG B 17 24.39 -15.92 -20.97
C ARG B 17 23.44 -16.30 -22.08
N PRO B 18 23.95 -16.88 -23.18
CA PRO B 18 23.04 -17.27 -24.26
C PRO B 18 22.43 -18.63 -23.93
N THR B 19 21.14 -18.66 -23.64
CA THR B 19 20.48 -19.92 -23.32
C THR B 19 19.82 -20.49 -24.56
N ILE B 20 19.71 -21.81 -24.60
CA ILE B 20 19.16 -22.48 -25.77
C ILE B 20 18.40 -23.75 -25.41
N ASP B 21 17.61 -24.25 -26.36
CA ASP B 21 16.85 -25.48 -26.17
C ASP B 21 17.89 -26.60 -26.15
N GLY B 22 17.81 -27.48 -25.14
CA GLY B 22 18.77 -28.57 -25.03
C GLY B 22 18.66 -29.70 -26.04
N ARG B 23 17.52 -29.79 -26.72
CA ARG B 23 17.31 -30.85 -27.71
C ARG B 23 18.23 -30.77 -28.92
N ARG B 24 19.00 -31.83 -29.14
CA ARG B 24 19.91 -31.87 -30.27
C ARG B 24 19.29 -32.67 -31.42
N LYS B 25 20.08 -32.95 -32.44
CA LYS B 25 19.59 -33.68 -33.60
C LYS B 25 18.42 -32.91 -34.22
N GLY B 26 18.50 -31.57 -34.15
CA GLY B 26 17.44 -30.76 -34.71
C GLY B 26 17.35 -29.34 -34.22
N VAL B 27 16.65 -29.14 -33.12
CA VAL B 27 16.44 -27.81 -32.56
C VAL B 27 17.71 -27.04 -32.21
N ARG B 28 18.50 -27.55 -31.28
CA ARG B 28 19.70 -26.84 -30.87
C ARG B 28 20.66 -26.45 -31.99
N GLU B 29 20.97 -27.40 -32.86
CA GLU B 29 21.88 -27.12 -33.96
C GLU B 29 21.41 -25.97 -34.85
N SER B 30 20.09 -25.83 -35.00
CA SER B 30 19.53 -24.78 -35.83
C SER B 30 19.48 -23.43 -35.13
N LEU B 31 19.82 -23.40 -33.85
CA LEU B 31 19.77 -22.17 -33.07
C LEU B 31 21.09 -21.69 -32.47
N GLU B 32 22.13 -22.51 -32.57
CA GLU B 32 23.45 -22.18 -32.03
C GLU B 32 23.99 -20.82 -32.46
N GLU B 33 24.09 -20.61 -33.77
CA GLU B 33 24.60 -19.36 -34.31
C GLU B 33 23.74 -18.15 -33.96
N THR B 34 22.43 -18.29 -34.13
CA THR B 34 21.50 -17.21 -33.83
C THR B 34 21.59 -16.76 -32.38
N THR B 35 21.62 -17.72 -31.47
CA THR B 35 21.68 -17.44 -30.05
C THR B 35 23.00 -16.77 -29.64
N MET B 36 24.11 -17.30 -30.14
CA MET B 36 25.40 -16.70 -29.81
C MET B 36 25.50 -15.31 -30.43
N ASN B 37 24.93 -15.13 -31.62
CA ASN B 37 24.95 -13.83 -32.28
C ASN B 37 24.14 -12.82 -31.49
N MET B 38 23.09 -13.30 -30.83
CA MET B 38 22.24 -12.45 -30.01
C MET B 38 23.08 -11.93 -28.85
N ALA B 39 23.86 -12.82 -28.24
CA ALA B 39 24.71 -12.45 -27.12
C ALA B 39 25.76 -11.44 -27.55
N LYS B 40 26.37 -11.67 -28.72
CA LYS B 40 27.38 -10.76 -29.23
C LYS B 40 26.81 -9.38 -29.54
N ALA B 41 25.55 -9.35 -29.98
CA ALA B 41 24.90 -8.09 -30.30
C ALA B 41 24.70 -7.25 -29.04
N VAL B 42 24.37 -7.92 -27.93
CA VAL B 42 24.18 -7.23 -26.67
C VAL B 42 25.51 -6.68 -26.19
N ALA B 43 26.56 -7.49 -26.29
CA ALA B 43 27.89 -7.07 -25.87
C ALA B 43 28.31 -5.81 -26.63
N LYS B 44 28.11 -5.83 -27.94
CA LYS B 44 28.46 -4.68 -28.77
C LYS B 44 27.70 -3.44 -28.34
N LEU B 45 26.40 -3.58 -28.15
CA LEU B 45 25.55 -2.48 -27.73
C LEU B 45 26.02 -1.86 -26.44
N LEU B 46 26.30 -2.70 -25.44
CA LEU B 46 26.74 -2.20 -24.14
C LEU B 46 28.12 -1.55 -24.21
N GLU B 47 29.01 -2.13 -25.00
CA GLU B 47 30.36 -1.60 -25.13
C GLU B 47 30.38 -0.22 -25.79
N GLU B 48 29.33 0.09 -26.55
CA GLU B 48 29.24 1.37 -27.24
C GLU B 48 28.42 2.41 -26.47
N ASN B 49 27.74 1.98 -25.42
CA ASN B 49 26.88 2.88 -24.65
C ASN B 49 27.14 2.95 -23.14
N VAL B 50 27.89 2.00 -22.61
CA VAL B 50 28.15 1.98 -21.17
C VAL B 50 29.65 2.07 -20.93
N PHE B 51 30.08 3.06 -20.17
CA PHE B 51 31.49 3.26 -19.90
C PHE B 51 31.84 3.34 -18.41
N TYR B 52 33.03 2.85 -18.08
CA TYR B 52 33.52 2.90 -16.71
C TYR B 52 33.79 4.35 -16.38
N TYR B 53 33.98 4.66 -15.11
CA TYR B 53 34.20 6.05 -14.71
C TYR B 53 35.43 6.70 -15.34
N ASN B 54 36.37 5.91 -15.82
CA ASN B 54 37.58 6.46 -16.44
C ASN B 54 37.49 6.55 -17.96
N GLY B 55 36.28 6.35 -18.50
CA GLY B 55 36.10 6.46 -19.93
C GLY B 55 36.29 5.19 -20.75
N GLN B 56 36.78 4.12 -20.12
CA GLN B 56 36.96 2.86 -20.84
C GLN B 56 35.62 2.19 -21.03
N PRO B 57 35.38 1.59 -22.20
CA PRO B 57 34.10 0.92 -22.45
C PRO B 57 33.95 -0.25 -21.48
N VAL B 58 32.72 -0.51 -21.04
CA VAL B 58 32.49 -1.62 -20.13
C VAL B 58 32.95 -2.88 -20.85
N GLU B 59 33.41 -3.87 -20.10
CA GLU B 59 33.87 -5.10 -20.71
C GLU B 59 32.89 -6.24 -20.44
N CYS B 60 32.58 -6.99 -21.48
CA CYS B 60 31.65 -8.09 -21.39
C CYS B 60 32.31 -9.45 -21.51
N VAL B 61 31.71 -10.44 -20.89
CA VAL B 61 32.18 -11.81 -20.92
C VAL B 61 31.02 -12.68 -21.38
N ILE B 62 31.23 -13.44 -22.45
CA ILE B 62 30.18 -14.30 -22.96
C ILE B 62 30.48 -15.75 -22.60
N ALA B 63 29.46 -16.51 -22.24
CA ALA B 63 29.65 -17.92 -21.89
C ALA B 63 30.34 -18.63 -23.05
N ASP B 64 31.15 -19.65 -22.74
CA ASP B 64 31.87 -20.38 -23.78
C ASP B 64 30.98 -21.19 -24.73
N THR B 65 29.78 -21.53 -24.26
CA THR B 65 28.84 -22.29 -25.08
C THR B 65 27.45 -21.79 -24.74
N CYS B 66 26.47 -22.15 -25.57
CA CYS B 66 25.11 -21.77 -25.26
C CYS B 66 24.73 -22.63 -24.07
N ILE B 67 23.77 -22.15 -23.28
CA ILE B 67 23.35 -22.86 -22.08
C ILE B 67 22.02 -23.57 -22.26
N GLY B 68 22.06 -24.90 -22.35
CA GLY B 68 20.86 -25.67 -22.54
C GLY B 68 20.48 -26.51 -21.34
N GLY B 69 21.35 -26.49 -20.33
CA GLY B 69 21.10 -27.27 -19.13
C GLY B 69 21.95 -26.81 -17.96
N VAL B 70 21.89 -27.55 -16.86
CA VAL B 70 22.61 -27.21 -15.65
C VAL B 70 24.14 -27.29 -15.75
N LYS B 71 24.65 -28.26 -16.51
CA LYS B 71 26.09 -28.40 -16.64
C LYS B 71 26.67 -27.14 -17.28
N GLU B 72 26.07 -26.70 -18.37
CA GLU B 72 26.53 -25.50 -19.08
C GLU B 72 26.27 -24.25 -18.25
N ALA B 73 25.22 -24.27 -17.43
CA ALA B 73 24.92 -23.13 -16.58
C ALA B 73 26.02 -23.03 -15.52
N ALA B 74 26.42 -24.18 -14.99
CA ALA B 74 27.48 -24.20 -13.98
C ALA B 74 28.79 -23.72 -14.60
N GLU B 75 29.05 -24.10 -15.85
CA GLU B 75 30.27 -23.68 -16.52
C GLU B 75 30.29 -22.18 -16.75
N ALA B 76 29.13 -21.60 -17.04
CA ALA B 76 29.04 -20.16 -17.25
C ALA B 76 29.29 -19.45 -15.91
N ALA B 77 28.72 -19.99 -14.84
CA ALA B 77 28.89 -19.42 -13.51
C ALA B 77 30.37 -19.42 -13.14
N GLU B 78 31.05 -20.52 -13.46
CA GLU B 78 32.48 -20.65 -13.18
C GLU B 78 33.30 -19.65 -13.98
N LYS B 79 33.04 -19.55 -15.28
CA LYS B 79 33.77 -18.62 -16.11
C LYS B 79 33.55 -17.19 -15.62
N PHE B 80 32.31 -16.85 -15.31
CA PHE B 80 31.99 -15.49 -14.86
C PHE B 80 32.69 -15.15 -13.55
N ALA B 81 32.75 -16.10 -12.63
CA ALA B 81 33.41 -15.85 -11.35
C ALA B 81 34.89 -15.63 -11.59
N ARG B 82 35.46 -16.44 -12.48
CA ARG B 82 36.88 -16.36 -12.79
C ARG B 82 37.28 -15.06 -13.50
N GLU B 83 36.36 -14.51 -14.30
CA GLU B 83 36.68 -13.29 -15.04
C GLU B 83 36.16 -11.99 -14.43
N GLY B 84 35.65 -12.06 -13.20
CA GLY B 84 35.17 -10.87 -12.53
C GLY B 84 33.87 -10.25 -13.01
N VAL B 85 32.88 -11.08 -13.28
CA VAL B 85 31.57 -10.60 -13.72
C VAL B 85 30.76 -10.14 -12.52
N GLY B 86 30.14 -8.96 -12.64
CA GLY B 86 29.35 -8.42 -11.53
C GLY B 86 27.91 -8.14 -11.91
N VAL B 87 27.57 -8.41 -13.18
CA VAL B 87 26.23 -8.18 -13.70
C VAL B 87 25.98 -9.23 -14.76
N SER B 88 24.77 -9.79 -14.82
CA SER B 88 24.53 -10.79 -15.86
C SER B 88 23.26 -10.54 -16.66
N ILE B 89 23.33 -10.87 -17.94
CA ILE B 89 22.20 -10.72 -18.84
C ILE B 89 22.06 -12.02 -19.61
N THR B 90 20.86 -12.60 -19.56
CA THR B 90 20.58 -13.84 -20.27
C THR B 90 19.85 -13.46 -21.55
N VAL B 91 20.19 -14.11 -22.65
CA VAL B 91 19.54 -13.84 -23.93
C VAL B 91 19.16 -15.14 -24.63
N THR B 92 18.03 -15.10 -25.33
CA THR B 92 17.58 -16.29 -26.06
C THR B 92 16.43 -15.99 -27.02
N PRO B 93 16.38 -16.73 -28.13
CA PRO B 93 15.31 -16.56 -29.11
C PRO B 93 14.39 -17.78 -29.10
N CYS B 94 14.67 -18.73 -28.21
CA CYS B 94 13.89 -19.96 -28.16
C CYS B 94 13.48 -20.41 -26.76
N TRP B 95 12.85 -21.57 -26.71
CA TRP B 95 12.45 -22.14 -25.42
C TRP B 95 13.69 -22.78 -24.81
N CYS B 96 13.86 -22.62 -23.51
CA CYS B 96 14.98 -23.18 -22.78
C CYS B 96 14.38 -23.74 -21.48
N TYR B 97 15.09 -24.65 -20.82
CA TYR B 97 14.55 -25.29 -19.64
C TYR B 97 14.58 -24.61 -18.27
N GLY B 98 13.93 -23.44 -18.21
CA GLY B 98 13.82 -22.68 -16.98
C GLY B 98 14.86 -22.79 -15.89
N THR B 99 14.49 -23.40 -14.76
CA THR B 99 15.40 -23.53 -13.63
C THR B 99 16.72 -24.21 -13.95
N GLU B 100 16.75 -25.05 -14.98
CA GLU B 100 17.99 -25.74 -15.37
C GLU B 100 19.01 -24.77 -15.95
N THR B 101 18.53 -23.66 -16.49
CA THR B 101 19.39 -22.66 -17.15
C THR B 101 19.58 -21.36 -16.40
N MET B 102 18.90 -21.20 -15.27
CA MET B 102 18.97 -19.98 -14.46
C MET B 102 20.33 -19.61 -13.91
N ASP B 103 20.51 -18.31 -13.69
CA ASP B 103 21.73 -17.79 -13.06
C ASP B 103 21.30 -17.81 -11.60
N MET B 104 21.90 -18.70 -10.81
CA MET B 104 21.52 -18.83 -9.40
C MET B 104 22.34 -17.99 -8.43
N ASP B 105 23.20 -17.12 -8.93
CA ASP B 105 24.01 -16.27 -8.07
C ASP B 105 23.11 -15.18 -7.53
N PRO B 106 22.79 -15.22 -6.23
CA PRO B 106 21.92 -14.20 -5.64
C PRO B 106 22.59 -12.83 -5.46
N HIS B 107 23.91 -12.80 -5.65
CA HIS B 107 24.66 -11.57 -5.42
C HIS B 107 24.96 -10.68 -6.63
N ILE B 108 24.35 -10.96 -7.76
CA ILE B 108 24.58 -10.10 -8.91
C ILE B 108 23.30 -9.68 -9.60
N PRO B 109 23.23 -8.41 -10.02
CA PRO B 109 22.04 -7.91 -10.71
C PRO B 109 21.87 -8.72 -11.99
N LYS B 110 20.65 -9.12 -12.31
CA LYS B 110 20.43 -9.92 -13.50
C LYS B 110 19.19 -9.54 -14.30
N ALA B 111 19.31 -9.69 -15.62
CA ALA B 111 18.22 -9.39 -16.53
C ALA B 111 18.13 -10.52 -17.55
N VAL B 112 16.97 -10.65 -18.18
CA VAL B 112 16.75 -11.65 -19.20
C VAL B 112 16.07 -11.00 -20.39
N TRP B 113 16.64 -11.18 -21.59
CA TRP B 113 16.03 -10.64 -22.79
C TRP B 113 15.58 -11.78 -23.67
N GLY B 114 14.26 -11.87 -23.85
CA GLY B 114 13.69 -12.91 -24.69
C GLY B 114 13.30 -12.29 -26.02
N PHE B 115 13.89 -12.79 -27.10
CA PHE B 115 13.63 -12.31 -28.44
C PHE B 115 12.13 -12.42 -28.74
N ASN B 116 11.53 -11.37 -29.31
CA ASN B 116 10.12 -11.46 -29.64
C ASN B 116 10.01 -12.01 -31.06
N GLY B 117 10.18 -13.33 -31.17
CA GLY B 117 10.09 -13.98 -32.46
C GLY B 117 8.96 -14.99 -32.43
N THR B 118 8.52 -15.43 -33.60
CA THR B 118 7.41 -16.36 -33.68
C THR B 118 7.83 -17.84 -33.80
N GLU B 119 8.89 -18.10 -34.55
CA GLU B 119 9.35 -19.46 -34.78
C GLU B 119 9.64 -20.31 -33.55
N ARG B 120 10.16 -19.69 -32.49
CA ARG B 120 10.47 -20.40 -31.25
C ARG B 120 9.89 -19.66 -30.05
N PRO B 121 9.57 -20.39 -28.97
CA PRO B 121 8.99 -19.82 -27.74
C PRO B 121 9.94 -19.01 -26.85
N GLY B 122 10.55 -17.98 -27.42
CA GLY B 122 11.47 -17.15 -26.66
C GLY B 122 10.82 -16.37 -25.53
N ALA B 123 9.60 -15.88 -25.77
CA ALA B 123 8.87 -15.12 -24.76
C ALA B 123 8.34 -16.06 -23.70
N VAL B 124 8.14 -17.32 -24.10
CA VAL B 124 7.67 -18.34 -23.19
C VAL B 124 8.81 -18.63 -22.22
N TYR B 125 10.05 -18.65 -22.72
CA TYR B 125 11.19 -18.88 -21.83
C TYR B 125 11.32 -17.70 -20.88
N LEU B 126 11.25 -16.48 -21.44
CA LEU B 126 11.37 -15.28 -20.62
C LEU B 126 10.40 -15.33 -19.44
N ALA B 127 9.12 -15.53 -19.73
CA ALA B 127 8.11 -15.57 -18.67
C ALA B 127 8.30 -16.77 -17.75
N ALA B 128 8.71 -17.89 -18.33
CA ALA B 128 8.92 -19.10 -17.53
C ALA B 128 10.07 -18.94 -16.54
N VAL B 129 11.20 -18.40 -17.01
CA VAL B 129 12.34 -18.24 -16.12
C VAL B 129 12.09 -17.11 -15.11
N LEU B 130 11.36 -16.08 -15.51
CA LEU B 130 11.07 -15.00 -14.56
C LEU B 130 10.19 -15.56 -13.45
N ALA B 131 9.27 -16.46 -13.80
CA ALA B 131 8.42 -17.07 -12.78
C ALA B 131 9.32 -17.85 -11.82
N GLY B 132 10.39 -18.42 -12.36
CA GLY B 132 11.33 -19.15 -11.52
C GLY B 132 12.09 -18.21 -10.61
N TYR B 133 12.57 -17.10 -11.16
CA TYR B 133 13.29 -16.12 -10.35
C TYR B 133 12.40 -15.59 -9.24
N ASN B 134 11.14 -15.32 -9.58
CA ASN B 134 10.18 -14.81 -8.60
C ASN B 134 9.87 -15.85 -7.52
N GLN B 135 9.75 -17.11 -7.92
CA GLN B 135 9.43 -18.18 -6.98
C GLN B 135 10.58 -18.46 -6.03
N LYS B 136 11.81 -18.31 -6.53
CA LYS B 136 13.01 -18.57 -5.73
C LYS B 136 13.52 -17.37 -4.95
N GLY B 137 12.94 -16.19 -5.20
CA GLY B 137 13.38 -15.01 -4.49
C GLY B 137 14.66 -14.39 -4.99
N LEU B 138 14.93 -14.55 -6.29
CA LEU B 138 16.11 -14.00 -6.93
C LEU B 138 15.62 -12.97 -7.94
N PRO B 139 15.52 -11.71 -7.53
CA PRO B 139 15.05 -10.64 -8.43
C PRO B 139 15.77 -10.61 -9.77
N ALA B 140 14.97 -10.50 -10.84
CA ALA B 140 15.53 -10.44 -12.19
C ALA B 140 14.67 -9.56 -13.06
N PHE B 141 15.30 -8.78 -13.93
CA PHE B 141 14.57 -7.89 -14.82
C PHE B 141 14.17 -8.62 -16.10
N GLY B 142 12.98 -8.31 -16.60
CA GLY B 142 12.49 -8.93 -17.82
C GLY B 142 12.45 -7.93 -18.96
N ILE B 143 13.04 -8.30 -20.10
CA ILE B 143 13.07 -7.42 -21.26
C ILE B 143 12.40 -8.10 -22.44
N TYR B 144 11.26 -7.56 -22.86
CA TYR B 144 10.49 -8.11 -23.99
C TYR B 144 10.13 -6.98 -24.95
N GLY B 145 10.57 -7.13 -26.20
CA GLY B 145 10.29 -6.11 -27.21
C GLY B 145 8.83 -6.10 -27.64
N LYS B 146 8.31 -4.91 -27.95
CA LYS B 146 6.91 -4.79 -28.33
C LYS B 146 6.57 -5.28 -29.74
N ASP B 147 7.53 -5.24 -30.65
CA ASP B 147 7.26 -5.65 -32.03
C ASP B 147 7.96 -6.94 -32.45
N VAL B 148 7.20 -7.86 -33.03
CA VAL B 148 7.74 -9.12 -33.50
C VAL B 148 8.86 -8.88 -34.50
N GLN B 149 9.99 -9.57 -34.30
CA GLN B 149 11.14 -9.45 -35.19
C GLN B 149 11.32 -10.79 -35.89
N ASP B 150 11.85 -10.76 -37.12
CA ASP B 150 12.08 -11.99 -37.86
C ASP B 150 13.26 -12.74 -37.26
N ALA B 151 13.27 -14.05 -37.44
CA ALA B 151 14.33 -14.90 -36.92
C ALA B 151 15.72 -14.44 -37.36
N GLY B 152 16.64 -14.36 -36.42
CA GLY B 152 18.00 -13.96 -36.72
C GLY B 152 18.26 -12.46 -36.80
N ASP B 153 17.20 -11.67 -36.63
CA ASP B 153 17.34 -10.22 -36.68
C ASP B 153 18.40 -9.78 -35.68
N THR B 154 19.53 -9.29 -36.18
CA THR B 154 20.62 -8.86 -35.33
C THR B 154 20.42 -7.45 -34.78
N ASN B 155 19.49 -6.70 -35.36
CA ASN B 155 19.24 -5.34 -34.88
C ASN B 155 18.38 -5.37 -33.64
N ILE B 156 18.81 -4.66 -32.60
CA ILE B 156 18.07 -4.61 -31.35
C ILE B 156 17.15 -3.40 -31.38
N PRO B 157 15.83 -3.61 -31.22
CA PRO B 157 14.88 -2.50 -31.24
C PRO B 157 15.10 -1.47 -30.14
N GLU B 158 14.66 -0.24 -30.40
CA GLU B 158 14.84 0.85 -29.45
C GLU B 158 14.31 0.60 -28.05
N ASP B 159 13.13 0.01 -27.92
CA ASP B 159 12.61 -0.23 -26.57
C ASP B 159 13.45 -1.23 -25.80
N VAL B 160 13.97 -2.23 -26.51
CA VAL B 160 14.82 -3.24 -25.89
C VAL B 160 16.17 -2.61 -25.53
N LYS B 161 16.70 -1.79 -26.43
CA LYS B 161 17.98 -1.11 -26.20
C LYS B 161 17.93 -0.28 -24.93
N GLU B 162 16.86 0.48 -24.76
CA GLU B 162 16.71 1.34 -23.58
C GLU B 162 16.75 0.54 -22.28
N LYS B 163 16.05 -0.59 -22.27
CA LYS B 163 16.01 -1.42 -21.07
C LYS B 163 17.36 -2.08 -20.80
N LEU B 164 18.03 -2.55 -21.84
CA LEU B 164 19.33 -3.18 -21.69
C LEU B 164 20.35 -2.19 -21.11
N ILE B 165 20.35 -0.98 -21.66
CA ILE B 165 21.29 0.04 -21.20
C ILE B 165 20.98 0.54 -19.79
N ARG B 166 19.70 0.76 -19.48
CA ARG B 166 19.33 1.22 -18.15
C ARG B 166 19.72 0.17 -17.12
N PHE B 167 19.43 -1.09 -17.43
CA PHE B 167 19.78 -2.17 -16.51
C PHE B 167 21.30 -2.25 -16.34
N ALA B 168 22.02 -2.21 -17.45
CA ALA B 168 23.48 -2.31 -17.42
C ALA B 168 24.10 -1.21 -16.58
N LYS B 169 23.67 0.04 -16.79
CA LYS B 169 24.22 1.16 -16.04
C LYS B 169 23.93 1.03 -14.54
N ALA B 170 22.69 0.67 -14.21
CA ALA B 170 22.30 0.52 -12.81
C ALA B 170 23.07 -0.64 -12.16
N GLY B 171 23.17 -1.74 -12.89
CA GLY B 171 23.88 -2.90 -12.38
C GLY B 171 25.36 -2.60 -12.17
N LEU B 172 25.97 -1.92 -13.13
CA LEU B 172 27.39 -1.56 -13.03
C LEU B 172 27.62 -0.65 -11.82
N ALA B 173 26.73 0.32 -11.61
CA ALA B 173 26.87 1.24 -10.49
C ALA B 173 26.82 0.47 -9.17
N VAL B 174 25.88 -0.47 -9.08
CA VAL B 174 25.75 -1.29 -7.87
C VAL B 174 27.00 -2.14 -7.68
N ALA B 175 27.47 -2.75 -8.75
CA ALA B 175 28.67 -3.58 -8.69
C ALA B 175 29.90 -2.78 -8.30
N MET B 176 29.96 -1.53 -8.76
CA MET B 176 31.10 -0.64 -8.48
C MET B 176 31.31 -0.36 -7.00
N MET B 177 30.23 -0.27 -6.24
CA MET B 177 30.35 0.05 -4.82
C MET B 177 30.85 -1.08 -3.93
N LYS B 178 30.55 -2.31 -4.31
CA LYS B 178 30.94 -3.47 -3.51
C LYS B 178 32.43 -3.58 -3.22
N GLY B 179 32.74 -3.74 -1.93
CA GLY B 179 34.13 -3.89 -1.52
C GLY B 179 34.89 -2.59 -1.27
N LYS B 180 34.30 -1.47 -1.66
CA LYS B 180 34.91 -0.16 -1.50
C LYS B 180 34.55 0.43 -0.12
N SER B 181 35.27 1.46 0.30
CA SER B 181 35.01 2.07 1.59
C SER B 181 34.36 3.45 1.52
N TYR B 182 33.71 3.83 2.61
CA TYR B 182 33.21 5.18 2.78
C TYR B 182 34.15 5.61 3.90
N LEU B 183 34.85 6.73 3.71
CA LEU B 183 35.76 7.22 4.73
C LEU B 183 35.16 8.41 5.46
N SER B 184 34.95 8.25 6.76
CA SER B 184 34.41 9.30 7.60
C SER B 184 35.60 10.07 8.19
N ILE B 185 35.75 11.33 7.79
CA ILE B 185 36.83 12.16 8.32
C ILE B 185 36.16 13.09 9.31
N GLY B 186 36.39 12.81 10.59
CA GLY B 186 35.74 13.59 11.63
C GLY B 186 34.54 12.79 12.11
N SER B 187 33.64 13.44 12.82
CA SER B 187 32.47 12.78 13.35
C SER B 187 31.19 13.45 12.86
N VAL B 188 30.19 13.51 13.73
CA VAL B 188 28.92 14.14 13.40
C VAL B 188 29.15 15.65 13.29
N SER B 189 28.51 16.27 12.31
CA SER B 189 28.64 17.72 12.12
C SER B 189 27.37 18.44 12.52
N MET B 190 27.47 19.28 13.55
CA MET B 190 26.33 20.07 14.01
C MET B 190 25.02 19.30 14.10
N GLY B 191 25.06 18.12 14.68
CA GLY B 191 23.87 17.32 14.85
C GLY B 191 23.12 16.91 13.60
N ILE B 192 23.80 16.88 12.45
CA ILE B 192 23.15 16.48 11.21
C ILE B 192 23.01 14.96 11.20
N ALA B 193 21.76 14.48 11.11
CA ALA B 193 21.46 13.06 11.13
C ALA B 193 22.24 12.23 10.13
N GLY B 194 22.38 12.75 8.91
CA GLY B 194 23.09 12.06 7.86
C GLY B 194 24.60 11.94 8.10
N SER B 195 25.11 12.60 9.13
CA SER B 195 26.54 12.49 9.42
C SER B 195 26.79 11.38 10.45
N VAL B 196 25.72 10.75 10.91
CA VAL B 196 25.82 9.62 11.82
C VAL B 196 26.02 8.45 10.86
N VAL B 197 27.01 7.61 11.11
CA VAL B 197 27.27 6.47 10.23
C VAL B 197 26.56 5.21 10.67
N GLN B 198 25.68 4.69 9.82
CA GLN B 198 24.98 3.45 10.15
C GLN B 198 25.66 2.36 9.33
N GLU B 199 26.59 1.66 9.97
CA GLU B 199 27.34 0.61 9.30
C GLU B 199 26.49 -0.45 8.63
N ASP B 200 25.37 -0.81 9.26
CA ASP B 200 24.49 -1.84 8.68
C ASP B 200 24.05 -1.48 7.28
N PHE B 201 23.79 -0.21 7.02
CA PHE B 201 23.37 0.20 5.70
C PHE B 201 24.48 -0.02 4.67
N PHE B 202 25.66 0.49 4.95
CA PHE B 202 26.78 0.33 4.03
C PHE B 202 27.10 -1.13 3.81
N GLN B 203 27.19 -1.87 4.90
CA GLN B 203 27.51 -3.29 4.83
C GLN B 203 26.48 -4.14 4.11
N ASN B 204 25.23 -4.08 4.58
CA ASN B 204 24.17 -4.92 4.02
C ASN B 204 23.49 -4.46 2.73
N TYR B 205 23.40 -3.16 2.50
CA TYR B 205 22.77 -2.69 1.28
C TYR B 205 23.75 -2.43 0.15
N LEU B 206 24.91 -1.87 0.48
CA LEU B 206 25.90 -1.53 -0.54
C LEU B 206 27.12 -2.43 -0.62
N GLY B 207 27.30 -3.30 0.37
CA GLY B 207 28.46 -4.19 0.35
C GLY B 207 29.75 -3.40 0.54
N MET B 208 29.64 -2.25 1.21
CA MET B 208 30.78 -1.39 1.44
C MET B 208 31.36 -1.50 2.85
N ARG B 209 32.58 -0.99 3.01
CA ARG B 209 33.26 -1.00 4.29
C ARG B 209 33.24 0.41 4.87
N ASN B 210 33.32 0.51 6.19
CA ASN B 210 33.33 1.82 6.85
C ASN B 210 34.65 2.06 7.55
N GLU B 211 35.32 3.13 7.13
CA GLU B 211 36.61 3.52 7.68
C GLU B 211 36.45 4.87 8.38
N TYR B 212 37.26 5.09 9.42
CA TYR B 212 37.19 6.32 10.20
C TYR B 212 38.55 6.93 10.49
N VAL B 213 38.60 8.26 10.46
CA VAL B 213 39.82 8.98 10.77
C VAL B 213 39.43 10.35 11.37
N ASP B 214 39.94 10.61 12.57
CA ASP B 214 39.67 11.87 13.26
C ASP B 214 40.36 13.02 12.52
N MET B 215 39.76 14.20 12.51
CA MET B 215 40.34 15.33 11.80
C MET B 215 41.72 15.74 12.28
N SER B 216 42.10 15.28 13.48
CA SER B 216 43.42 15.61 13.99
C SER B 216 44.51 15.05 13.08
N GLU B 217 44.12 14.11 12.21
CA GLU B 217 45.06 13.52 11.26
C GLU B 217 45.57 14.62 10.32
N PHE B 218 44.68 15.56 9.97
CA PHE B 218 45.08 16.66 9.10
C PHE B 218 46.10 17.55 9.77
N VAL B 219 45.99 17.70 11.09
CA VAL B 219 46.94 18.52 11.81
C VAL B 219 48.33 17.87 11.71
N ARG B 220 48.39 16.56 11.94
CA ARG B 220 49.66 15.85 11.88
C ARG B 220 50.28 15.91 10.48
N ARG B 221 49.49 15.66 9.44
CA ARG B 221 50.04 15.68 8.10
C ARG B 221 50.49 17.07 7.65
N ILE B 222 49.78 18.10 8.09
CA ILE B 222 50.17 19.46 7.72
C ILE B 222 51.47 19.82 8.44
N GLU B 223 51.52 19.56 9.74
CA GLU B 223 52.69 19.87 10.56
C GLU B 223 53.96 19.09 10.18
N LEU B 224 53.80 17.81 9.86
CA LEU B 224 54.94 16.97 9.50
C LEU B 224 55.20 16.90 8.00
N GLY B 225 54.41 17.61 7.22
CA GLY B 225 54.58 17.59 5.77
C GLY B 225 54.33 16.22 5.17
N ILE B 226 53.26 15.57 5.60
CA ILE B 226 52.93 14.26 5.07
C ILE B 226 52.00 14.41 3.87
N TYR B 227 52.61 14.79 2.75
CA TYR B 227 51.93 14.98 1.48
C TYR B 227 53.01 15.27 0.43
N ASP B 228 52.63 15.24 -0.84
CA ASP B 228 53.59 15.49 -1.92
C ASP B 228 53.91 16.98 -1.98
N LYS B 229 55.07 17.37 -1.45
CA LYS B 229 55.46 18.76 -1.45
C LYS B 229 55.66 19.34 -2.85
N GLU B 230 56.15 18.53 -3.77
CA GLU B 230 56.36 18.99 -5.14
C GLU B 230 54.99 19.33 -5.74
N GLU B 231 54.01 18.47 -5.52
CA GLU B 231 52.67 18.71 -6.04
C GLU B 231 52.06 19.93 -5.34
N TYR B 232 52.30 20.05 -4.04
CA TYR B 232 51.78 21.17 -3.28
C TYR B 232 52.20 22.50 -3.90
N GLU B 233 53.49 22.63 -4.23
CA GLU B 233 53.97 23.87 -4.82
C GLU B 233 53.31 24.14 -6.17
N ARG B 234 53.11 23.09 -6.96
CA ARG B 234 52.46 23.24 -8.26
C ARG B 234 51.02 23.65 -8.06
N ALA B 235 50.36 23.03 -7.08
CA ALA B 235 48.96 23.32 -6.79
C ALA B 235 48.77 24.77 -6.34
N LEU B 236 49.66 25.25 -5.47
CA LEU B 236 49.57 26.62 -4.97
C LEU B 236 49.70 27.61 -6.14
N LYS B 237 50.65 27.34 -7.02
CA LYS B 237 50.88 28.20 -8.18
C LYS B 237 49.64 28.21 -9.07
N TRP B 238 49.06 27.02 -9.29
CA TRP B 238 47.87 26.87 -10.11
C TRP B 238 46.69 27.66 -9.54
N VAL B 239 46.53 27.59 -8.22
CA VAL B 239 45.45 28.31 -7.56
C VAL B 239 45.61 29.81 -7.74
N LYS B 240 46.82 30.31 -7.53
CA LYS B 240 47.09 31.73 -7.67
C LYS B 240 46.81 32.23 -9.08
N GLU B 241 47.08 31.38 -10.08
CA GLU B 241 46.88 31.74 -11.47
C GLU B 241 45.46 31.56 -12.01
N ASN B 242 44.73 30.60 -11.45
CA ASN B 242 43.39 30.29 -11.94
C ASN B 242 42.20 30.57 -11.02
N CYS B 243 42.44 30.67 -9.72
CA CYS B 243 41.36 30.92 -8.78
C CYS B 243 41.25 32.39 -8.40
N LYS B 244 40.27 33.06 -8.99
CA LYS B 244 40.04 34.49 -8.74
C LYS B 244 39.42 34.73 -7.37
N VAL B 245 40.03 35.64 -6.61
CA VAL B 245 39.53 35.98 -5.29
C VAL B 245 38.53 37.12 -5.39
N GLY B 246 37.32 36.88 -4.88
CA GLY B 246 36.29 37.89 -4.91
C GLY B 246 36.28 38.77 -3.68
N PRO B 247 35.38 39.77 -3.62
CA PRO B 247 35.26 40.70 -2.50
C PRO B 247 35.06 40.02 -1.14
N ASP B 248 35.67 40.60 -0.11
CA ASP B 248 35.56 40.08 1.25
C ASP B 248 34.32 40.75 1.87
N ASN B 249 33.34 39.95 2.25
CA ASN B 249 32.12 40.49 2.85
C ASN B 249 32.20 40.64 4.37
N ASN B 250 33.31 40.20 4.95
CA ASN B 250 33.50 40.32 6.39
C ASN B 250 33.75 41.78 6.72
N ARG B 251 33.02 42.33 7.67
CA ARG B 251 33.22 43.72 8.05
C ARG B 251 34.25 43.76 9.16
N ASP B 252 34.86 44.93 9.37
CA ASP B 252 35.88 45.08 10.40
C ASP B 252 35.58 44.34 11.69
N GLY B 253 36.60 43.62 12.17
CA GLY B 253 36.44 42.84 13.39
C GLY B 253 36.43 41.38 13.00
N PHE B 254 35.83 41.10 11.85
CA PHE B 254 35.74 39.73 11.34
C PHE B 254 36.66 39.51 10.16
N LYS B 255 37.27 40.58 9.66
CA LYS B 255 38.17 40.50 8.53
C LYS B 255 39.54 39.94 8.92
N ARG B 256 40.01 38.95 8.18
CA ARG B 256 41.31 38.35 8.46
C ARG B 256 42.38 39.16 7.74
N THR B 257 43.61 39.11 8.25
CA THR B 257 44.71 39.86 7.67
C THR B 257 45.22 39.28 6.36
N GLU B 258 46.07 40.04 5.68
CA GLU B 258 46.64 39.61 4.42
C GLU B 258 47.49 38.35 4.66
N GLU B 259 48.19 38.32 5.79
CA GLU B 259 49.03 37.19 6.12
C GLU B 259 48.16 35.96 6.39
N GLN B 260 47.10 36.14 7.14
CA GLN B 260 46.18 35.05 7.46
C GLN B 260 45.54 34.49 6.19
N LYS B 261 45.13 35.37 5.29
CA LYS B 261 44.50 34.95 4.06
C LYS B 261 45.45 34.13 3.19
N GLU B 262 46.74 34.44 3.25
CA GLU B 262 47.72 33.70 2.47
C GLU B 262 47.87 32.30 3.07
N LYS B 263 47.93 32.22 4.39
CA LYS B 263 48.05 30.94 5.07
C LYS B 263 46.77 30.11 4.86
N ASP B 264 45.63 30.79 4.75
CA ASP B 264 44.37 30.09 4.53
C ASP B 264 44.41 29.34 3.21
N TRP B 265 45.02 29.95 2.20
CA TRP B 265 45.15 29.32 0.90
C TRP B 265 46.10 28.12 0.96
N GLU B 266 47.23 28.31 1.62
CA GLU B 266 48.22 27.25 1.76
C GLU B 266 47.63 26.03 2.45
N ILE B 267 46.96 26.25 3.58
CA ILE B 267 46.36 25.15 4.32
C ILE B 267 45.21 24.53 3.53
N SER B 268 44.41 25.36 2.86
CA SER B 268 43.29 24.87 2.07
C SER B 268 43.76 23.90 0.98
N VAL B 269 44.90 24.20 0.36
CA VAL B 269 45.45 23.34 -0.67
C VAL B 269 45.99 22.04 -0.06
N LYS B 270 46.68 22.15 1.08
CA LYS B 270 47.22 20.97 1.74
C LYS B 270 46.07 20.05 2.15
N MET B 271 44.96 20.64 2.56
CA MET B 271 43.79 19.87 2.96
C MET B 271 43.29 19.04 1.78
N ALA B 272 43.27 19.64 0.60
CA ALA B 272 42.81 18.93 -0.60
C ALA B 272 43.71 17.73 -0.88
N LEU B 273 45.02 17.94 -0.80
CA LEU B 273 45.97 16.86 -1.04
C LEU B 273 45.80 15.72 -0.03
N ILE B 274 45.72 16.08 1.25
CA ILE B 274 45.57 15.10 2.32
C ILE B 274 44.27 14.31 2.19
N ALA B 275 43.16 14.99 1.87
CA ALA B 275 41.89 14.30 1.73
C ALA B 275 41.97 13.27 0.61
N ARG B 276 42.53 13.68 -0.52
CA ARG B 276 42.67 12.78 -1.66
C ARG B 276 43.59 11.61 -1.30
N ASP B 277 44.71 11.92 -0.64
CA ASP B 277 45.66 10.88 -0.25
C ASP B 277 45.00 9.87 0.68
N LEU B 278 44.10 10.35 1.53
CA LEU B 278 43.40 9.46 2.45
C LEU B 278 42.44 8.55 1.71
N MET B 279 41.79 9.06 0.67
CA MET B 279 40.83 8.28 -0.08
C MET B 279 41.44 7.19 -0.98
N VAL B 280 42.47 7.54 -1.73
CA VAL B 280 43.06 6.56 -2.67
C VAL B 280 44.54 6.28 -2.48
N GLY B 281 45.13 6.84 -1.42
CA GLY B 281 46.54 6.63 -1.16
C GLY B 281 47.42 7.47 -2.06
N ASN B 282 48.73 7.32 -1.91
CA ASN B 282 49.68 8.06 -2.72
C ASN B 282 51.02 7.36 -2.60
N LYS B 283 51.45 6.72 -3.68
CA LYS B 283 52.72 5.99 -3.67
C LYS B 283 53.92 6.86 -3.33
N LYS B 284 53.82 8.16 -3.59
CA LYS B 284 54.92 9.07 -3.28
C LYS B 284 55.29 9.05 -1.80
N LEU B 285 54.30 8.79 -0.95
CA LEU B 285 54.53 8.76 0.49
C LEU B 285 55.45 7.62 0.93
N GLU B 286 55.58 6.59 0.10
CA GLU B 286 56.44 5.47 0.44
C GLU B 286 57.91 5.87 0.52
N GLU B 287 58.40 6.55 -0.51
CA GLU B 287 59.80 6.97 -0.50
C GLU B 287 60.05 8.03 0.57
N MET B 288 58.98 8.66 1.05
CA MET B 288 59.11 9.69 2.06
C MET B 288 59.17 9.11 3.47
N GLY B 289 59.00 7.79 3.58
CA GLY B 289 59.04 7.15 4.88
C GLY B 289 57.68 7.09 5.56
N TYR B 290 56.62 7.19 4.77
CA TYR B 290 55.26 7.12 5.30
C TYR B 290 54.47 6.04 4.57
N GLY B 291 55.01 4.82 4.65
CA GLY B 291 54.40 3.68 3.99
C GLY B 291 52.96 3.35 4.33
N GLU B 292 52.59 3.45 5.61
CA GLU B 292 51.22 3.15 5.98
C GLU B 292 50.26 4.16 5.35
N GLU B 293 50.60 5.43 5.48
CA GLU B 293 49.79 6.51 4.93
C GLU B 293 49.66 6.38 3.40
N ALA B 294 50.71 5.87 2.77
CA ALA B 294 50.71 5.70 1.32
C ALA B 294 49.60 4.79 0.81
N LEU B 295 49.18 3.84 1.63
CA LEU B 295 48.16 2.88 1.26
C LEU B 295 46.78 3.48 0.95
N GLY B 296 46.34 4.43 1.77
CA GLY B 296 45.02 5.01 1.55
C GLY B 296 43.95 4.12 2.15
N ARG B 297 42.70 4.58 2.14
CA ARG B 297 41.61 3.80 2.73
C ARG B 297 40.66 3.16 1.72
N ASN B 298 41.09 3.10 0.46
CA ASN B 298 40.31 2.50 -0.63
C ASN B 298 38.87 2.99 -0.59
N ALA B 299 38.71 4.30 -0.47
CA ALA B 299 37.38 4.91 -0.37
C ALA B 299 36.88 5.51 -1.67
N ILE B 300 35.73 5.02 -2.14
CA ILE B 300 35.13 5.52 -3.37
C ILE B 300 34.28 6.75 -3.04
N VAL B 301 34.13 7.02 -1.74
CA VAL B 301 33.38 8.17 -1.27
C VAL B 301 33.83 8.49 0.16
N ALA B 302 33.83 9.77 0.52
CA ALA B 302 34.25 10.16 1.85
C ALA B 302 33.56 11.47 2.25
N GLY B 303 33.77 11.87 3.50
CA GLY B 303 33.17 13.09 4.00
C GLY B 303 34.08 13.77 4.99
N PHE B 304 33.90 15.07 5.20
CA PHE B 304 34.73 15.86 6.12
C PHE B 304 33.79 16.62 7.05
N GLN B 305 33.86 16.33 8.34
CA GLN B 305 32.99 17.00 9.31
C GLN B 305 33.07 18.52 9.22
N GLY B 306 34.28 19.06 9.37
CA GLY B 306 34.44 20.50 9.29
C GLY B 306 33.86 21.20 10.52
N GLN B 307 32.69 21.82 10.36
CA GLN B 307 32.05 22.51 11.48
C GLN B 307 31.61 21.46 12.50
N ARG B 308 31.72 21.75 13.80
CA ARG B 308 32.21 23.02 14.34
C ARG B 308 33.69 22.98 14.77
N GLN B 309 34.17 21.82 15.17
CA GLN B 309 35.53 21.68 15.68
C GLN B 309 36.69 22.14 14.81
N TRP B 310 36.71 21.73 13.55
CA TRP B 310 37.81 22.13 12.69
C TRP B 310 37.76 23.59 12.30
N THR B 311 36.59 24.04 11.86
CA THR B 311 36.42 25.42 11.42
C THR B 311 36.51 26.48 12.50
N ASP B 312 36.37 26.09 13.76
CA ASP B 312 36.47 27.07 14.85
C ASP B 312 37.92 27.52 15.01
N TYR B 313 38.85 26.85 14.32
CA TYR B 313 40.25 27.21 14.45
C TYR B 313 41.06 27.20 13.15
N PHE B 314 40.75 26.27 12.26
CA PHE B 314 41.46 26.12 10.99
C PHE B 314 40.63 26.57 9.79
N PRO B 315 41.29 26.78 8.64
CA PRO B 315 40.59 27.20 7.41
C PRO B 315 39.55 26.12 7.08
N ASN B 316 38.37 26.52 6.62
CA ASN B 316 37.33 25.55 6.34
C ASN B 316 37.59 24.62 5.15
N GLY B 317 36.69 23.64 4.99
CA GLY B 317 36.85 22.68 3.92
C GLY B 317 36.21 23.05 2.58
N ASP B 318 35.83 24.31 2.41
CA ASP B 318 35.20 24.72 1.16
C ASP B 318 36.04 24.44 -0.09
N PHE B 319 37.31 24.86 -0.08
CA PHE B 319 38.15 24.65 -1.25
C PHE B 319 38.38 23.16 -1.50
N MET B 320 38.71 22.43 -0.44
CA MET B 320 38.94 21.00 -0.53
C MET B 320 37.71 20.29 -1.10
N GLU B 321 36.55 20.61 -0.54
CA GLU B 321 35.30 20.00 -0.98
C GLU B 321 34.92 20.41 -2.40
N THR B 322 35.30 21.62 -2.78
CA THR B 322 35.02 22.12 -4.11
C THR B 322 35.90 21.43 -5.14
N ILE B 323 37.20 21.43 -4.90
CA ILE B 323 38.14 20.85 -5.85
C ILE B 323 38.04 19.33 -6.02
N LEU B 324 37.91 18.59 -4.93
CA LEU B 324 37.82 17.14 -5.05
C LEU B 324 36.64 16.70 -5.91
N ASN B 325 35.50 17.35 -5.71
CA ASN B 325 34.30 17.01 -6.46
C ASN B 325 34.31 17.49 -7.91
N SER B 326 35.25 18.38 -8.25
CA SER B 326 35.36 18.90 -9.61
C SER B 326 36.00 17.86 -10.53
N SER B 327 35.86 18.07 -11.84
CA SER B 327 36.42 17.17 -12.84
C SER B 327 37.80 17.61 -13.32
N PHE B 328 38.46 18.46 -12.55
CA PHE B 328 39.77 18.93 -12.94
C PHE B 328 40.44 19.73 -11.82
N ASP B 329 41.76 19.82 -11.89
CA ASP B 329 42.54 20.59 -10.93
C ASP B 329 43.92 20.85 -11.50
N TRP B 330 44.88 21.15 -10.64
CA TRP B 330 46.25 21.44 -11.07
C TRP B 330 46.95 20.30 -11.81
N ASN B 331 46.41 19.10 -11.69
CA ASN B 331 47.00 17.95 -12.37
C ASN B 331 46.28 17.64 -13.69
N GLY B 332 45.32 18.48 -14.04
CA GLY B 332 44.59 18.28 -15.28
C GLY B 332 43.20 17.71 -15.06
N LYS B 333 42.51 17.34 -16.14
CA LYS B 333 41.17 16.77 -16.02
C LYS B 333 41.26 15.39 -15.41
N ARG B 334 40.28 15.05 -14.58
CA ARG B 334 40.26 13.76 -13.91
C ARG B 334 38.87 13.45 -13.39
N ALA B 335 38.67 12.21 -12.96
CA ALA B 335 37.38 11.83 -12.42
C ALA B 335 37.26 12.51 -11.06
N PRO B 336 36.04 12.90 -10.68
CA PRO B 336 35.84 13.54 -9.38
C PRO B 336 36.13 12.54 -8.26
N TYR B 337 36.29 13.06 -7.05
CA TYR B 337 36.46 12.23 -5.86
C TYR B 337 35.20 12.65 -5.11
N ILE B 338 34.22 11.76 -5.01
CA ILE B 338 32.96 12.09 -4.35
C ILE B 338 33.24 12.36 -2.87
N PHE B 339 33.05 13.61 -2.48
CA PHE B 339 33.38 14.06 -1.13
C PHE B 339 32.25 14.88 -0.50
N ALA B 340 31.77 14.42 0.66
CA ALA B 340 30.66 15.07 1.33
C ALA B 340 30.99 16.14 2.35
N THR B 341 30.32 17.29 2.19
CA THR B 341 30.46 18.41 3.10
C THR B 341 29.78 17.99 4.41
N GLU B 342 30.25 18.50 5.54
CA GLU B 342 29.68 18.18 6.85
C GLU B 342 29.57 16.69 7.14
N ASN B 343 30.47 15.92 6.54
CA ASN B 343 30.53 14.46 6.71
C ASN B 343 29.16 13.83 6.58
N ASP B 344 28.32 14.40 5.72
CA ASP B 344 26.97 13.87 5.50
C ASP B 344 27.12 12.66 4.58
N ASN B 345 27.34 11.49 5.18
CA ASN B 345 27.54 10.28 4.37
C ASN B 345 26.34 9.91 3.53
N LEU B 346 25.13 10.24 3.99
CA LEU B 346 23.95 9.91 3.20
C LEU B 346 23.89 10.80 1.96
N ASN B 347 24.38 12.03 2.05
CA ASN B 347 24.38 12.88 0.86
C ASN B 347 25.53 12.40 -0.01
N GLY B 348 26.58 11.87 0.63
CA GLY B 348 27.71 11.37 -0.11
C GLY B 348 27.28 10.20 -0.97
N ILE B 349 26.45 9.33 -0.41
CA ILE B 349 25.96 8.18 -1.17
C ILE B 349 24.98 8.64 -2.25
N SER B 350 24.18 9.65 -1.94
CA SER B 350 23.23 10.20 -2.92
C SER B 350 24.04 10.68 -4.12
N MET B 351 25.15 11.36 -3.84
CA MET B 351 26.04 11.85 -4.88
C MET B 351 26.68 10.68 -5.63
N LEU B 352 27.13 9.67 -4.88
CA LEU B 352 27.77 8.52 -5.49
C LEU B 352 26.85 7.78 -6.47
N PHE B 353 25.58 7.66 -6.12
CA PHE B 353 24.61 6.99 -7.00
C PHE B 353 24.57 7.71 -8.35
N GLY B 354 24.38 9.03 -8.31
CA GLY B 354 24.31 9.79 -9.53
C GLY B 354 25.62 9.75 -10.31
N TYR B 355 26.73 9.80 -9.59
CA TYR B 355 28.03 9.76 -10.22
C TYR B 355 28.28 8.44 -10.96
N LEU B 356 28.02 7.33 -10.27
CA LEU B 356 28.26 6.03 -10.89
C LEU B 356 27.34 5.73 -12.06
N LEU B 357 26.22 6.46 -12.15
CA LEU B 357 25.27 6.26 -13.24
C LEU B 357 25.57 7.18 -14.43
N THR B 358 26.35 8.23 -14.20
CA THR B 358 26.62 9.23 -15.24
C THR B 358 28.09 9.56 -15.53
N ASN B 359 28.97 9.28 -14.56
CA ASN B 359 30.40 9.59 -14.66
C ASN B 359 30.62 11.10 -14.63
N THR B 360 29.63 11.84 -14.15
CA THR B 360 29.72 13.30 -14.07
C THR B 360 29.78 13.80 -12.63
N ALA B 361 30.44 14.93 -12.43
CA ALA B 361 30.55 15.53 -11.10
C ALA B 361 29.16 15.82 -10.55
N GLN B 362 28.99 15.61 -9.24
CA GLN B 362 27.71 15.82 -8.59
C GLN B 362 27.79 17.04 -7.67
N ILE B 363 26.69 17.78 -7.57
CA ILE B 363 26.67 18.99 -6.75
C ILE B 363 26.02 18.81 -5.39
N PHE B 364 26.80 19.06 -4.34
CA PHE B 364 26.31 18.98 -2.97
C PHE B 364 25.61 20.31 -2.73
N ALA B 365 24.40 20.27 -2.17
CA ALA B 365 23.69 21.52 -1.92
C ALA B 365 22.72 21.49 -0.76
N ASP B 366 22.47 22.67 -0.19
CA ASP B 366 21.51 22.83 0.88
C ASP B 366 20.21 23.17 0.15
N VAL B 367 19.09 22.65 0.63
CA VAL B 367 17.79 22.99 0.05
C VAL B 367 17.47 24.19 0.95
N ARG B 368 17.97 25.35 0.51
CA ARG B 368 17.89 26.59 1.28
C ARG B 368 16.59 27.38 1.36
N THR B 369 15.96 27.66 0.23
CA THR B 369 14.73 28.45 0.27
C THR B 369 13.75 28.15 -0.84
N TYR B 370 12.46 28.16 -0.51
CA TYR B 370 11.43 27.99 -1.52
C TYR B 370 10.96 29.41 -1.74
N TRP B 371 11.05 29.88 -2.99
CA TRP B 371 10.60 31.22 -3.35
C TRP B 371 9.32 31.14 -4.16
N SER B 372 8.21 31.50 -3.54
CA SER B 372 6.92 31.47 -4.22
C SER B 372 6.80 32.66 -5.15
N PRO B 373 5.89 32.59 -6.14
CA PRO B 373 5.74 33.72 -7.05
C PRO B 373 5.40 34.99 -6.25
N GLU B 374 4.58 34.82 -5.21
CA GLU B 374 4.17 35.95 -4.38
C GLU B 374 5.36 36.58 -3.65
N ALA B 375 6.23 35.73 -3.11
CA ALA B 375 7.40 36.21 -2.39
C ALA B 375 8.37 36.95 -3.30
N VAL B 376 8.61 36.41 -4.48
CA VAL B 376 9.53 37.05 -5.43
C VAL B 376 8.95 38.39 -5.85
N LYS B 377 7.65 38.43 -6.10
CA LYS B 377 6.99 39.68 -6.51
C LYS B 377 7.08 40.72 -5.40
N ARG B 378 6.85 40.29 -4.17
CA ARG B 378 6.89 41.21 -3.02
C ARG B 378 8.27 41.79 -2.80
N VAL B 379 9.29 40.93 -2.90
CA VAL B 379 10.67 41.35 -2.67
C VAL B 379 11.37 42.05 -3.82
N THR B 380 11.02 41.69 -5.05
CA THR B 380 11.69 42.29 -6.20
C THR B 380 10.78 43.01 -7.20
N GLY B 381 9.47 42.81 -7.07
CA GLY B 381 8.52 43.43 -7.97
C GLY B 381 8.47 42.71 -9.31
N TYR B 382 9.19 41.60 -9.39
CA TYR B 382 9.24 40.80 -10.62
C TYR B 382 8.32 39.60 -10.57
N THR B 383 7.66 39.32 -11.69
CA THR B 383 6.75 38.18 -11.81
C THR B 383 7.51 37.05 -12.50
N LEU B 384 7.69 35.93 -11.80
CA LEU B 384 8.40 34.78 -12.36
C LEU B 384 7.74 34.35 -13.67
N GLU B 385 8.57 34.01 -14.67
CA GLU B 385 8.08 33.61 -15.98
C GLU B 385 8.52 32.20 -16.39
N GLY B 386 7.94 31.72 -17.48
CA GLY B 386 8.29 30.41 -18.01
C GLY B 386 8.28 29.28 -17.01
N ARG B 387 9.34 28.47 -17.03
CA ARG B 387 9.44 27.33 -16.13
C ARG B 387 9.39 27.73 -14.66
N ALA B 388 9.84 28.94 -14.35
CA ALA B 388 9.85 29.42 -12.98
C ALA B 388 8.54 30.06 -12.52
N ALA B 389 7.57 30.13 -13.43
CA ALA B 389 6.27 30.76 -13.14
C ALA B 389 5.53 30.28 -11.90
N ASN B 390 5.77 29.04 -11.48
CA ASN B 390 5.08 28.50 -10.31
C ASN B 390 5.95 28.45 -9.05
N GLY B 391 7.10 29.12 -9.09
CA GLY B 391 7.97 29.13 -7.94
C GLY B 391 9.32 28.49 -8.23
N ILE B 392 10.31 28.79 -7.41
CA ILE B 392 11.65 28.25 -7.59
C ILE B 392 12.26 27.84 -6.25
N ILE B 393 13.24 26.96 -6.30
CA ILE B 393 13.92 26.48 -5.10
C ILE B 393 15.40 26.87 -5.19
N HIS B 394 15.89 27.51 -4.13
CA HIS B 394 17.28 27.95 -4.07
C HIS B 394 18.14 26.83 -3.49
N LEU B 395 18.99 26.27 -4.34
CA LEU B 395 19.90 25.20 -3.92
C LEU B 395 21.27 25.84 -3.79
N ILE B 396 21.83 25.78 -2.59
CA ILE B 396 23.10 26.42 -2.32
C ILE B 396 23.80 25.83 -1.09
N ASN B 397 24.91 25.14 -1.32
CA ASN B 397 25.66 24.52 -0.23
C ASN B 397 26.37 25.59 0.59
N SER B 398 26.83 25.22 1.78
CA SER B 398 27.50 26.15 2.68
C SER B 398 28.93 26.54 2.28
N GLY B 399 29.11 26.90 1.01
CA GLY B 399 30.42 27.33 0.55
C GLY B 399 31.21 26.45 -0.39
N ALA B 400 30.74 25.23 -0.64
CA ALA B 400 31.46 24.31 -1.52
C ALA B 400 30.57 23.67 -2.58
N ALA B 401 31.12 23.52 -3.78
CA ALA B 401 30.41 22.91 -4.89
C ALA B 401 31.38 22.69 -6.05
N ALA B 402 31.24 21.55 -6.74
CA ALA B 402 32.10 21.24 -7.87
C ALA B 402 32.02 22.41 -8.86
N LEU B 403 33.16 22.79 -9.42
CA LEU B 403 33.18 23.90 -10.38
C LEU B 403 32.34 23.56 -11.59
N ASP B 404 32.07 22.27 -11.78
CA ASP B 404 31.24 21.81 -12.88
C ASP B 404 29.85 22.42 -12.71
N GLY B 405 29.51 22.76 -11.47
CA GLY B 405 28.21 23.32 -11.16
C GLY B 405 27.91 24.66 -11.82
N THR B 406 28.94 25.30 -12.34
CA THR B 406 28.75 26.58 -13.01
C THR B 406 27.85 26.41 -14.23
N GLY B 407 27.87 25.22 -14.81
CA GLY B 407 27.07 24.97 -15.99
C GLY B 407 27.71 25.59 -17.22
N GLU B 408 29.00 25.93 -17.11
CA GLU B 408 29.73 26.54 -18.21
C GLU B 408 30.16 25.52 -19.27
N GLN B 409 30.22 24.25 -18.88
CA GLN B 409 30.58 23.21 -19.84
C GLN B 409 29.46 23.20 -20.88
N THR B 410 29.82 23.05 -22.14
CA THR B 410 28.83 23.12 -23.20
C THR B 410 28.87 22.01 -24.25
N LYS B 411 27.68 21.55 -24.64
CA LYS B 411 27.54 20.52 -25.65
C LYS B 411 26.37 20.93 -26.55
N ASP B 412 26.65 21.13 -27.83
CA ASP B 412 25.61 21.51 -28.78
C ASP B 412 24.98 22.84 -28.38
N GLY B 413 25.80 23.74 -27.82
CA GLY B 413 25.32 25.04 -27.41
C GLY B 413 24.43 25.06 -26.18
N LYS B 414 24.41 23.96 -25.44
CA LYS B 414 23.59 23.86 -24.24
C LYS B 414 24.45 23.61 -23.00
N PRO B 415 24.03 24.15 -21.84
CA PRO B 415 24.78 23.97 -20.59
C PRO B 415 24.63 22.54 -20.07
N VAL B 416 25.75 21.93 -19.74
CA VAL B 416 25.73 20.55 -19.23
C VAL B 416 26.89 20.34 -18.28
N ILE B 417 26.98 19.13 -17.77
CA ILE B 417 28.09 18.70 -16.95
C ILE B 417 28.47 17.43 -17.68
N LYS B 418 29.70 17.37 -18.16
CA LYS B 418 30.16 16.21 -18.91
C LYS B 418 31.17 15.38 -18.13
N PRO B 419 31.34 14.11 -18.53
CA PRO B 419 32.31 13.26 -17.84
C PRO B 419 33.65 13.94 -18.14
N TYR B 420 34.58 13.90 -17.20
CA TYR B 420 35.87 14.56 -17.41
C TYR B 420 36.56 14.20 -18.72
N TYR B 421 36.44 12.96 -19.15
CA TYR B 421 37.09 12.54 -20.39
C TYR B 421 36.52 13.15 -21.66
N GLU B 422 35.48 13.97 -21.53
CA GLU B 422 34.88 14.64 -22.69
C GLU B 422 35.11 16.14 -22.62
N LEU B 423 35.75 16.60 -21.54
CA LEU B 423 36.01 18.03 -21.35
C LEU B 423 36.99 18.63 -22.35
N THR B 424 36.71 19.86 -22.77
CA THR B 424 37.60 20.57 -23.68
C THR B 424 38.34 21.57 -22.80
N ASP B 425 39.44 22.12 -23.28
CA ASP B 425 40.17 23.09 -22.49
C ASP B 425 39.29 24.30 -22.24
N GLU B 426 38.46 24.65 -23.21
CA GLU B 426 37.56 25.79 -23.06
C GLU B 426 36.53 25.56 -21.97
N ASP B 427 35.99 24.33 -21.89
CA ASP B 427 35.00 24.01 -20.87
C ASP B 427 35.56 24.33 -19.50
N ILE B 428 36.78 23.85 -19.27
CA ILE B 428 37.47 24.04 -18.00
C ILE B 428 37.77 25.50 -17.71
N LYS B 429 38.29 26.22 -18.70
CA LYS B 429 38.62 27.61 -18.51
C LYS B 429 37.38 28.42 -18.14
N LYS B 430 36.27 28.14 -18.83
CA LYS B 430 35.01 28.84 -18.58
C LYS B 430 34.48 28.57 -17.18
N CYS B 431 34.65 27.34 -16.70
CA CYS B 431 34.18 26.99 -15.35
C CYS B 431 34.92 27.83 -14.32
N LEU B 432 36.23 27.97 -14.51
CA LEU B 432 37.06 28.75 -13.60
C LEU B 432 36.74 30.24 -13.68
N GLU B 433 36.56 30.74 -14.90
CA GLU B 433 36.27 32.16 -15.09
C GLU B 433 34.92 32.57 -14.49
N ALA B 434 33.98 31.64 -14.43
CA ALA B 434 32.66 31.93 -13.89
C ALA B 434 32.59 31.77 -12.37
N THR B 435 33.73 31.46 -11.77
CA THR B 435 33.81 31.26 -10.33
C THR B 435 34.69 32.29 -9.61
N GLN B 436 34.25 32.70 -8.43
CA GLN B 436 35.00 33.63 -7.60
C GLN B 436 35.16 32.97 -6.24
N PHE B 437 36.36 33.06 -5.66
CA PHE B 437 36.59 32.48 -4.35
C PHE B 437 36.54 33.62 -3.34
N ARG B 438 35.64 33.49 -2.38
CA ARG B 438 35.42 34.54 -1.38
C ARG B 438 35.93 34.19 0.02
N PRO B 439 36.56 35.16 0.69
CA PRO B 439 37.05 34.89 2.05
C PRO B 439 35.85 34.42 2.88
N ALA B 440 36.00 33.30 3.57
CA ALA B 440 34.92 32.75 4.37
C ALA B 440 34.40 33.70 5.45
N SER B 441 33.11 33.59 5.74
CA SER B 441 32.48 34.43 6.77
C SER B 441 33.00 33.93 8.11
N THR B 442 33.80 34.76 8.79
CA THR B 442 34.36 34.36 10.08
C THR B 442 33.36 34.21 11.21
N GLU B 443 32.15 34.72 11.04
CA GLU B 443 31.14 34.58 12.08
C GLU B 443 30.74 33.11 12.15
N TYR B 444 30.84 32.43 11.01
CA TYR B 444 30.51 31.01 10.91
C TYR B 444 31.79 30.17 10.91
N PHE B 445 32.76 30.59 10.11
CA PHE B 445 34.04 29.91 9.95
C PHE B 445 35.18 30.74 10.54
N ARG B 446 35.36 30.64 11.84
CA ARG B 446 36.38 31.40 12.56
C ARG B 446 37.80 31.23 12.05
N GLY B 447 38.11 30.06 11.51
CA GLY B 447 39.46 29.79 11.01
C GLY B 447 39.75 30.28 9.61
N GLY B 448 38.76 30.90 8.96
CA GLY B 448 38.99 31.39 7.61
C GLY B 448 38.70 30.36 6.53
N GLY B 449 39.27 30.59 5.35
CA GLY B 449 39.05 29.70 4.23
C GLY B 449 38.47 30.47 3.06
N TYR B 450 38.09 29.76 2.00
CA TYR B 450 37.52 30.42 0.83
C TYR B 450 36.31 29.67 0.29
N SER B 451 35.18 30.37 0.19
CA SER B 451 33.96 29.76 -0.31
C SER B 451 33.83 29.93 -1.81
N THR B 452 33.11 29.00 -2.45
CA THR B 452 32.91 29.00 -3.88
C THR B 452 31.66 29.77 -4.29
N ASP B 453 31.86 30.82 -5.08
CA ASP B 453 30.77 31.66 -5.55
C ASP B 453 30.57 31.61 -7.06
N PHE B 454 29.44 31.03 -7.47
CA PHE B 454 29.09 30.97 -8.88
C PHE B 454 27.57 30.90 -9.03
N LEU B 455 27.09 31.00 -10.26
CA LEU B 455 25.68 30.95 -10.56
C LEU B 455 25.46 29.97 -11.70
N THR B 456 24.81 28.85 -11.41
CA THR B 456 24.57 27.84 -12.42
C THR B 456 23.73 28.39 -13.57
N LYS B 457 24.20 28.18 -14.80
CA LYS B 457 23.46 28.65 -15.97
C LYS B 457 22.11 27.95 -16.01
N GLY B 458 21.08 28.66 -16.48
CA GLY B 458 19.76 28.08 -16.55
C GLY B 458 19.45 27.28 -17.80
N GLY B 459 18.33 26.57 -17.77
CA GLY B 459 17.91 25.77 -18.91
C GLY B 459 18.49 24.37 -18.94
N MET B 460 19.28 24.03 -17.93
CA MET B 460 19.90 22.71 -17.86
C MET B 460 19.06 21.65 -17.16
N PRO B 461 18.82 20.51 -17.82
CA PRO B 461 18.03 19.48 -17.16
C PRO B 461 18.86 18.90 -16.01
N VAL B 462 18.23 18.72 -14.86
CA VAL B 462 18.93 18.19 -13.69
C VAL B 462 18.03 17.28 -12.88
N THR B 463 18.63 16.55 -11.96
CA THR B 463 17.89 15.66 -11.08
C THR B 463 18.48 15.81 -9.68
N ILE B 464 17.64 16.14 -8.71
CA ILE B 464 18.13 16.24 -7.34
C ILE B 464 17.62 14.99 -6.65
N SER B 465 18.38 14.48 -5.70
CA SER B 465 17.96 13.29 -4.99
C SER B 465 18.53 13.29 -3.59
N ARG B 466 17.95 12.47 -2.73
CA ARG B 466 18.39 12.38 -1.35
C ARG B 466 18.04 11.04 -0.75
N LEU B 467 19.04 10.42 -0.13
CA LEU B 467 18.86 9.14 0.54
C LEU B 467 18.73 9.46 2.03
N ASN B 468 17.73 8.86 2.66
CA ASN B 468 17.52 9.06 4.09
C ASN B 468 17.39 7.69 4.74
N ILE B 469 17.64 7.63 6.04
CA ILE B 469 17.49 6.38 6.77
C ILE B 469 16.45 6.68 7.84
N VAL B 470 15.34 5.94 7.76
CA VAL B 470 14.21 6.15 8.65
C VAL B 470 13.96 4.95 9.55
N LYS B 471 13.87 5.20 10.85
CA LYS B 471 13.64 4.13 11.81
C LYS B 471 12.36 3.38 11.45
N GLY B 472 12.45 2.05 11.45
CA GLY B 472 11.29 1.23 11.13
C GLY B 472 11.15 0.98 9.64
N LEU B 473 12.04 1.56 8.86
CA LEU B 473 12.00 1.41 7.41
C LEU B 473 13.36 1.10 6.82
N GLY B 474 14.38 1.85 7.26
CA GLY B 474 15.72 1.67 6.74
C GLY B 474 15.97 2.74 5.69
N PRO B 475 16.82 2.48 4.68
CA PRO B 475 17.09 3.48 3.65
C PRO B 475 15.88 3.72 2.75
N VAL B 476 15.74 4.97 2.31
CA VAL B 476 14.62 5.34 1.43
C VAL B 476 15.11 6.51 0.58
N LEU B 477 14.81 6.44 -0.72
CA LEU B 477 15.27 7.44 -1.67
C LEU B 477 14.19 8.33 -2.27
N GLN B 478 14.49 9.63 -2.37
CA GLN B 478 13.56 10.58 -2.99
C GLN B 478 14.28 11.23 -4.17
N ILE B 479 13.52 11.48 -5.22
CA ILE B 479 14.04 12.01 -6.47
C ILE B 479 13.16 13.12 -7.04
N ALA B 480 13.78 14.12 -7.64
CA ALA B 480 13.03 15.21 -8.26
C ALA B 480 13.74 15.70 -9.51
N GLU B 481 13.24 15.30 -10.68
CA GLU B 481 13.83 15.76 -11.94
C GLU B 481 13.31 17.16 -12.21
N GLY B 482 14.09 17.96 -12.92
CA GLY B 482 13.66 19.30 -13.21
C GLY B 482 14.67 20.04 -14.06
N TYR B 483 14.72 21.36 -13.91
CA TYR B 483 15.66 22.19 -14.65
C TYR B 483 16.18 23.33 -13.82
N THR B 484 17.33 23.85 -14.22
CA THR B 484 17.89 25.02 -13.55
C THR B 484 17.25 26.15 -14.34
N VAL B 485 17.15 27.33 -13.75
CA VAL B 485 16.55 28.45 -14.45
C VAL B 485 17.39 29.70 -14.29
N ASP B 486 17.18 30.66 -15.20
CA ASP B 486 17.86 31.93 -15.16
C ASP B 486 16.86 32.95 -14.65
N LEU B 487 17.34 33.89 -13.83
CA LEU B 487 16.49 34.96 -13.32
C LEU B 487 17.15 36.23 -13.83
N PRO B 488 16.37 37.31 -13.97
CA PRO B 488 17.03 38.53 -14.46
C PRO B 488 18.13 38.86 -13.45
N GLU B 489 19.26 39.37 -13.94
CA GLU B 489 20.37 39.69 -13.05
C GLU B 489 19.97 40.48 -11.80
N GLU B 490 19.15 41.50 -11.98
CA GLU B 490 18.71 42.34 -10.87
C GLU B 490 17.90 41.56 -9.84
N VAL B 491 17.12 40.59 -10.33
CA VAL B 491 16.29 39.75 -9.46
C VAL B 491 17.19 38.80 -8.69
N HIS B 492 18.08 38.12 -9.40
CA HIS B 492 19.01 37.19 -8.75
C HIS B 492 19.80 37.93 -7.68
N ASP B 493 20.33 39.11 -8.02
CA ASP B 493 21.12 39.86 -7.07
C ASP B 493 20.38 40.14 -5.77
N VAL B 494 19.12 40.54 -5.86
CA VAL B 494 18.35 40.83 -4.66
C VAL B 494 18.13 39.59 -3.80
N LEU B 495 17.69 38.50 -4.41
CA LEU B 495 17.44 37.27 -3.66
C LEU B 495 18.75 36.73 -3.10
N ASP B 496 19.82 36.83 -3.89
CA ASP B 496 21.14 36.33 -3.51
C ASP B 496 21.75 37.11 -2.34
N LYS B 497 21.72 38.44 -2.41
CA LYS B 497 22.30 39.27 -1.36
C LYS B 497 21.70 39.07 0.03
N ARG B 498 20.42 38.76 0.10
CA ARG B 498 19.77 38.56 1.40
C ARG B 498 19.84 37.11 1.89
N THR B 499 20.55 36.26 1.18
CA THR B 499 20.69 34.87 1.57
C THR B 499 22.15 34.58 1.97
N ASP B 500 22.98 34.25 0.99
CA ASP B 500 24.41 34.00 1.23
C ASP B 500 25.15 34.13 -0.11
N PRO B 501 25.40 35.37 -0.54
CA PRO B 501 26.08 35.68 -1.80
C PRO B 501 27.51 35.16 -1.98
N THR B 502 28.14 34.68 -0.92
CA THR B 502 29.49 34.15 -1.05
C THR B 502 29.49 32.65 -1.29
N TRP B 503 28.28 32.08 -1.37
CA TRP B 503 28.11 30.65 -1.61
C TRP B 503 27.59 30.41 -3.03
N PRO B 504 27.67 29.17 -3.53
CA PRO B 504 27.22 28.82 -4.89
C PRO B 504 25.71 28.65 -5.06
N THR B 505 25.15 29.32 -6.05
CA THR B 505 23.71 29.27 -6.31
C THR B 505 23.25 28.52 -7.55
N THR B 506 22.19 27.74 -7.36
CA THR B 506 21.55 27.00 -8.44
C THR B 506 20.06 27.24 -8.23
N TRP B 507 19.38 27.82 -9.23
CA TRP B 507 17.95 28.04 -9.13
C TRP B 507 17.29 26.84 -9.79
N PHE B 508 16.53 26.09 -8.99
CA PHE B 508 15.89 24.86 -9.45
C PHE B 508 14.37 24.87 -9.49
N VAL B 509 13.83 24.26 -10.54
CA VAL B 509 12.39 24.12 -10.71
C VAL B 509 12.12 22.65 -10.98
N PRO B 510 11.38 21.98 -10.09
CA PRO B 510 11.07 20.56 -10.28
C PRO B 510 9.91 20.37 -11.24
N ASN B 511 9.94 19.26 -11.98
CA ASN B 511 8.83 18.96 -12.89
C ASN B 511 7.64 18.62 -12.00
N LEU B 512 6.47 19.12 -12.35
CA LEU B 512 5.27 18.87 -11.56
C LEU B 512 4.37 17.82 -12.24
N THR B 513 3.61 17.11 -11.42
CA THR B 513 2.72 16.07 -11.91
C THR B 513 1.28 16.34 -11.49
N GLY B 514 1.08 17.33 -10.62
CA GLY B 514 -0.25 17.64 -10.15
C GLY B 514 -0.78 16.57 -9.23
N GLU B 515 0.12 15.73 -8.71
CA GLU B 515 -0.25 14.65 -7.81
C GLU B 515 0.89 14.36 -6.83
N GLY B 516 0.61 13.55 -5.82
CA GLY B 516 1.62 13.21 -4.84
C GLY B 516 2.28 14.43 -4.23
N ALA B 517 3.60 14.42 -4.16
CA ALA B 517 4.37 15.51 -3.60
C ALA B 517 4.78 16.49 -4.69
N PHE B 518 4.22 16.30 -5.88
CA PHE B 518 4.54 17.17 -7.01
C PHE B 518 3.36 17.95 -7.55
N LYS B 519 2.46 18.32 -6.65
CA LYS B 519 1.27 19.10 -7.01
C LYS B 519 1.71 20.54 -7.31
N ASP B 520 2.72 21.00 -6.59
CA ASP B 520 3.25 22.34 -6.78
C ASP B 520 4.70 22.37 -6.28
N VAL B 521 5.42 23.44 -6.59
CA VAL B 521 6.82 23.55 -6.19
C VAL B 521 6.97 23.53 -4.67
N TYR B 522 6.03 24.17 -3.97
CA TYR B 522 6.08 24.20 -2.50
C TYR B 522 6.09 22.78 -1.94
N SER B 523 5.22 21.92 -2.47
CA SER B 523 5.11 20.55 -2.00
C SER B 523 6.39 19.75 -2.17
N VAL B 524 7.14 20.04 -3.22
CA VAL B 524 8.39 19.33 -3.45
C VAL B 524 9.36 19.63 -2.30
N MET B 525 9.48 20.90 -1.94
CA MET B 525 10.37 21.23 -0.85
C MET B 525 9.82 20.80 0.51
N ASN B 526 8.51 20.98 0.71
CA ASN B 526 7.90 20.61 1.97
C ASN B 526 8.06 19.13 2.25
N ASN B 527 8.19 18.34 1.18
CA ASN B 527 8.35 16.90 1.31
C ASN B 527 9.79 16.42 1.26
N TRP B 528 10.75 17.32 1.12
CA TRP B 528 12.14 16.89 1.10
C TRP B 528 12.46 16.43 2.53
N GLY B 529 13.12 15.28 2.65
CA GLY B 529 13.40 14.71 3.96
C GLY B 529 14.67 15.08 4.70
N ALA B 530 15.42 16.05 4.17
CA ALA B 530 16.66 16.47 4.80
C ALA B 530 16.99 17.88 4.33
N ASN B 531 18.01 18.48 4.95
CA ASN B 531 18.41 19.83 4.57
C ASN B 531 19.34 19.84 3.36
N HIS B 532 19.80 18.66 2.96
CA HIS B 532 20.71 18.52 1.84
C HIS B 532 20.16 17.69 0.69
N CYS B 533 20.77 17.84 -0.48
CA CYS B 533 20.41 17.06 -1.65
C CYS B 533 21.64 17.00 -2.55
N SER B 534 21.57 16.15 -3.56
CA SER B 534 22.64 16.02 -4.53
C SER B 534 22.04 16.35 -5.88
N ILE B 535 22.76 17.14 -6.68
CA ILE B 535 22.29 17.52 -8.00
C ILE B 535 23.15 16.88 -9.10
N SER B 536 22.49 16.25 -10.05
CA SER B 536 23.21 15.66 -11.17
C SER B 536 22.66 16.26 -12.46
N TYR B 537 23.53 16.45 -13.43
CA TYR B 537 23.08 16.95 -14.72
C TYR B 537 22.27 15.83 -15.35
N GLY B 538 21.23 16.21 -16.10
CA GLY B 538 20.40 15.25 -16.78
C GLY B 538 19.20 14.75 -15.99
N HIS B 539 18.31 14.04 -16.68
CA HIS B 539 17.14 13.46 -16.05
C HIS B 539 17.48 12.00 -15.88
N ILE B 540 18.01 11.67 -14.71
CA ILE B 540 18.43 10.32 -14.39
C ILE B 540 17.52 9.62 -13.40
N GLY B 541 16.30 10.13 -13.24
CA GLY B 541 15.35 9.54 -12.31
C GLY B 541 15.04 8.08 -12.61
N ALA B 542 14.85 7.75 -13.87
CA ALA B 542 14.55 6.36 -14.24
C ALA B 542 15.72 5.46 -13.89
N ASP B 543 16.94 5.95 -14.15
CA ASP B 543 18.13 5.18 -13.84
C ASP B 543 18.24 4.95 -12.33
N LEU B 544 17.98 6.01 -11.56
CA LEU B 544 18.03 5.93 -10.10
C LEU B 544 16.99 4.96 -9.56
N ILE B 545 15.81 4.94 -10.16
CA ILE B 545 14.75 4.04 -9.73
C ILE B 545 15.18 2.59 -9.96
N THR B 546 15.79 2.33 -11.11
CA THR B 546 16.24 0.98 -11.40
C THR B 546 17.32 0.59 -10.40
N LEU B 547 18.27 1.50 -10.16
CA LEU B 547 19.35 1.24 -9.21
C LEU B 547 18.79 0.98 -7.81
N ALA B 548 17.83 1.80 -7.40
CA ALA B 548 17.23 1.64 -6.08
C ALA B 548 16.58 0.27 -5.93
N SER B 549 15.91 -0.20 -6.98
CA SER B 549 15.25 -1.51 -6.89
C SER B 549 16.26 -2.63 -6.77
N ILE B 550 17.41 -2.51 -7.43
CA ILE B 550 18.44 -3.54 -7.32
C ILE B 550 18.94 -3.59 -5.88
N LEU B 551 19.03 -2.42 -5.25
CA LEU B 551 19.49 -2.29 -3.87
C LEU B 551 18.40 -2.54 -2.82
N ARG B 552 17.17 -2.77 -3.29
CA ARG B 552 16.04 -2.99 -2.38
C ARG B 552 15.76 -1.78 -1.50
N ILE B 553 15.98 -0.59 -2.07
CA ILE B 553 15.74 0.67 -1.38
C ILE B 553 14.47 1.28 -1.98
N PRO B 554 13.40 1.40 -1.18
CA PRO B 554 12.16 1.97 -1.71
C PRO B 554 12.29 3.44 -2.05
N VAL B 555 11.51 3.89 -3.03
CA VAL B 555 11.52 5.29 -3.46
C VAL B 555 10.23 5.93 -2.97
N ASN B 556 10.33 6.73 -1.90
CA ASN B 556 9.15 7.34 -1.31
C ASN B 556 8.59 8.52 -2.10
N MET B 557 9.39 9.07 -2.99
CA MET B 557 8.97 10.24 -3.74
C MET B 557 9.77 10.41 -5.01
N HIS B 558 9.07 10.57 -6.13
CA HIS B 558 9.73 10.77 -7.42
C HIS B 558 8.72 11.25 -8.44
N ASN B 559 9.21 11.97 -9.44
CA ASN B 559 8.34 12.50 -10.50
C ASN B 559 8.69 11.92 -11.86
N VAL B 560 9.11 10.66 -11.86
CA VAL B 560 9.46 9.96 -13.10
C VAL B 560 8.18 9.38 -13.69
N PRO B 561 7.93 9.60 -14.99
CA PRO B 561 6.71 9.06 -15.61
C PRO B 561 6.61 7.55 -15.36
N GLU B 562 5.43 7.10 -14.99
CA GLU B 562 5.22 5.68 -14.68
C GLU B 562 5.71 4.73 -15.77
N GLU B 563 5.52 5.10 -17.03
CA GLU B 563 5.95 4.26 -18.15
C GLU B 563 7.46 4.02 -18.18
N LYS B 564 8.22 4.87 -17.48
CA LYS B 564 9.68 4.74 -17.45
C LYS B 564 10.21 3.94 -16.26
N ILE B 565 9.31 3.58 -15.34
CA ILE B 565 9.73 2.80 -14.17
C ILE B 565 10.11 1.41 -14.63
N PHE B 566 11.33 0.99 -14.29
CA PHE B 566 11.85 -0.31 -14.69
C PHE B 566 12.46 -0.98 -13.46
N ARG B 567 11.75 -1.99 -12.95
CA ARG B 567 12.14 -2.71 -11.74
C ARG B 567 12.10 -4.22 -12.01
N PRO B 568 12.68 -5.02 -11.10
CA PRO B 568 12.65 -6.48 -11.31
C PRO B 568 11.22 -6.97 -11.47
N ASP B 569 11.05 -8.04 -12.24
CA ASP B 569 9.73 -8.59 -12.49
C ASP B 569 8.94 -8.91 -11.23
N ALA B 570 9.63 -9.32 -10.17
CA ALA B 570 8.97 -9.66 -8.92
C ALA B 570 8.13 -8.51 -8.35
N TRP B 571 8.56 -7.28 -8.61
CA TRP B 571 7.82 -6.13 -8.08
C TRP B 571 6.34 -6.13 -8.51
N SER B 572 6.08 -6.51 -9.75
CA SER B 572 4.70 -6.52 -10.24
C SER B 572 3.84 -7.52 -9.47
N MET B 573 4.48 -8.54 -8.91
CA MET B 573 3.76 -9.55 -8.14
C MET B 573 3.26 -8.97 -6.83
N PHE B 574 3.80 -7.82 -6.43
CA PHE B 574 3.37 -7.18 -5.20
C PHE B 574 2.40 -6.03 -5.46
N GLY B 575 1.95 -5.91 -6.71
CA GLY B 575 0.99 -4.87 -7.06
C GLY B 575 1.25 -4.18 -8.38
N THR B 576 0.21 -4.03 -9.19
CA THR B 576 0.33 -3.36 -10.49
C THR B 576 -0.44 -2.04 -10.54
N LYS B 577 -1.38 -1.85 -9.62
CA LYS B 577 -2.16 -0.62 -9.60
C LYS B 577 -1.42 0.47 -8.85
N ASP B 578 -0.85 0.13 -7.71
CA ASP B 578 -0.11 1.09 -6.91
C ASP B 578 1.35 0.66 -6.84
N LEU B 579 2.13 1.18 -7.78
CA LEU B 579 3.54 0.85 -7.87
C LEU B 579 4.33 1.26 -6.64
N GLU B 580 3.92 2.35 -5.99
CA GLU B 580 4.62 2.79 -4.79
C GLU B 580 4.46 1.75 -3.68
N GLY B 581 3.21 1.37 -3.41
CA GLY B 581 2.96 0.38 -2.39
C GLY B 581 3.66 -0.93 -2.68
N ALA B 582 3.64 -1.33 -3.95
CA ALA B 582 4.30 -2.57 -4.36
C ALA B 582 5.81 -2.49 -4.10
N ASP B 583 6.36 -1.31 -4.31
CA ASP B 583 7.78 -1.08 -4.11
C ASP B 583 8.12 -1.33 -2.63
N TYR B 584 7.35 -0.74 -1.72
CA TYR B 584 7.63 -0.98 -0.30
C TYR B 584 7.48 -2.45 0.06
N ARG B 585 6.42 -3.09 -0.44
CA ARG B 585 6.19 -4.49 -0.15
C ARG B 585 7.30 -5.39 -0.68
N ALA B 586 7.75 -5.13 -1.90
CA ALA B 586 8.81 -5.94 -2.51
C ALA B 586 10.15 -5.74 -1.81
N CYS B 587 10.49 -4.50 -1.48
CA CYS B 587 11.76 -4.20 -0.82
C CYS B 587 11.89 -4.87 0.54
N LYS B 588 10.77 -4.95 1.26
CA LYS B 588 10.78 -5.54 2.59
C LYS B 588 10.81 -7.07 2.56
N LYS B 589 9.99 -7.67 1.70
CA LYS B 589 9.93 -9.13 1.59
C LYS B 589 11.09 -9.77 0.85
N LEU B 590 11.59 -9.10 -0.19
CA LEU B 590 12.71 -9.63 -0.97
C LEU B 590 14.05 -9.25 -0.37
N ALA C 2 -2.95 25.10 35.05
CA ALA C 2 -4.33 25.12 35.59
C ALA C 2 -4.73 23.74 36.11
N LYS C 3 -5.39 23.72 37.26
CA LYS C 3 -5.84 22.47 37.87
C LYS C 3 -7.01 21.91 37.07
N ASP C 4 -7.04 20.61 36.86
CA ASP C 4 -8.16 20.00 36.14
C ASP C 4 -9.30 20.02 37.16
N PRO C 5 -10.44 20.62 36.81
CA PRO C 5 -11.58 20.70 37.72
C PRO C 5 -12.31 19.40 38.06
N ARG C 6 -12.05 18.35 37.30
CA ARG C 6 -12.72 17.08 37.54
C ARG C 6 -11.80 15.91 37.81
N TYR C 7 -10.62 15.94 37.19
CA TYR C 7 -9.69 14.84 37.34
C TYR C 7 -8.42 15.17 38.11
N VAL C 8 -7.77 14.11 38.59
CA VAL C 8 -6.53 14.25 39.34
C VAL C 8 -5.48 14.97 38.51
N GLY C 9 -4.74 15.88 39.15
CA GLY C 9 -3.70 16.61 38.46
C GLY C 9 -4.08 17.90 37.77
N ASN C 10 -3.16 18.39 36.95
CA ASN C 10 -3.35 19.63 36.20
C ASN C 10 -3.54 19.37 34.72
N LEU C 11 -4.15 20.33 34.04
CA LEU C 11 -4.38 20.24 32.61
C LEU C 11 -3.03 20.32 31.89
N PRO C 12 -2.86 19.55 30.80
CA PRO C 12 -1.61 19.55 30.03
C PRO C 12 -1.20 20.92 29.53
N LYS C 13 0.09 21.22 29.60
CA LYS C 13 0.60 22.49 29.11
C LYS C 13 1.39 22.25 27.83
N ILE C 14 1.58 23.31 27.05
CA ILE C 14 2.32 23.21 25.80
C ILE C 14 3.68 23.89 26.00
N GLY C 15 4.75 23.16 25.73
CA GLY C 15 6.08 23.72 25.88
C GLY C 15 6.63 24.25 24.57
N ILE C 16 7.20 25.45 24.62
CA ILE C 16 7.77 26.07 23.43
C ILE C 16 9.29 26.08 23.57
N ARG C 17 9.97 25.51 22.58
CA ARG C 17 11.42 25.41 22.58
C ARG C 17 12.08 26.28 21.52
N PRO C 18 12.58 27.46 21.92
CA PRO C 18 13.23 28.34 20.95
C PRO C 18 14.69 27.88 20.74
N THR C 19 14.98 27.32 19.58
CA THR C 19 16.33 26.84 19.30
C THR C 19 17.10 27.92 18.55
N ILE C 20 18.41 27.92 18.73
CA ILE C 20 19.26 28.93 18.10
C ILE C 20 20.65 28.38 17.77
N ASP C 21 21.38 29.13 16.94
CA ASP C 21 22.73 28.74 16.55
C ASP C 21 23.60 28.89 17.80
N GLY C 22 24.40 27.87 18.11
CA GLY C 22 25.23 27.92 19.30
C GLY C 22 26.42 28.87 19.24
N ARG C 23 26.81 29.28 18.05
CA ARG C 23 27.96 30.17 17.88
C ARG C 23 27.78 31.55 18.50
N ARG C 24 28.69 31.92 19.40
CA ARG C 24 28.62 33.22 20.04
C ARG C 24 29.53 34.22 19.32
N LYS C 25 29.83 35.33 20.00
CA LYS C 25 30.67 36.37 19.44
C LYS C 25 30.14 36.82 18.08
N GLY C 26 28.83 37.01 18.00
CA GLY C 26 28.23 37.45 16.75
C GLY C 26 26.87 36.88 16.44
N VAL C 27 26.85 35.66 15.90
CA VAL C 27 25.61 35.00 15.51
C VAL C 27 24.53 34.89 16.56
N ARG C 28 24.76 34.09 17.60
CA ARG C 28 23.73 33.90 18.62
C ARG C 28 23.21 35.18 19.25
N GLU C 29 24.11 36.06 19.66
CA GLU C 29 23.69 37.31 20.30
C GLU C 29 22.73 38.11 19.43
N SER C 30 22.91 38.05 18.12
CA SER C 30 22.06 38.79 17.19
C SER C 30 20.72 38.11 16.91
N LEU C 31 20.56 36.89 17.42
CA LEU C 31 19.32 36.14 17.18
C LEU C 31 18.49 35.87 18.43
N GLU C 32 19.07 36.12 19.60
CA GLU C 32 18.41 35.89 20.88
C GLU C 32 16.98 36.45 20.97
N GLU C 33 16.86 37.76 20.80
CA GLU C 33 15.56 38.42 20.89
C GLU C 33 14.55 37.92 19.85
N THR C 34 14.99 37.82 18.60
CA THR C 34 14.12 37.37 17.52
C THR C 34 13.58 35.97 17.77
N THR C 35 14.45 35.08 18.23
CA THR C 35 14.07 33.70 18.49
C THR C 35 13.10 33.59 19.68
N MET C 36 13.41 34.27 20.77
CA MET C 36 12.55 34.23 21.94
C MET C 36 11.19 34.87 21.62
N ASN C 37 11.20 35.91 20.81
CA ASN C 37 9.96 36.58 20.43
C ASN C 37 9.09 35.64 19.61
N MET C 38 9.74 34.79 18.81
CA MET C 38 9.04 33.81 17.99
C MET C 38 8.27 32.88 18.92
N ALA C 39 8.94 32.44 19.98
CA ALA C 39 8.34 31.54 20.96
C ALA C 39 7.15 32.21 21.62
N LYS C 40 7.31 33.48 21.99
CA LYS C 40 6.23 34.22 22.64
C LYS C 40 5.04 34.42 21.71
N ALA C 41 5.32 34.61 20.42
CA ALA C 41 4.26 34.80 19.44
C ALA C 41 3.40 33.54 19.33
N VAL C 42 4.04 32.37 19.37
CA VAL C 42 3.32 31.11 19.29
C VAL C 42 2.45 30.90 20.52
N ALA C 43 3.00 31.23 21.70
CA ALA C 43 2.26 31.08 22.93
C ALA C 43 1.01 31.95 22.87
N LYS C 44 1.16 33.16 22.34
CA LYS C 44 0.05 34.10 22.21
C LYS C 44 -1.04 33.53 21.29
N LEU C 45 -0.61 33.04 20.13
CA LEU C 45 -1.54 32.47 19.16
C LEU C 45 -2.34 31.31 19.75
N LEU C 46 -1.65 30.38 20.39
CA LEU C 46 -2.32 29.22 20.96
C LEU C 46 -3.29 29.58 22.08
N GLU C 47 -2.91 30.53 22.94
CA GLU C 47 -3.75 30.94 24.05
C GLU C 47 -5.04 31.63 23.59
N GLU C 48 -5.04 32.11 22.35
CA GLU C 48 -6.21 32.80 21.80
C GLU C 48 -7.06 31.89 20.93
N ASN C 49 -6.55 30.69 20.62
CA ASN C 49 -7.27 29.77 19.76
C ASN C 49 -7.47 28.36 20.27
N VAL C 50 -6.79 28.02 21.36
CA VAL C 50 -6.88 26.68 21.94
C VAL C 50 -7.28 26.78 23.41
N PHE C 51 -8.39 26.14 23.76
CA PHE C 51 -8.88 26.18 25.14
C PHE C 51 -9.14 24.82 25.74
N TYR C 52 -8.94 24.73 27.07
CA TYR C 52 -9.17 23.49 27.79
C TYR C 52 -10.68 23.24 27.79
N TYR C 53 -11.12 22.06 28.19
CA TYR C 53 -12.54 21.76 28.16
C TYR C 53 -13.41 22.63 29.06
N ASN C 54 -12.79 23.33 30.01
CA ASN C 54 -13.54 24.19 30.92
C ASN C 54 -13.55 25.65 30.46
N GLY C 55 -13.06 25.89 29.25
CA GLY C 55 -13.05 27.24 28.73
C GLY C 55 -11.78 28.05 28.99
N GLN C 56 -10.93 27.56 29.88
CA GLN C 56 -9.68 28.26 30.18
C GLN C 56 -8.72 28.12 29.00
N PRO C 57 -8.07 29.23 28.61
CA PRO C 57 -7.12 29.12 27.49
C PRO C 57 -5.99 28.18 27.85
N VAL C 58 -5.48 27.46 26.85
CA VAL C 58 -4.38 26.55 27.08
C VAL C 58 -3.20 27.35 27.60
N GLU C 59 -2.43 26.76 28.50
CA GLU C 59 -1.27 27.44 29.07
C GLU C 59 0.02 26.90 28.48
N CYS C 60 0.93 27.82 28.19
CA CYS C 60 2.22 27.46 27.60
C CYS C 60 3.39 27.69 28.56
N VAL C 61 4.45 26.94 28.33
CA VAL C 61 5.67 27.04 29.12
C VAL C 61 6.80 27.25 28.12
N ILE C 62 7.53 28.34 28.26
CA ILE C 62 8.64 28.63 27.36
C ILE C 62 9.96 28.30 28.05
N ALA C 63 10.92 27.78 27.29
CA ALA C 63 12.22 27.44 27.87
C ALA C 63 12.84 28.71 28.46
N ASP C 64 13.63 28.57 29.51
CA ASP C 64 14.26 29.71 30.16
C ASP C 64 15.30 30.41 29.30
N THR C 65 15.90 29.67 28.38
CA THR C 65 16.90 30.24 27.49
C THR C 65 16.68 29.62 26.11
N CYS C 66 17.32 30.20 25.10
CA CYS C 66 17.21 29.63 23.77
C CYS C 66 18.04 28.37 23.86
N ILE C 67 17.77 27.42 22.96
CA ILE C 67 18.47 26.14 22.97
C ILE C 67 19.44 26.02 21.81
N GLY C 68 20.74 26.09 22.12
CA GLY C 68 21.75 26.01 21.09
C GLY C 68 22.59 24.75 21.18
N GLY C 69 22.33 23.95 22.21
CA GLY C 69 23.08 22.73 22.42
C GLY C 69 22.38 21.77 23.36
N VAL C 70 23.03 20.65 23.69
CA VAL C 70 22.43 19.64 24.55
C VAL C 70 22.19 20.07 25.99
N LYS C 71 23.07 20.90 26.55
CA LYS C 71 22.91 21.35 27.93
C LYS C 71 21.59 22.10 28.08
N GLU C 72 21.36 23.05 27.19
CA GLU C 72 20.15 23.86 27.22
C GLU C 72 18.94 23.00 26.85
N ALA C 73 19.14 22.03 25.97
CA ALA C 73 18.04 21.14 25.59
C ALA C 73 17.63 20.34 26.83
N ALA C 74 18.61 19.91 27.61
CA ALA C 74 18.34 19.15 28.82
C ALA C 74 17.62 20.02 29.84
N GLU C 75 18.01 21.29 29.93
CA GLU C 75 17.39 22.22 30.86
C GLU C 75 15.92 22.42 30.49
N ALA C 76 15.64 22.49 29.19
CA ALA C 76 14.27 22.67 28.73
C ALA C 76 13.45 21.44 29.08
N ALA C 77 14.02 20.26 28.87
CA ALA C 77 13.34 19.00 29.17
C ALA C 77 12.98 18.94 30.65
N GLU C 78 13.91 19.39 31.50
CA GLU C 78 13.72 19.38 32.95
C GLU C 78 12.62 20.36 33.36
N LYS C 79 12.66 21.57 32.83
CA LYS C 79 11.64 22.56 33.17
C LYS C 79 10.27 22.06 32.75
N PHE C 80 10.17 21.59 31.51
CA PHE C 80 8.91 21.09 31.00
C PHE C 80 8.33 19.95 31.84
N ALA C 81 9.21 19.06 32.29
CA ALA C 81 8.78 17.93 33.10
C ALA C 81 8.17 18.38 34.41
N ARG C 82 8.80 19.32 35.09
CA ARG C 82 8.27 19.79 36.36
C ARG C 82 7.11 20.78 36.19
N GLU C 83 6.99 21.35 34.99
CA GLU C 83 5.93 22.31 34.71
C GLU C 83 4.67 21.64 34.15
N GLY C 84 4.72 20.33 33.95
CA GLY C 84 3.56 19.61 33.45
C GLY C 84 3.28 19.76 31.97
N VAL C 85 4.33 19.83 31.16
CA VAL C 85 4.19 19.97 29.71
C VAL C 85 3.84 18.62 29.08
N GLY C 86 2.84 18.61 28.21
CA GLY C 86 2.43 17.39 27.55
C GLY C 86 2.47 17.46 26.03
N VAL C 87 2.84 18.63 25.52
CA VAL C 87 2.95 18.86 24.08
C VAL C 87 4.14 19.78 23.88
N SER C 88 4.91 19.55 22.83
CA SER C 88 6.11 20.35 22.58
C SER C 88 6.18 20.96 21.18
N ILE C 89 6.58 22.23 21.11
CA ILE C 89 6.72 22.93 19.83
C ILE C 89 8.06 23.65 19.79
N THR C 90 8.88 23.35 18.79
CA THR C 90 10.18 23.99 18.64
C THR C 90 10.05 25.09 17.59
N VAL C 91 10.68 26.24 17.85
CA VAL C 91 10.63 27.35 16.91
C VAL C 91 12.02 27.93 16.70
N THR C 92 12.30 28.38 15.48
CA THR C 92 13.60 28.98 15.19
C THR C 92 13.64 29.70 13.84
N PRO C 93 14.44 30.77 13.76
CA PRO C 93 14.58 31.54 12.53
C PRO C 93 15.96 31.31 11.92
N CYS C 94 16.75 30.44 12.55
CA CYS C 94 18.11 30.20 12.08
C CYS C 94 18.54 28.74 12.07
N TRP C 95 19.81 28.53 11.74
CA TRP C 95 20.38 27.19 11.72
C TRP C 95 20.67 26.82 13.16
N CYS C 96 20.42 25.56 13.51
CA CYS C 96 20.67 25.06 14.86
C CYS C 96 21.27 23.67 14.66
N TYR C 97 21.94 23.15 15.69
CA TYR C 97 22.62 21.86 15.57
C TYR C 97 21.82 20.58 15.75
N GLY C 98 20.87 20.37 14.83
CA GLY C 98 20.04 19.17 14.82
C GLY C 98 19.87 18.34 16.08
N THR C 99 20.49 17.17 16.10
CA THR C 99 20.38 16.25 17.23
C THR C 99 20.76 16.83 18.59
N GLU C 100 21.63 17.83 18.61
CA GLU C 100 22.06 18.45 19.85
C GLU C 100 20.92 19.23 20.52
N THR C 101 19.98 19.70 19.71
CA THR C 101 18.86 20.51 20.22
C THR C 101 17.50 19.83 20.20
N MET C 102 17.45 18.58 19.75
CA MET C 102 16.19 17.84 19.66
C MET C 102 15.49 17.57 20.99
N ASP C 103 14.17 17.42 20.90
CA ASP C 103 13.36 17.06 22.06
C ASP C 103 13.37 15.54 21.97
N MET C 104 14.04 14.88 22.91
CA MET C 104 14.15 13.43 22.88
C MET C 104 13.11 12.66 23.68
N ASP C 105 12.09 13.37 24.16
CA ASP C 105 11.03 12.70 24.92
C ASP C 105 10.10 12.01 23.92
N PRO C 106 10.12 10.67 23.89
CA PRO C 106 9.26 9.95 22.94
C PRO C 106 7.79 9.91 23.32
N HIS C 107 7.47 10.36 24.52
CA HIS C 107 6.10 10.32 25.00
C HIS C 107 5.25 11.58 24.86
N ILE C 108 5.71 12.53 24.06
CA ILE C 108 4.92 13.74 23.87
C ILE C 108 4.86 14.18 22.43
N PRO C 109 3.67 14.59 21.96
CA PRO C 109 3.49 15.05 20.58
C PRO C 109 4.42 16.24 20.38
N LYS C 110 5.09 16.30 19.24
CA LYS C 110 6.00 17.40 18.99
C LYS C 110 5.94 17.93 17.57
N ALA C 111 6.17 19.24 17.43
CA ALA C 111 6.17 19.90 16.14
C ALA C 111 7.35 20.86 16.10
N VAL C 112 7.74 21.24 14.89
CA VAL C 112 8.84 22.16 14.68
C VAL C 112 8.42 23.19 13.64
N TRP C 113 8.57 24.47 13.99
CA TRP C 113 8.26 25.54 13.05
C TRP C 113 9.54 26.30 12.71
N GLY C 114 9.92 26.21 11.44
CA GLY C 114 11.11 26.89 10.98
C GLY C 114 10.71 28.11 10.18
N PHE C 115 11.14 29.28 10.64
CA PHE C 115 10.84 30.55 9.98
C PHE C 115 11.33 30.50 8.53
N ASN C 116 10.47 30.90 7.60
CA ASN C 116 10.88 30.91 6.19
C ASN C 116 11.53 32.24 5.89
N GLY C 117 12.78 32.39 6.33
CA GLY C 117 13.53 33.61 6.09
C GLY C 117 14.78 33.27 5.29
N THR C 118 15.41 34.28 4.70
CA THR C 118 16.60 34.04 3.89
C THR C 118 17.92 34.30 4.63
N GLU C 119 17.94 35.29 5.49
CA GLU C 119 19.16 35.64 6.22
C GLU C 119 19.82 34.47 6.95
N ARG C 120 19.00 33.58 7.53
CA ARG C 120 19.53 32.43 8.26
C ARG C 120 18.84 31.14 7.80
N PRO C 121 19.57 30.01 7.80
CA PRO C 121 19.07 28.69 7.39
C PRO C 121 18.03 28.08 8.33
N GLY C 122 16.91 28.77 8.53
CA GLY C 122 15.86 28.25 9.40
C GLY C 122 15.17 27.02 8.83
N ALA C 123 14.92 27.02 7.53
CA ALA C 123 14.27 25.91 6.87
C ALA C 123 15.25 24.74 6.81
N VAL C 124 16.53 25.07 6.84
CA VAL C 124 17.57 24.05 6.81
C VAL C 124 17.53 23.33 8.16
N TYR C 125 17.32 24.08 9.25
CA TYR C 125 17.24 23.43 10.56
C TYR C 125 16.01 22.55 10.60
N LEU C 126 14.89 23.11 10.15
CA LEU C 126 13.63 22.36 10.14
C LEU C 126 13.83 21.01 9.45
N ALA C 127 14.33 21.04 8.22
CA ALA C 127 14.54 19.81 7.47
C ALA C 127 15.61 18.93 8.11
N ALA C 128 16.65 19.55 8.65
CA ALA C 128 17.72 18.79 9.28
C ALA C 128 17.25 18.06 10.54
N VAL C 129 16.49 18.75 11.38
CA VAL C 129 16.03 18.12 12.61
C VAL C 129 14.93 17.11 12.33
N LEU C 130 14.12 17.34 11.31
CA LEU C 130 13.07 16.38 10.96
C LEU C 130 13.74 15.09 10.48
N ALA C 131 14.86 15.23 9.77
CA ALA C 131 15.59 14.05 9.31
C ALA C 131 16.03 13.28 10.55
N GLY C 132 16.42 14.03 11.58
CA GLY C 132 16.85 13.41 12.83
C GLY C 132 15.71 12.68 13.51
N TYR C 133 14.56 13.34 13.60
CA TYR C 133 13.40 12.71 14.22
C TYR C 133 13.01 11.46 13.46
N ASN C 134 13.07 11.53 12.13
CA ASN C 134 12.70 10.37 11.32
C ASN C 134 13.73 9.25 11.48
N GLN C 135 15.00 9.60 11.58
CA GLN C 135 16.06 8.61 11.72
C GLN C 135 16.03 7.92 13.09
N LYS C 136 15.63 8.67 14.12
CA LYS C 136 15.59 8.14 15.48
C LYS C 136 14.26 7.49 15.87
N GLY C 137 13.25 7.62 15.01
CA GLY C 137 11.97 7.02 15.30
C GLY C 137 11.09 7.81 16.26
N LEU C 138 11.28 9.12 16.28
CA LEU C 138 10.49 10.01 17.14
C LEU C 138 9.67 10.91 16.23
N PRO C 139 8.43 10.50 15.91
CA PRO C 139 7.57 11.30 15.04
C PRO C 139 7.46 12.77 15.45
N ALA C 140 7.56 13.65 14.48
CA ALA C 140 7.46 15.08 14.73
C ALA C 140 6.85 15.76 13.51
N PHE C 141 6.01 16.77 13.76
CA PHE C 141 5.37 17.51 12.68
C PHE C 141 6.26 18.65 12.18
N GLY C 142 6.25 18.86 10.87
CA GLY C 142 7.04 19.94 10.30
C GLY C 142 6.15 21.05 9.80
N ILE C 143 6.46 22.29 10.21
CA ILE C 143 5.67 23.44 9.79
C ILE C 143 6.55 24.44 9.05
N TYR C 144 6.31 24.56 7.75
CA TYR C 144 7.08 25.47 6.89
C TYR C 144 6.13 26.37 6.10
N GLY C 145 6.24 27.67 6.33
CA GLY C 145 5.39 28.61 5.63
C GLY C 145 5.75 28.71 4.16
N LYS C 146 4.76 28.92 3.30
CA LYS C 146 4.99 29.00 1.86
C LYS C 146 5.63 30.28 1.35
N ASP C 147 5.42 31.40 2.04
CA ASP C 147 5.97 32.67 1.60
C ASP C 147 7.10 33.23 2.44
N VAL C 148 8.21 33.57 1.79
CA VAL C 148 9.36 34.13 2.50
C VAL C 148 8.97 35.35 3.30
N GLN C 149 9.40 35.39 4.56
CA GLN C 149 9.12 36.51 5.45
C GLN C 149 10.43 37.25 5.70
N ASP C 150 10.35 38.56 5.90
CA ASP C 150 11.55 39.34 6.15
C ASP C 150 12.02 39.15 7.59
N ALA C 151 13.31 39.29 7.81
CA ALA C 151 13.88 39.14 9.15
C ALA C 151 13.21 40.10 10.12
N GLY C 152 12.78 39.58 11.26
CA GLY C 152 12.14 40.43 12.25
C GLY C 152 10.62 40.42 12.21
N ASP C 153 10.04 39.95 11.10
CA ASP C 153 8.59 39.90 10.98
C ASP C 153 8.02 39.03 12.09
N THR C 154 7.23 39.65 12.96
CA THR C 154 6.64 38.93 14.09
C THR C 154 5.29 38.30 13.76
N ASN C 155 4.75 38.61 12.59
CA ASN C 155 3.48 38.07 12.15
C ASN C 155 3.61 36.59 11.79
N ILE C 156 2.59 35.81 12.16
CA ILE C 156 2.59 34.38 11.84
C ILE C 156 1.66 34.20 10.64
N PRO C 157 2.19 33.72 9.52
CA PRO C 157 1.41 33.49 8.29
C PRO C 157 0.20 32.61 8.56
N GLU C 158 -0.86 32.79 7.77
CA GLU C 158 -2.07 32.01 7.92
C GLU C 158 -1.86 30.51 7.78
N ASP C 159 -1.04 30.08 6.80
CA ASP C 159 -0.82 28.65 6.63
C ASP C 159 -0.09 28.07 7.83
N VAL C 160 0.81 28.85 8.42
CA VAL C 160 1.55 28.41 9.59
C VAL C 160 0.61 28.34 10.80
N LYS C 161 -0.23 29.36 10.94
CA LYS C 161 -1.18 29.40 12.04
C LYS C 161 -2.07 28.17 12.04
N GLU C 162 -2.61 27.83 10.88
CA GLU C 162 -3.48 26.67 10.77
C GLU C 162 -2.82 25.39 11.26
N LYS C 163 -1.56 25.18 10.87
CA LYS C 163 -0.83 24.00 11.27
C LYS C 163 -0.52 24.02 12.76
N LEU C 164 -0.09 25.16 13.28
CA LEU C 164 0.22 25.28 14.71
C LEU C 164 -1.00 24.95 15.56
N ILE C 165 -2.15 25.50 15.17
CA ILE C 165 -3.40 25.30 15.89
C ILE C 165 -3.89 23.85 15.79
N ARG C 166 -3.85 23.28 14.59
CA ARG C 166 -4.30 21.91 14.40
C ARG C 166 -3.45 20.97 15.24
N PHE C 167 -2.13 21.16 15.20
CA PHE C 167 -1.23 20.33 15.97
C PHE C 167 -1.50 20.48 17.47
N ALA C 168 -1.62 21.72 17.92
CA ALA C 168 -1.87 22.02 19.32
C ALA C 168 -3.14 21.36 19.84
N LYS C 169 -4.22 21.48 19.06
CA LYS C 169 -5.49 20.89 19.47
C LYS C 169 -5.39 19.37 19.55
N ALA C 170 -4.80 18.76 18.53
CA ALA C 170 -4.64 17.31 18.51
C ALA C 170 -3.72 16.83 19.63
N GLY C 171 -2.59 17.51 19.80
CA GLY C 171 -1.67 17.15 20.86
C GLY C 171 -2.30 17.26 22.23
N LEU C 172 -3.04 18.34 22.45
CA LEU C 172 -3.70 18.55 23.74
C LEU C 172 -4.72 17.45 24.01
N ALA C 173 -5.50 17.08 22.99
CA ALA C 173 -6.50 16.03 23.14
C ALA C 173 -5.83 14.73 23.55
N VAL C 174 -4.71 14.42 22.89
CA VAL C 174 -3.96 13.21 23.19
C VAL C 174 -3.41 13.26 24.63
N ALA C 175 -2.85 14.40 25.01
CA ALA C 175 -2.30 14.56 26.35
C ALA C 175 -3.38 14.46 27.43
N MET C 176 -4.59 14.92 27.09
CA MET C 176 -5.72 14.91 28.02
C MET C 176 -6.14 13.52 28.48
N MET C 177 -6.06 12.53 27.59
CA MET C 177 -6.49 11.18 27.93
C MET C 177 -5.55 10.42 28.85
N LYS C 178 -4.26 10.70 28.74
CA LYS C 178 -3.26 9.99 29.55
C LYS C 178 -3.53 10.04 31.06
N GLY C 179 -3.49 8.86 31.67
CA GLY C 179 -3.69 8.76 33.11
C GLY C 179 -5.14 8.69 33.56
N LYS C 180 -6.07 8.97 32.64
CA LYS C 180 -7.50 8.94 32.97
C LYS C 180 -8.06 7.53 32.80
N SER C 181 -9.24 7.29 33.35
CA SER C 181 -9.85 5.97 33.25
C SER C 181 -11.04 5.92 32.30
N TYR C 182 -11.32 4.71 31.81
CA TYR C 182 -12.54 4.48 31.03
C TYR C 182 -13.25 3.60 32.05
N LEU C 183 -14.49 3.95 32.40
CA LEU C 183 -15.21 3.14 33.37
C LEU C 183 -16.29 2.32 32.69
N SER C 184 -16.17 1.00 32.82
CA SER C 184 -17.13 0.08 32.24
C SER C 184 -18.19 -0.24 33.30
N ILE C 185 -19.41 0.24 33.08
CA ILE C 185 -20.50 -0.03 34.02
C ILE C 185 -21.32 -1.11 33.35
N GLY C 186 -21.20 -2.33 33.87
CA GLY C 186 -21.89 -3.45 33.28
C GLY C 186 -20.88 -4.19 32.43
N SER C 187 -21.36 -5.10 31.58
CA SER C 187 -20.49 -5.89 30.74
C SER C 187 -20.82 -5.68 29.28
N VAL C 188 -20.66 -6.72 28.47
CA VAL C 188 -20.98 -6.65 27.05
C VAL C 188 -22.49 -6.48 26.91
N SER C 189 -22.91 -5.64 25.96
CA SER C 189 -24.33 -5.42 25.72
C SER C 189 -24.76 -6.06 24.41
N MET C 190 -25.68 -7.02 24.50
CA MET C 190 -26.22 -7.71 23.34
C MET C 190 -25.20 -8.08 22.27
N GLY C 191 -24.08 -8.65 22.71
CA GLY C 191 -23.04 -9.08 21.78
C GLY C 191 -22.41 -8.02 20.90
N ILE C 192 -22.47 -6.76 21.34
CA ILE C 192 -21.87 -5.68 20.56
C ILE C 192 -20.35 -5.73 20.77
N ALA C 193 -19.62 -5.93 19.67
CA ALA C 193 -18.17 -6.05 19.72
C ALA C 193 -17.49 -4.89 20.44
N GLY C 194 -17.97 -3.68 20.17
CA GLY C 194 -17.39 -2.50 20.80
C GLY C 194 -17.57 -2.43 22.31
N SER C 195 -18.39 -3.31 22.88
CA SER C 195 -18.60 -3.30 24.33
C SER C 195 -17.67 -4.28 25.03
N VAL C 196 -16.83 -4.96 24.24
CA VAL C 196 -15.83 -5.86 24.80
C VAL C 196 -14.67 -4.89 25.06
N VAL C 197 -14.10 -4.92 26.26
CA VAL C 197 -13.00 -4.02 26.58
C VAL C 197 -11.64 -4.63 26.28
N GLN C 198 -10.88 -4.00 25.39
CA GLN C 198 -9.55 -4.48 25.06
C GLN C 198 -8.58 -3.56 25.79
N GLU C 199 -8.17 -3.97 26.97
CA GLU C 199 -7.27 -3.18 27.81
C GLU C 199 -5.99 -2.75 27.12
N ASP C 200 -5.43 -3.62 26.27
CA ASP C 200 -4.20 -3.27 25.56
C ASP C 200 -4.35 -1.98 24.78
N PHE C 201 -5.51 -1.78 24.18
CA PHE C 201 -5.74 -0.56 23.42
C PHE C 201 -5.70 0.66 24.31
N PHE C 202 -6.50 0.65 25.37
CA PHE C 202 -6.54 1.79 26.28
C PHE C 202 -5.17 2.06 26.89
N GLN C 203 -4.52 1.01 27.36
CA GLN C 203 -3.21 1.13 27.99
C GLN C 203 -2.10 1.59 27.05
N ASN C 204 -1.93 0.89 25.94
CA ASN C 204 -0.85 1.20 25.01
C ASN C 204 -1.06 2.31 23.98
N TYR C 205 -2.30 2.54 23.57
CA TYR C 205 -2.54 3.59 22.59
C TYR C 205 -2.93 4.92 23.23
N LEU C 206 -3.74 4.87 24.28
CA LEU C 206 -4.21 6.09 24.91
C LEU C 206 -3.61 6.41 26.28
N GLY C 207 -2.88 5.44 26.86
CA GLY C 207 -2.29 5.67 28.17
C GLY C 207 -3.34 5.77 29.26
N MET C 208 -4.48 5.13 29.03
CA MET C 208 -5.58 5.16 29.97
C MET C 208 -5.68 3.90 30.83
N ARG C 209 -6.43 4.00 31.92
CA ARG C 209 -6.63 2.88 32.83
C ARG C 209 -8.03 2.34 32.59
N ASN C 210 -8.25 1.06 32.91
CA ASN C 210 -9.56 0.45 32.74
C ASN C 210 -10.15 0.07 34.09
N GLU C 211 -11.30 0.66 34.40
CA GLU C 211 -12.01 0.42 35.65
C GLU C 211 -13.32 -0.27 35.35
N TYR C 212 -13.78 -1.10 36.27
CA TYR C 212 -15.01 -1.86 36.08
C TYR C 212 -15.94 -1.86 37.27
N VAL C 213 -17.24 -1.81 37.01
CA VAL C 213 -18.24 -1.83 38.07
C VAL C 213 -19.51 -2.49 37.52
N ASP C 214 -19.97 -3.54 38.21
CA ASP C 214 -21.16 -4.26 37.80
C ASP C 214 -22.38 -3.36 38.04
N MET C 215 -23.40 -3.49 37.20
CA MET C 215 -24.59 -2.66 37.34
C MET C 215 -25.31 -2.84 38.67
N SER C 216 -25.02 -3.92 39.39
CA SER C 216 -25.67 -4.13 40.67
C SER C 216 -25.30 -3.00 41.63
N GLU C 217 -24.24 -2.27 41.30
CA GLU C 217 -23.82 -1.14 42.13
C GLU C 217 -24.94 -0.10 42.15
N PHE C 218 -25.65 0.04 41.03
CA PHE C 218 -26.75 1.00 40.95
C PHE C 218 -27.89 0.57 41.86
N VAL C 219 -28.10 -0.73 41.96
CA VAL C 219 -29.16 -1.26 42.82
C VAL C 219 -28.83 -0.89 44.27
N ARG C 220 -27.59 -1.13 44.68
CA ARG C 220 -27.17 -0.83 46.05
C ARG C 220 -27.31 0.65 46.36
N ARG C 221 -26.80 1.51 45.49
CA ARG C 221 -26.87 2.94 45.74
C ARG C 221 -28.28 3.48 45.74
N ILE C 222 -29.17 2.92 44.94
CA ILE C 222 -30.55 3.38 44.91
C ILE C 222 -31.23 2.94 46.20
N GLU C 223 -31.04 1.68 46.57
CA GLU C 223 -31.64 1.13 47.78
C GLU C 223 -31.14 1.75 49.08
N LEU C 224 -29.83 1.99 49.17
CA LEU C 224 -29.25 2.56 50.38
C LEU C 224 -29.18 4.08 50.37
N GLY C 225 -29.64 4.70 49.29
CA GLY C 225 -29.63 6.15 49.20
C GLY C 225 -28.22 6.73 49.13
N ILE C 226 -27.36 6.08 48.36
CA ILE C 226 -25.98 6.54 48.22
C ILE C 226 -25.86 7.50 47.06
N TYR C 227 -26.31 8.73 47.30
CA TYR C 227 -26.29 9.83 46.34
C TYR C 227 -26.72 11.08 47.09
N ASP C 228 -26.48 12.24 46.50
CA ASP C 228 -26.84 13.51 47.13
C ASP C 228 -28.36 13.66 47.08
N LYS C 229 -29.03 13.38 48.19
CA LYS C 229 -30.48 13.49 48.23
C LYS C 229 -31.02 14.88 48.00
N GLU C 230 -30.28 15.90 48.47
CA GLU C 230 -30.71 17.27 48.26
C GLU C 230 -30.68 17.58 46.76
N GLU C 231 -29.62 17.12 46.09
CA GLU C 231 -29.49 17.35 44.67
C GLU C 231 -30.58 16.57 43.94
N TYR C 232 -30.83 15.35 44.40
CA TYR C 232 -31.85 14.51 43.79
C TYR C 232 -33.21 15.22 43.77
N GLU C 233 -33.62 15.76 44.91
CA GLU C 233 -34.91 16.45 44.97
C GLU C 233 -34.95 17.64 44.03
N ARG C 234 -33.85 18.38 43.94
CA ARG C 234 -33.79 19.54 43.05
C ARG C 234 -33.84 19.08 41.60
N ALA C 235 -33.15 17.99 41.30
CA ALA C 235 -33.12 17.45 39.95
C ALA C 235 -34.51 17.00 39.52
N LEU C 236 -35.22 16.33 40.42
CA LEU C 236 -36.56 15.84 40.13
C LEU C 236 -37.48 16.99 39.73
N LYS C 237 -37.43 18.07 40.50
CA LYS C 237 -38.27 19.23 40.22
C LYS C 237 -37.90 19.85 38.88
N TRP C 238 -36.59 19.91 38.60
CA TRP C 238 -36.10 20.48 37.35
C TRP C 238 -36.61 19.67 36.16
N VAL C 239 -36.56 18.34 36.29
CA VAL C 239 -37.02 17.47 35.23
C VAL C 239 -38.51 17.65 34.99
N LYS C 240 -39.29 17.62 36.07
CA LYS C 240 -40.74 17.78 35.94
C LYS C 240 -41.09 19.09 35.25
N GLU C 241 -40.34 20.14 35.57
CA GLU C 241 -40.58 21.47 35.00
C GLU C 241 -40.09 21.69 33.58
N ASN C 242 -38.94 21.10 33.23
CA ASN C 242 -38.36 21.31 31.92
C ASN C 242 -38.37 20.16 30.90
N CYS C 243 -38.55 18.94 31.38
CA CYS C 243 -38.56 17.79 30.48
C CYS C 243 -39.99 17.35 30.17
N LYS C 244 -40.50 17.85 29.06
CA LYS C 244 -41.87 17.55 28.63
C LYS C 244 -42.08 16.11 28.17
N VAL C 245 -43.08 15.46 28.75
CA VAL C 245 -43.40 14.08 28.40
C VAL C 245 -44.30 14.03 27.18
N GLY C 246 -43.84 13.31 26.14
CA GLY C 246 -44.60 13.19 24.92
C GLY C 246 -45.55 12.00 24.93
N PRO C 247 -46.28 11.77 23.84
CA PRO C 247 -47.23 10.65 23.73
C PRO C 247 -46.62 9.28 24.00
N ASP C 248 -47.39 8.42 24.67
CA ASP C 248 -46.95 7.06 24.96
C ASP C 248 -47.36 6.19 23.78
N ASN C 249 -46.38 5.64 23.07
CA ASN C 249 -46.67 4.80 21.91
C ASN C 249 -46.93 3.33 22.22
N ASN C 250 -46.74 2.94 23.47
CA ASN C 250 -47.00 1.55 23.88
C ASN C 250 -48.49 1.28 23.69
N ARG C 251 -48.83 0.13 23.14
CA ARG C 251 -50.23 -0.21 22.93
C ARG C 251 -50.85 -0.97 24.10
N ASP C 252 -52.15 -0.79 24.27
CA ASP C 252 -52.93 -1.43 25.34
C ASP C 252 -52.15 -2.21 26.41
N GLY C 253 -51.87 -3.48 26.13
CA GLY C 253 -51.17 -4.30 27.10
C GLY C 253 -49.66 -4.08 27.23
N PHE C 254 -49.20 -2.86 26.96
CA PHE C 254 -47.78 -2.55 27.06
C PHE C 254 -47.50 -1.26 27.80
N LYS C 255 -48.54 -0.49 28.09
CA LYS C 255 -48.37 0.77 28.80
C LYS C 255 -48.18 0.57 30.30
N ARG C 256 -47.26 1.31 30.88
CA ARG C 256 -47.00 1.22 32.31
C ARG C 256 -47.97 2.15 33.03
N THR C 257 -48.22 1.88 34.31
CA THR C 257 -49.15 2.67 35.10
C THR C 257 -48.60 4.06 35.44
N GLU C 258 -49.49 4.93 35.89
CA GLU C 258 -49.11 6.28 36.28
C GLU C 258 -48.09 6.21 37.41
N GLU C 259 -48.30 5.26 38.32
CA GLU C 259 -47.39 5.10 39.45
C GLU C 259 -46.02 4.62 38.96
N GLN C 260 -46.02 3.68 38.02
CA GLN C 260 -44.77 3.15 37.48
C GLN C 260 -44.01 4.24 36.75
N LYS C 261 -44.73 5.06 35.99
CA LYS C 261 -44.11 6.14 35.22
C LYS C 261 -43.45 7.16 36.14
N GLU C 262 -44.03 7.38 37.31
CA GLU C 262 -43.43 8.33 38.25
C GLU C 262 -42.14 7.74 38.80
N LYS C 263 -42.18 6.46 39.17
CA LYS C 263 -40.99 5.82 39.70
C LYS C 263 -39.91 5.73 38.63
N ASP C 264 -40.33 5.59 37.38
CA ASP C 264 -39.38 5.53 36.27
C ASP C 264 -38.55 6.81 36.21
N TRP C 265 -39.19 7.95 36.47
CA TRP C 265 -38.50 9.23 36.48
C TRP C 265 -37.56 9.34 37.67
N GLU C 266 -38.05 8.94 38.84
CA GLU C 266 -37.24 8.99 40.06
C GLU C 266 -35.97 8.17 39.90
N ILE C 267 -36.11 6.95 39.41
CA ILE C 267 -34.97 6.07 39.21
C ILE C 267 -34.05 6.60 38.10
N SER C 268 -34.65 7.10 37.03
CA SER C 268 -33.86 7.65 35.92
C SER C 268 -32.96 8.77 36.40
N VAL C 269 -33.48 9.61 37.28
CA VAL C 269 -32.70 10.71 37.82
C VAL C 269 -31.60 10.20 38.75
N LYS C 270 -31.95 9.24 39.61
CA LYS C 270 -30.95 8.68 40.53
C LYS C 270 -29.83 8.02 39.74
N MET C 271 -30.17 7.41 38.61
CA MET C 271 -29.19 6.75 37.77
C MET C 271 -28.18 7.77 37.24
N ALA C 272 -28.68 8.93 36.84
CA ALA C 272 -27.82 9.99 36.31
C ALA C 272 -26.84 10.43 37.40
N LEU C 273 -27.35 10.64 38.61
CA LEU C 273 -26.51 11.07 39.73
C LEU C 273 -25.42 10.03 40.04
N ILE C 274 -25.84 8.77 40.12
CA ILE C 274 -24.92 7.68 40.42
C ILE C 274 -23.83 7.53 39.36
N ALA C 275 -24.22 7.61 38.09
CA ALA C 275 -23.25 7.49 37.00
C ALA C 275 -22.21 8.59 37.09
N ARG C 276 -22.66 9.82 37.29
CA ARG C 276 -21.74 10.95 37.40
C ARG C 276 -20.84 10.78 38.62
N ASP C 277 -21.43 10.39 39.75
CA ASP C 277 -20.66 10.18 40.98
C ASP C 277 -19.59 9.12 40.78
N LEU C 278 -19.90 8.09 40.00
CA LEU C 278 -18.93 7.03 39.74
C LEU C 278 -17.77 7.55 38.90
N MET C 279 -18.09 8.41 37.93
CA MET C 279 -17.05 8.95 37.04
C MET C 279 -16.08 9.93 37.67
N VAL C 280 -16.59 10.89 38.45
CA VAL C 280 -15.72 11.90 39.04
C VAL C 280 -15.79 12.04 40.56
N GLY C 281 -16.53 11.17 41.21
CA GLY C 281 -16.64 11.23 42.66
C GLY C 281 -17.59 12.32 43.12
N ASN C 282 -17.77 12.41 44.43
CA ASN C 282 -18.66 13.41 45.03
C ASN C 282 -18.35 13.58 46.51
N LYS C 283 -17.85 14.76 46.87
CA LYS C 283 -17.50 15.07 48.26
C LYS C 283 -18.68 14.88 49.21
N LYS C 284 -19.88 15.13 48.71
CA LYS C 284 -21.10 14.99 49.50
C LYS C 284 -21.21 13.56 50.05
N LEU C 285 -20.78 12.59 49.26
CA LEU C 285 -20.84 11.20 49.70
C LEU C 285 -19.97 10.94 50.91
N GLU C 286 -18.86 11.65 51.02
CA GLU C 286 -17.96 11.48 52.15
C GLU C 286 -18.63 11.97 53.42
N GLU C 287 -19.29 13.11 53.32
CA GLU C 287 -19.99 13.71 54.45
C GLU C 287 -21.13 12.79 54.90
N MET C 288 -21.60 11.95 53.97
CA MET C 288 -22.69 11.02 54.27
C MET C 288 -22.21 9.71 54.87
N GLY C 289 -20.89 9.53 54.92
CA GLY C 289 -20.34 8.31 55.49
C GLY C 289 -19.97 7.28 54.44
N TYR C 290 -19.84 7.72 53.19
CA TYR C 290 -19.46 6.83 52.11
C TYR C 290 -18.18 7.34 51.48
N GLY C 291 -17.11 7.29 52.27
CA GLY C 291 -15.80 7.77 51.85
C GLY C 291 -15.19 7.13 50.62
N GLU C 292 -15.33 5.81 50.47
CA GLU C 292 -14.76 5.14 49.31
C GLU C 292 -15.50 5.59 48.05
N GLU C 293 -16.83 5.56 48.11
CA GLU C 293 -17.65 5.95 46.98
C GLU C 293 -17.41 7.41 46.58
N ALA C 294 -17.10 8.25 47.57
CA ALA C 294 -16.86 9.67 47.31
C ALA C 294 -15.68 9.92 46.38
N LEU C 295 -14.73 8.99 46.34
CA LEU C 295 -13.54 9.15 45.51
C LEU C 295 -13.80 9.16 44.01
N GLY C 296 -14.66 8.26 43.54
CA GLY C 296 -14.92 8.20 42.11
C GLY C 296 -13.85 7.36 41.43
N ARG C 297 -14.01 7.12 40.12
CA ARG C 297 -13.07 6.29 39.38
C ARG C 297 -12.18 7.10 38.41
N ASN C 298 -12.15 8.41 38.58
CA ASN C 298 -11.33 9.31 37.75
C ASN C 298 -11.50 8.98 36.27
N ALA C 299 -12.75 8.84 35.84
CA ALA C 299 -13.06 8.48 34.46
C ALA C 299 -13.45 9.66 33.57
N ILE C 300 -12.72 9.83 32.48
CA ILE C 300 -12.99 10.91 31.53
C ILE C 300 -14.00 10.41 30.50
N VAL C 301 -14.30 9.12 30.56
CA VAL C 301 -15.27 8.52 29.67
C VAL C 301 -15.77 7.24 30.34
N ALA C 302 -17.03 6.91 30.11
CA ALA C 302 -17.61 5.70 30.71
C ALA C 302 -18.71 5.18 29.82
N GLY C 303 -19.24 4.00 30.18
CA GLY C 303 -20.32 3.41 29.42
C GLY C 303 -21.25 2.63 30.33
N PHE C 304 -22.49 2.45 29.92
CA PHE C 304 -23.48 1.73 30.70
C PHE C 304 -24.07 0.62 29.83
N GLN C 305 -23.91 -0.63 30.26
CA GLN C 305 -24.42 -1.74 29.46
C GLN C 305 -25.91 -1.60 29.15
N GLY C 306 -26.72 -1.48 30.19
CA GLY C 306 -28.16 -1.35 30.00
C GLY C 306 -28.79 -2.66 29.55
N GLN C 307 -29.09 -2.75 28.25
CA GLN C 307 -29.68 -3.97 27.70
C GLN C 307 -28.63 -5.08 27.75
N ARG C 308 -29.04 -6.31 28.06
CA ARG C 308 -30.43 -6.68 28.35
C ARG C 308 -30.74 -6.77 29.84
N GLN C 309 -29.72 -7.07 30.63
CA GLN C 309 -29.91 -7.28 32.06
C GLN C 309 -30.58 -6.20 32.88
N TRP C 310 -30.10 -4.97 32.76
CA TRP C 310 -30.69 -3.89 33.55
C TRP C 310 -32.08 -3.53 33.08
N THR C 311 -32.22 -3.31 31.78
CA THR C 311 -33.48 -2.91 31.19
C THR C 311 -34.60 -3.94 31.24
N ASP C 312 -34.26 -5.20 31.46
CA ASP C 312 -35.30 -6.24 31.55
C ASP C 312 -36.10 -6.09 32.85
N TYR C 313 -35.60 -5.26 33.78
CA TYR C 313 -36.29 -5.08 35.06
C TYR C 313 -36.37 -3.64 35.57
N PHE C 314 -35.33 -2.85 35.30
CA PHE C 314 -35.27 -1.46 35.76
C PHE C 314 -35.45 -0.44 34.63
N PRO C 315 -35.73 0.83 34.98
CA PRO C 315 -35.91 1.88 33.96
C PRO C 315 -34.61 1.95 33.14
N ASN C 316 -34.72 2.19 31.84
CA ASN C 316 -33.52 2.22 31.00
C ASN C 316 -32.61 3.42 31.22
N GLY C 317 -31.44 3.38 30.59
CA GLY C 317 -30.48 4.45 30.74
C GLY C 317 -30.61 5.60 29.77
N ASP C 318 -31.72 5.68 29.04
CA ASP C 318 -31.92 6.76 28.08
C ASP C 318 -31.74 8.15 28.69
N PHE C 319 -32.45 8.43 29.78
CA PHE C 319 -32.34 9.75 30.38
C PHE C 319 -30.94 10.04 30.89
N MET C 320 -30.37 9.07 31.59
CA MET C 320 -29.02 9.19 32.15
C MET C 320 -28.01 9.48 31.03
N GLU C 321 -28.08 8.70 29.96
CA GLU C 321 -27.18 8.85 28.84
C GLU C 321 -27.42 10.16 28.09
N THR C 322 -28.67 10.60 28.07
CA THR C 322 -29.03 11.84 27.41
C THR C 322 -28.51 13.05 28.17
N ILE C 323 -28.82 13.12 29.47
CA ILE C 323 -28.40 14.26 30.27
C ILE C 323 -26.90 14.36 30.54
N LEU C 324 -26.23 13.25 30.81
CA LEU C 324 -24.80 13.32 31.08
C LEU C 324 -24.02 13.88 29.89
N ASN C 325 -24.39 13.48 28.68
CA ASN C 325 -23.72 13.94 27.47
C ASN C 325 -24.10 15.36 27.06
N SER C 326 -25.14 15.90 27.68
CA SER C 326 -25.58 17.25 27.37
C SER C 326 -24.67 18.29 28.03
N SER C 327 -24.76 19.53 27.56
CA SER C 327 -23.94 20.62 28.09
C SER C 327 -24.66 21.39 29.20
N PHE C 328 -25.67 20.78 29.79
CA PHE C 328 -26.43 21.42 30.86
C PHE C 328 -27.38 20.46 31.55
N ASP C 329 -27.79 20.81 32.77
CA ASP C 329 -28.75 20.04 33.54
C ASP C 329 -29.30 20.91 34.67
N TRP C 330 -29.86 20.27 35.69
CA TRP C 330 -30.43 21.01 36.82
C TRP C 330 -29.43 21.90 37.55
N ASN C 331 -28.14 21.63 37.39
CA ASN C 331 -27.12 22.45 38.04
C ASN C 331 -26.60 23.56 37.14
N GLY C 332 -27.20 23.69 35.96
CA GLY C 332 -26.78 24.72 35.03
C GLY C 332 -25.89 24.20 33.92
N LYS C 333 -25.34 25.10 33.13
CA LYS C 333 -24.46 24.69 32.03
C LYS C 333 -23.17 24.10 32.58
N ARG C 334 -22.65 23.08 31.91
CA ARG C 334 -21.43 22.42 32.35
C ARG C 334 -20.85 21.60 31.21
N ALA C 335 -19.61 21.16 31.38
CA ALA C 335 -18.99 20.35 30.36
C ALA C 335 -19.69 18.99 30.35
N PRO C 336 -19.84 18.38 29.18
CA PRO C 336 -20.49 17.08 29.11
C PRO C 336 -19.65 16.02 29.82
N TYR C 337 -20.29 14.90 30.12
CA TYR C 337 -19.60 13.75 30.71
C TYR C 337 -19.78 12.74 29.58
N ILE C 338 -18.69 12.43 28.86
CA ILE C 338 -18.78 11.50 27.74
C ILE C 338 -19.20 10.14 28.26
N PHE C 339 -20.39 9.73 27.84
CA PHE C 339 -21.00 8.49 28.33
C PHE C 339 -21.58 7.66 27.19
N ALA C 340 -21.09 6.42 27.07
CA ALA C 340 -21.52 5.53 26.01
C ALA C 340 -22.72 4.63 26.29
N THR C 341 -23.66 4.63 25.35
CA THR C 341 -24.84 3.79 25.42
C THR C 341 -24.36 2.35 25.13
N GLU C 342 -25.03 1.37 25.71
CA GLU C 342 -24.70 -0.05 25.52
C GLU C 342 -23.23 -0.37 25.82
N ASN C 343 -22.64 0.40 26.72
CA ASN C 343 -21.25 0.22 27.14
C ASN C 343 -20.32 0.02 25.94
N ASP C 344 -20.62 0.69 24.84
CA ASP C 344 -19.82 0.60 23.63
C ASP C 344 -18.61 1.52 23.85
N ASN C 345 -17.57 0.99 24.47
CA ASN C 345 -16.38 1.78 24.78
C ASN C 345 -15.69 2.36 23.55
N LEU C 346 -15.80 1.68 22.42
CA LEU C 346 -15.16 2.19 21.22
C LEU C 346 -15.93 3.40 20.70
N ASN C 347 -17.25 3.45 20.89
CA ASN C 347 -17.99 4.62 20.45
C ASN C 347 -17.72 5.71 21.49
N GLY C 348 -17.51 5.30 22.74
CA GLY C 348 -17.23 6.26 23.78
C GLY C 348 -15.94 7.00 23.46
N ILE C 349 -14.93 6.26 23.00
CA ILE C 349 -13.66 6.87 22.64
C ILE C 349 -13.83 7.72 21.38
N SER C 350 -14.66 7.25 20.44
CA SER C 350 -14.92 8.01 19.22
C SER C 350 -15.48 9.37 19.62
N MET C 351 -16.39 9.35 20.59
CA MET C 351 -17.00 10.58 21.10
C MET C 351 -15.95 11.41 21.81
N LEU C 352 -15.13 10.76 22.64
CA LEU C 352 -14.09 11.46 23.38
C LEU C 352 -13.13 12.21 22.47
N PHE C 353 -12.73 11.59 21.36
CA PHE C 353 -11.82 12.23 20.41
C PHE C 353 -12.42 13.55 19.95
N GLY C 354 -13.66 13.49 19.46
CA GLY C 354 -14.34 14.67 18.98
C GLY C 354 -14.55 15.72 20.06
N TYR C 355 -14.87 15.25 21.26
CA TYR C 355 -15.10 16.16 22.37
C TYR C 355 -13.81 16.91 22.75
N LEU C 356 -12.73 16.17 22.91
CA LEU C 356 -11.46 16.80 23.29
C LEU C 356 -10.91 17.75 22.24
N LEU C 357 -11.34 17.58 20.99
CA LEU C 357 -10.89 18.45 19.91
C LEU C 357 -11.79 19.67 19.72
N THR C 358 -12.98 19.64 20.31
CA THR C 358 -13.94 20.73 20.13
C THR C 358 -14.58 21.33 21.38
N ASN C 359 -14.57 20.57 22.47
CA ASN C 359 -15.18 20.97 23.74
C ASN C 359 -16.70 21.01 23.61
N THR C 360 -17.22 20.36 22.57
CA THR C 360 -18.66 20.32 22.34
C THR C 360 -19.25 18.94 22.59
N ALA C 361 -20.52 18.91 23.01
CA ALA C 361 -21.21 17.65 23.26
C ALA C 361 -21.19 16.80 22.00
N GLN C 362 -21.06 15.49 22.16
CA GLN C 362 -21.01 14.57 21.03
C GLN C 362 -22.28 13.71 21.01
N ILE C 363 -22.77 13.43 19.81
CA ILE C 363 -23.99 12.64 19.68
C ILE C 363 -23.76 11.16 19.37
N PHE C 364 -24.26 10.30 20.26
CA PHE C 364 -24.15 8.86 20.09
C PHE C 364 -25.29 8.48 19.14
N ALA C 365 -25.01 7.69 18.12
CA ALA C 365 -26.06 7.30 17.18
C ALA C 365 -25.90 5.95 16.52
N ASP C 366 -27.03 5.37 16.14
CA ASP C 366 -27.05 4.10 15.41
C ASP C 366 -27.04 4.53 13.95
N VAL C 367 -26.33 3.80 13.10
CA VAL C 367 -26.35 4.12 11.66
C VAL C 367 -27.50 3.21 11.28
N ARG C 368 -28.71 3.74 11.41
CA ARG C 368 -29.95 3.00 11.21
C ARG C 368 -30.43 2.64 9.81
N THR C 369 -30.51 3.63 8.93
CA THR C 369 -31.02 3.35 7.58
C THR C 369 -30.43 4.23 6.50
N TYR C 370 -30.20 3.64 5.33
CA TYR C 370 -29.73 4.42 4.19
C TYR C 370 -30.99 4.55 3.34
N TRP C 371 -31.41 5.79 3.10
CA TRP C 371 -32.59 6.06 2.29
C TRP C 371 -32.19 6.58 0.91
N SER C 372 -32.35 5.73 -0.10
CA SER C 372 -32.01 6.12 -1.46
C SER C 372 -33.09 7.04 -2.02
N PRO C 373 -32.76 7.79 -3.08
CA PRO C 373 -33.77 8.69 -3.67
C PRO C 373 -34.97 7.87 -4.12
N GLU C 374 -34.68 6.70 -4.68
CA GLU C 374 -35.74 5.80 -5.16
C GLU C 374 -36.63 5.34 -4.03
N ALA C 375 -36.03 5.01 -2.89
CA ALA C 375 -36.79 4.54 -1.74
C ALA C 375 -37.68 5.63 -1.16
N VAL C 376 -37.14 6.82 -0.99
CA VAL C 376 -37.92 7.94 -0.45
C VAL C 376 -39.09 8.25 -1.38
N LYS C 377 -38.84 8.23 -2.68
CA LYS C 377 -39.88 8.53 -3.67
C LYS C 377 -40.98 7.47 -3.65
N ARG C 378 -40.59 6.21 -3.51
CA ARG C 378 -41.56 5.12 -3.48
C ARG C 378 -42.49 5.21 -2.27
N VAL C 379 -41.89 5.43 -1.10
CA VAL C 379 -42.65 5.50 0.15
C VAL C 379 -43.37 6.82 0.44
N THR C 380 -42.87 7.93 -0.10
CA THR C 380 -43.50 9.22 0.16
C THR C 380 -43.94 10.00 -1.06
N GLY C 381 -43.44 9.62 -2.23
CA GLY C 381 -43.79 10.33 -3.45
C GLY C 381 -42.97 11.61 -3.59
N TYR C 382 -42.05 11.83 -2.66
CA TYR C 382 -41.22 13.03 -2.65
C TYR C 382 -39.83 12.78 -3.24
N THR C 383 -39.37 13.72 -4.06
CA THR C 383 -38.04 13.63 -4.67
C THR C 383 -37.05 14.44 -3.85
N LEU C 384 -36.04 13.76 -3.30
CA LEU C 384 -35.02 14.43 -2.49
C LEU C 384 -34.37 15.56 -3.28
N GLU C 385 -34.13 16.69 -2.62
CA GLU C 385 -33.53 17.84 -3.29
C GLU C 385 -32.27 18.33 -2.61
N GLY C 386 -31.58 19.28 -3.25
CA GLY C 386 -30.37 19.85 -2.69
C GLY C 386 -29.32 18.84 -2.26
N ARG C 387 -28.77 19.06 -1.08
CA ARG C 387 -27.75 18.17 -0.55
C ARG C 387 -28.22 16.73 -0.38
N ALA C 388 -29.53 16.56 -0.19
CA ALA C 388 -30.11 15.24 0.00
C ALA C 388 -30.47 14.52 -1.31
N ALA C 389 -30.27 15.21 -2.43
CA ALA C 389 -30.61 14.66 -3.74
C ALA C 389 -30.05 13.28 -4.06
N ASN C 390 -28.92 12.91 -3.47
CA ASN C 390 -28.32 11.62 -3.76
C ASN C 390 -28.55 10.58 -2.67
N GLY C 391 -29.45 10.88 -1.74
CA GLY C 391 -29.73 9.93 -0.67
C GLY C 391 -29.35 10.50 0.68
N ILE C 392 -29.94 9.92 1.73
CA ILE C 392 -29.67 10.37 3.08
C ILE C 392 -29.49 9.18 4.01
N ILE C 393 -28.83 9.42 5.13
CA ILE C 393 -28.60 8.37 6.12
C ILE C 393 -29.28 8.76 7.42
N HIS C 394 -30.06 7.84 7.96
CA HIS C 394 -30.79 8.07 9.21
C HIS C 394 -29.93 7.70 10.41
N LEU C 395 -29.52 8.71 11.18
CA LEU C 395 -28.71 8.50 12.37
C LEU C 395 -29.65 8.64 13.56
N ILE C 396 -29.78 7.58 14.34
CA ILE C 396 -30.70 7.59 15.46
C ILE C 396 -30.37 6.53 16.50
N ASN C 397 -29.93 6.99 17.67
CA ASN C 397 -29.57 6.09 18.76
C ASN C 397 -30.82 5.45 19.35
N SER C 398 -30.63 4.39 20.14
CA SER C 398 -31.73 3.68 20.77
C SER C 398 -32.39 4.40 21.95
N GLY C 399 -32.69 5.68 21.77
CA GLY C 399 -33.37 6.44 22.81
C GLY C 399 -32.61 7.50 23.58
N ALA C 400 -31.30 7.61 23.35
CA ALA C 400 -30.49 8.59 24.07
C ALA C 400 -29.63 9.45 23.15
N ALA C 401 -29.51 10.73 23.49
CA ALA C 401 -28.71 11.66 22.71
C ALA C 401 -28.63 12.99 23.45
N ALA C 402 -27.46 13.62 23.42
CA ALA C 402 -27.29 14.90 24.08
C ALA C 402 -28.34 15.85 23.54
N LEU C 403 -28.94 16.65 24.41
CA LEU C 403 -29.96 17.60 23.97
C LEU C 403 -29.36 18.61 23.00
N ASP C 404 -28.04 18.74 23.02
CA ASP C 404 -27.33 19.65 22.12
C ASP C 404 -27.63 19.22 20.68
N GLY C 405 -27.91 17.94 20.50
CA GLY C 405 -28.20 17.40 19.19
C GLY C 405 -29.41 17.95 18.48
N THR C 406 -30.23 18.71 19.19
CA THR C 406 -31.43 19.30 18.60
C THR C 406 -31.03 20.30 17.52
N GLY C 407 -29.84 20.87 17.67
CA GLY C 407 -29.37 21.86 16.72
C GLY C 407 -30.00 23.20 17.00
N GLU C 408 -30.66 23.33 18.15
CA GLU C 408 -31.33 24.57 18.53
C GLU C 408 -30.36 25.67 18.96
N GLN C 409 -29.15 25.30 19.37
CA GLN C 409 -28.16 26.29 19.76
C GLN C 409 -27.85 27.08 18.49
N THR C 410 -27.72 28.39 18.61
CA THR C 410 -27.49 29.23 17.45
C THR C 410 -26.34 30.22 17.54
N LYS C 411 -25.63 30.37 16.41
CA LYS C 411 -24.51 31.30 16.29
C LYS C 411 -24.58 31.95 14.92
N ASP C 412 -24.70 33.27 14.90
CA ASP C 412 -24.79 34.02 13.65
C ASP C 412 -25.96 33.52 12.81
N GLY C 413 -27.06 33.20 13.48
CA GLY C 413 -28.25 32.72 12.78
C GLY C 413 -28.14 31.34 12.17
N LYS C 414 -27.13 30.57 12.61
CA LYS C 414 -26.94 29.22 12.10
C LYS C 414 -27.00 28.17 13.21
N PRO C 415 -27.48 26.98 12.89
CA PRO C 415 -27.58 25.90 13.88
C PRO C 415 -26.19 25.34 14.18
N VAL C 416 -25.88 25.16 15.46
CA VAL C 416 -24.58 24.64 15.86
C VAL C 416 -24.67 23.96 17.22
N ILE C 417 -23.54 23.45 17.67
CA ILE C 417 -23.42 22.88 19.00
C ILE C 417 -22.19 23.65 19.50
N LYS C 418 -22.36 24.38 20.59
CA LYS C 418 -21.28 25.19 21.14
C LYS C 418 -20.75 24.62 22.44
N PRO C 419 -19.52 25.00 22.83
CA PRO C 419 -18.97 24.51 24.08
C PRO C 419 -19.90 25.12 25.12
N TYR C 420 -20.13 24.41 26.23
CA TYR C 420 -21.05 24.90 27.25
C TYR C 420 -20.78 26.33 27.72
N TYR C 421 -19.50 26.72 27.79
CA TYR C 421 -19.16 28.05 28.25
C TYR C 421 -19.56 29.18 27.30
N GLU C 422 -20.19 28.84 26.18
CA GLU C 422 -20.63 29.85 25.22
C GLU C 422 -22.15 29.86 25.10
N LEU C 423 -22.80 28.95 25.81
CA LEU C 423 -24.25 28.84 25.78
C LEU C 423 -24.98 30.03 26.38
N THR C 424 -26.10 30.41 25.76
CA THR C 424 -26.93 31.50 26.26
C THR C 424 -28.12 30.80 26.91
N ASP C 425 -28.84 31.50 27.78
CA ASP C 425 -30.00 30.88 28.42
C ASP C 425 -30.98 30.49 27.33
N GLU C 426 -31.00 31.27 26.25
CA GLU C 426 -31.88 31.02 25.11
C GLU C 426 -31.55 29.69 24.45
N ASP C 427 -30.26 29.43 24.24
CA ASP C 427 -29.83 28.17 23.61
C ASP C 427 -30.35 26.98 24.39
N ILE C 428 -30.11 27.00 25.70
CA ILE C 428 -30.54 25.91 26.58
C ILE C 428 -32.05 25.75 26.54
N LYS C 429 -32.77 26.85 26.68
CA LYS C 429 -34.22 26.82 26.68
C LYS C 429 -34.78 26.18 25.42
N LYS C 430 -34.26 26.57 24.26
CA LYS C 430 -34.73 26.02 23.00
C LYS C 430 -34.40 24.53 22.82
N CYS C 431 -33.24 24.10 23.31
CA CYS C 431 -32.88 22.69 23.20
C CYS C 431 -33.92 21.86 23.93
N LEU C 432 -34.34 22.33 25.11
CA LEU C 432 -35.34 21.63 25.90
C LEU C 432 -36.72 21.67 25.25
N GLU C 433 -37.10 22.81 24.70
CA GLU C 433 -38.40 22.96 24.06
C GLU C 433 -38.55 22.07 22.84
N ALA C 434 -37.44 21.84 22.14
CA ALA C 434 -37.45 21.03 20.93
C ALA C 434 -37.37 19.53 21.23
N THR C 435 -37.36 19.18 22.50
CA THR C 435 -37.27 17.78 22.88
C THR C 435 -38.50 17.27 23.64
N GLN C 436 -38.86 16.03 23.38
CA GLN C 436 -39.98 15.38 24.06
C GLN C 436 -39.42 14.09 24.65
N PHE C 437 -39.85 13.75 25.86
CA PHE C 437 -39.41 12.52 26.49
C PHE C 437 -40.55 11.54 26.42
N ARG C 438 -40.32 10.44 25.70
CA ARG C 438 -41.34 9.43 25.47
C ARG C 438 -41.22 8.19 26.34
N PRO C 439 -42.35 7.69 26.86
CA PRO C 439 -42.30 6.48 27.69
C PRO C 439 -41.62 5.40 26.86
N ALA C 440 -40.61 4.75 27.44
CA ALA C 440 -39.86 3.70 26.74
C ALA C 440 -40.74 2.57 26.21
N SER C 441 -40.35 2.02 25.07
CA SER C 441 -41.09 0.91 24.47
C SER C 441 -40.84 -0.29 25.37
N THR C 442 -41.88 -0.74 26.07
CA THR C 442 -41.75 -1.86 27.00
C THR C 442 -41.41 -3.22 26.39
N GLU C 443 -41.58 -3.38 25.08
CA GLU C 443 -41.24 -4.67 24.47
C GLU C 443 -39.73 -4.79 24.35
N TYR C 444 -39.04 -3.65 24.36
CA TYR C 444 -37.58 -3.62 24.29
C TYR C 444 -37.05 -3.34 25.70
N PHE C 445 -37.64 -2.34 26.34
CA PHE C 445 -37.25 -1.90 27.67
C PHE C 445 -38.36 -2.20 28.68
N ARG C 446 -38.41 -3.45 29.14
CA ARG C 446 -39.42 -3.90 30.07
C ARG C 446 -39.54 -3.11 31.37
N GLY C 447 -38.43 -2.55 31.83
CA GLY C 447 -38.45 -1.80 33.08
C GLY C 447 -38.87 -0.35 32.95
N GLY C 448 -39.20 0.07 31.73
CA GLY C 448 -39.63 1.44 31.52
C GLY C 448 -38.51 2.42 31.24
N GLY C 449 -38.77 3.70 31.52
CA GLY C 449 -37.80 4.73 31.29
C GLY C 449 -38.34 5.73 30.29
N TYR C 450 -37.50 6.67 29.86
CA TYR C 450 -37.93 7.70 28.92
C TYR C 450 -36.90 7.93 27.82
N SER C 451 -37.33 7.79 26.58
CA SER C 451 -36.45 7.99 25.43
C SER C 451 -36.49 9.46 24.99
N THR C 452 -35.39 9.90 24.39
CA THR C 452 -35.27 11.27 23.92
C THR C 452 -35.72 11.41 22.47
N ASP C 453 -36.74 12.24 22.25
CA ASP C 453 -37.28 12.45 20.93
C ASP C 453 -37.10 13.89 20.44
N PHE C 454 -36.25 14.06 19.43
CA PHE C 454 -36.02 15.36 18.83
C PHE C 454 -35.65 15.19 17.37
N LEU C 455 -35.56 16.29 16.64
CA LEU C 455 -35.20 16.29 15.23
C LEU C 455 -34.12 17.33 15.02
N THR C 456 -32.92 16.89 14.69
CA THR C 456 -31.82 17.82 14.47
C THR C 456 -32.10 18.78 13.32
N LYS C 457 -31.91 20.07 13.56
CA LYS C 457 -32.12 21.06 12.51
C LYS C 457 -31.12 20.84 11.38
N GLY C 458 -31.56 21.03 10.14
CA GLY C 458 -30.69 20.82 9.00
C GLY C 458 -29.76 21.97 8.65
N GLY C 459 -28.85 21.69 7.72
CA GLY C 459 -27.90 22.69 7.27
C GLY C 459 -26.68 22.86 8.15
N MET C 460 -26.55 21.99 9.14
CA MET C 460 -25.43 22.07 10.08
C MET C 460 -24.26 21.18 9.66
N PRO C 461 -23.04 21.75 9.58
CA PRO C 461 -21.88 20.94 9.20
C PRO C 461 -21.56 20.00 10.36
N VAL C 462 -21.35 18.73 10.06
CA VAL C 462 -21.04 17.75 11.09
C VAL C 462 -20.02 16.75 10.59
N THR C 463 -19.52 15.93 11.51
CA THR C 463 -18.56 14.90 11.17
C THR C 463 -18.92 13.67 11.98
N ILE C 464 -19.10 12.53 11.32
CA ILE C 464 -19.37 11.31 12.05
C ILE C 464 -18.08 10.51 12.00
N SER C 465 -17.83 9.73 13.04
CA SER C 465 -16.62 8.94 13.08
C SER C 465 -16.84 7.69 13.90
N ARG C 466 -15.96 6.72 13.71
CA ARG C 466 -16.06 5.47 14.44
C ARG C 466 -14.70 4.80 14.53
N LEU C 467 -14.34 4.40 15.74
CA LEU C 467 -13.10 3.69 15.98
C LEU C 467 -13.49 2.22 16.09
N ASN C 468 -12.74 1.36 15.40
CA ASN C 468 -12.99 -0.08 15.45
C ASN C 468 -11.66 -0.75 15.76
N ILE C 469 -11.74 -1.97 16.30
CA ILE C 469 -10.52 -2.73 16.59
C ILE C 469 -10.64 -3.99 15.74
N VAL C 470 -9.69 -4.16 14.83
CA VAL C 470 -9.69 -5.27 13.90
C VAL C 470 -8.52 -6.23 14.14
N LYS C 471 -8.84 -7.52 14.23
CA LYS C 471 -7.80 -8.53 14.46
C LYS C 471 -6.76 -8.49 13.35
N GLY C 472 -5.49 -8.45 13.71
CA GLY C 472 -4.43 -8.41 12.73
C GLY C 472 -4.06 -7.00 12.34
N LEU C 473 -4.77 -6.03 12.90
CA LEU C 473 -4.52 -4.63 12.61
C LEU C 473 -4.49 -3.76 13.87
N GLY C 474 -5.49 -3.94 14.72
CA GLY C 474 -5.59 -3.16 15.93
C GLY C 474 -6.60 -2.05 15.72
N PRO C 475 -6.47 -0.90 16.41
CA PRO C 475 -7.42 0.20 16.22
C PRO C 475 -7.32 0.82 14.83
N VAL C 476 -8.47 1.24 14.30
CA VAL C 476 -8.52 1.86 12.99
C VAL C 476 -9.71 2.82 13.01
N LEU C 477 -9.51 4.01 12.45
CA LEU C 477 -10.54 5.04 12.47
C LEU C 477 -11.14 5.40 11.13
N GLN C 478 -12.46 5.59 11.10
CA GLN C 478 -13.14 6.02 9.88
C GLN C 478 -13.84 7.34 10.17
N ILE C 479 -13.87 8.20 9.16
CA ILE C 479 -14.43 9.54 9.28
C ILE C 479 -15.27 9.92 8.07
N ALA C 480 -16.36 10.65 8.32
CA ALA C 480 -17.20 11.10 7.22
C ALA C 480 -17.76 12.49 7.55
N GLU C 481 -17.21 13.52 6.91
CA GLU C 481 -17.67 14.88 7.11
C GLU C 481 -18.90 15.06 6.23
N GLY C 482 -19.82 15.92 6.66
CA GLY C 482 -21.02 16.15 5.88
C GLY C 482 -21.90 17.20 6.50
N TYR C 483 -23.20 17.07 6.28
CA TYR C 483 -24.17 18.02 6.82
C TYR C 483 -25.47 17.34 7.23
N THR C 484 -26.21 17.99 8.11
CA THR C 484 -27.50 17.47 8.51
C THR C 484 -28.41 18.13 7.47
N VAL C 485 -29.59 17.55 7.25
CA VAL C 485 -30.51 18.12 6.28
C VAL C 485 -31.92 18.16 6.83
N ASP C 486 -32.76 18.99 6.20
CA ASP C 486 -34.15 19.12 6.58
C ASP C 486 -35.00 18.45 5.51
N LEU C 487 -36.05 17.76 5.93
CA LEU C 487 -36.96 17.12 4.99
C LEU C 487 -38.31 17.78 5.21
N PRO C 488 -39.19 17.78 4.20
CA PRO C 488 -40.50 18.40 4.43
C PRO C 488 -41.09 17.68 5.63
N GLU C 489 -41.81 18.41 6.50
CA GLU C 489 -42.38 17.77 7.69
C GLU C 489 -43.14 16.49 7.36
N GLU C 490 -43.95 16.55 6.31
CA GLU C 490 -44.75 15.39 5.88
C GLU C 490 -43.88 14.20 5.50
N VAL C 491 -42.74 14.47 4.88
CA VAL C 491 -41.81 13.41 4.47
C VAL C 491 -41.10 12.83 5.69
N HIS C 492 -40.62 13.69 6.58
CA HIS C 492 -39.96 13.22 7.79
C HIS C 492 -40.90 12.33 8.59
N ASP C 493 -42.14 12.78 8.77
CA ASP C 493 -43.11 12.01 9.55
C ASP C 493 -43.29 10.58 9.02
N VAL C 494 -43.36 10.42 7.72
CA VAL C 494 -43.54 9.09 7.14
C VAL C 494 -42.33 8.19 7.40
N LEU C 495 -41.13 8.69 7.11
CA LEU C 495 -39.93 7.90 7.32
C LEU C 495 -39.70 7.62 8.80
N ASP C 496 -39.99 8.62 9.62
CA ASP C 496 -39.82 8.52 11.07
C ASP C 496 -40.78 7.53 11.73
N LYS C 497 -42.05 7.62 11.40
CA LYS C 497 -43.06 6.73 11.98
C LYS C 497 -42.84 5.26 11.72
N ARG C 498 -42.25 4.91 10.57
CA ARG C 498 -42.01 3.50 10.26
C ARG C 498 -40.66 3.01 10.74
N THR C 499 -39.97 3.82 11.52
CA THR C 499 -38.66 3.45 12.04
C THR C 499 -38.74 3.37 13.57
N ASP C 500 -38.50 4.49 14.25
CA ASP C 500 -38.58 4.55 15.70
C ASP C 500 -38.78 6.01 16.10
N PRO C 501 -40.03 6.50 15.98
CA PRO C 501 -40.41 7.88 16.31
C PRO C 501 -40.19 8.37 17.73
N THR C 502 -39.93 7.46 18.68
CA THR C 502 -39.71 7.89 20.05
C THR C 502 -38.22 8.10 20.31
N TRP C 503 -37.39 7.88 19.29
CA TRP C 503 -35.96 8.06 19.42
C TRP C 503 -35.51 9.33 18.67
N PRO C 504 -34.29 9.83 18.95
CA PRO C 504 -33.77 11.04 18.32
C PRO C 504 -33.27 10.89 16.88
N THR C 505 -33.77 11.73 15.98
CA THR C 505 -33.39 11.68 14.57
C THR C 505 -32.46 12.78 14.07
N THR C 506 -31.47 12.37 13.30
CA THR C 506 -30.54 13.27 12.64
C THR C 506 -30.44 12.77 11.21
N TRP C 507 -30.81 13.60 10.24
CA TRP C 507 -30.73 13.21 8.83
C TRP C 507 -29.38 13.68 8.33
N PHE C 508 -28.52 12.72 7.96
CA PHE C 508 -27.16 13.00 7.53
C PHE C 508 -26.84 12.75 6.06
N VAL C 509 -26.03 13.65 5.49
CA VAL C 509 -25.57 13.52 4.12
C VAL C 509 -24.05 13.69 4.13
N PRO C 510 -23.31 12.65 3.74
CA PRO C 510 -21.84 12.73 3.73
C PRO C 510 -21.33 13.43 2.48
N ASN C 511 -20.21 14.15 2.61
CA ASN C 511 -19.62 14.80 1.45
C ASN C 511 -19.09 13.68 0.56
N LEU C 512 -19.33 13.77 -0.74
CA LEU C 512 -18.87 12.74 -1.67
C LEU C 512 -17.60 13.18 -2.40
N THR C 513 -16.77 12.22 -2.76
CA THR C 513 -15.52 12.51 -3.46
C THR C 513 -15.47 11.87 -4.84
N GLY C 514 -16.37 10.93 -5.09
CA GLY C 514 -16.40 10.25 -6.37
C GLY C 514 -15.40 9.11 -6.41
N GLU C 515 -14.70 8.90 -5.30
CA GLU C 515 -13.70 7.84 -5.19
C GLU C 515 -13.85 7.07 -3.88
N GLY C 516 -13.05 6.01 -3.74
CA GLY C 516 -13.07 5.20 -2.55
C GLY C 516 -14.46 4.83 -2.03
N ALA C 517 -14.66 5.03 -0.74
CA ALA C 517 -15.94 4.71 -0.10
C ALA C 517 -16.91 5.87 -0.17
N PHE C 518 -16.53 6.93 -0.89
CA PHE C 518 -17.36 8.11 -1.01
C PHE C 518 -17.82 8.41 -2.44
N LYS C 519 -18.05 7.35 -3.21
CA LYS C 519 -18.52 7.52 -4.59
C LYS C 519 -19.99 7.92 -4.57
N ASP C 520 -20.71 7.44 -3.55
CA ASP C 520 -22.12 7.74 -3.37
C ASP C 520 -22.51 7.55 -1.91
N VAL C 521 -23.70 8.01 -1.53
CA VAL C 521 -24.13 7.89 -0.15
C VAL C 521 -24.25 6.43 0.31
N TYR C 522 -24.72 5.56 -0.58
CA TYR C 522 -24.85 4.15 -0.23
C TYR C 522 -23.50 3.59 0.23
N SER C 523 -22.45 3.88 -0.55
CA SER C 523 -21.11 3.38 -0.24
C SER C 523 -20.60 3.81 1.12
N VAL C 524 -20.98 5.01 1.57
CA VAL C 524 -20.53 5.49 2.87
C VAL C 524 -21.10 4.58 3.96
N MET C 525 -22.39 4.26 3.88
CA MET C 525 -22.97 3.39 4.88
C MET C 525 -22.51 1.94 4.73
N ASN C 526 -22.40 1.48 3.49
CA ASN C 526 -21.97 0.11 3.23
C ASN C 526 -20.57 -0.13 3.77
N ASN C 527 -19.77 0.93 3.84
CA ASN C 527 -18.41 0.83 4.34
C ASN C 527 -18.26 1.17 5.81
N TRP C 528 -19.35 1.49 6.49
CA TRP C 528 -19.23 1.80 7.91
C TRP C 528 -18.96 0.48 8.62
N GLY C 529 -17.97 0.47 9.53
CA GLY C 529 -17.57 -0.74 10.20
C GLY C 529 -18.24 -1.18 11.49
N ALA C 530 -19.30 -0.48 11.89
CA ALA C 530 -20.03 -0.84 13.11
C ALA C 530 -21.44 -0.30 13.00
N ASN C 531 -22.29 -0.65 13.95
CA ASN C 531 -23.67 -0.19 13.94
C ASN C 531 -23.82 1.19 14.57
N HIS C 532 -22.74 1.68 15.19
CA HIS C 532 -22.76 2.97 15.85
C HIS C 532 -21.75 3.96 15.28
N CYS C 533 -21.95 5.24 15.59
CA CYS C 533 -21.03 6.29 15.18
C CYS C 533 -21.19 7.43 16.17
N SER C 534 -20.27 8.38 16.12
CA SER C 534 -20.33 9.55 16.98
C SER C 534 -20.44 10.76 16.06
N ILE C 535 -21.34 11.67 16.40
CA ILE C 535 -21.52 12.88 15.59
C ILE C 535 -21.02 14.11 16.33
N SER C 536 -20.22 14.91 15.65
CA SER C 536 -19.71 16.15 16.23
C SER C 536 -20.10 17.28 15.32
N TYR C 537 -20.40 18.44 15.90
CA TYR C 537 -20.71 19.60 15.09
C TYR C 537 -19.41 20.03 14.43
N GLY C 538 -19.52 20.56 13.22
CA GLY C 538 -18.35 21.03 12.51
C GLY C 538 -17.66 19.99 11.65
N HIS C 539 -16.73 20.45 10.82
CA HIS C 539 -15.94 19.57 9.97
C HIS C 539 -14.59 19.45 10.64
N ILE C 540 -14.46 18.41 11.46
CA ILE C 540 -13.24 18.20 12.21
C ILE C 540 -12.42 17.01 11.71
N GLY C 541 -12.66 16.60 10.47
CA GLY C 541 -11.93 15.49 9.90
C GLY C 541 -10.42 15.67 9.90
N ALA C 542 -9.96 16.86 9.53
CA ALA C 542 -8.54 17.13 9.49
C ALA C 542 -7.95 17.04 10.90
N ASP C 543 -8.68 17.57 11.88
CA ASP C 543 -8.22 17.50 13.26
C ASP C 543 -8.14 16.05 13.73
N LEU C 544 -9.12 15.24 13.35
CA LEU C 544 -9.14 13.83 13.73
C LEU C 544 -7.99 13.07 13.08
N ILE C 545 -7.69 13.42 11.84
CA ILE C 545 -6.61 12.77 11.11
C ILE C 545 -5.27 13.05 11.81
N THR C 546 -5.06 14.30 12.22
CA THR C 546 -3.83 14.65 12.89
C THR C 546 -3.75 13.89 14.23
N LEU C 547 -4.86 13.89 14.97
CA LEU C 547 -4.91 13.18 16.25
C LEU C 547 -4.63 11.69 16.07
N ALA C 548 -5.23 11.09 15.04
CA ALA C 548 -5.04 9.68 14.79
C ALA C 548 -3.57 9.36 14.51
N SER C 549 -2.91 10.22 13.74
CA SER C 549 -1.51 9.97 13.42
C SER C 549 -0.64 10.03 14.68
N ILE C 550 -0.97 10.94 15.60
CA ILE C 550 -0.20 11.03 16.84
C ILE C 550 -0.35 9.74 17.64
N LEU C 551 -1.55 9.16 17.61
CA LEU C 551 -1.84 7.91 18.32
C LEU C 551 -1.43 6.67 17.54
N ARG C 552 -0.95 6.86 16.32
CA ARG C 552 -0.53 5.75 15.46
C ARG C 552 -1.71 4.84 15.12
N ILE C 553 -2.88 5.46 14.94
CA ILE C 553 -4.09 4.74 14.56
C ILE C 553 -4.34 5.07 13.09
N PRO C 554 -4.28 4.06 12.22
CA PRO C 554 -4.51 4.34 10.80
C PRO C 554 -5.97 4.71 10.51
N VAL C 555 -6.17 5.52 9.48
CA VAL C 555 -7.51 5.95 9.09
C VAL C 555 -7.86 5.21 7.80
N ASN C 556 -8.73 4.20 7.93
CA ASN C 556 -9.10 3.39 6.77
C ASN C 556 -10.08 4.05 5.81
N MET C 557 -10.76 5.09 6.28
CA MET C 557 -11.78 5.73 5.47
C MET C 557 -12.03 7.16 5.93
N HIS C 558 -11.95 8.12 5.00
CA HIS C 558 -12.20 9.51 5.33
C HIS C 558 -12.40 10.31 4.05
N ASN C 559 -13.12 11.41 4.14
CA ASN C 559 -13.37 12.25 2.97
C ASN C 559 -12.80 13.65 3.14
N VAL C 560 -11.65 13.73 3.82
CA VAL C 560 -10.98 15.01 4.03
C VAL C 560 -10.08 15.30 2.83
N PRO C 561 -10.15 16.53 2.29
CA PRO C 561 -9.31 16.87 1.13
C PRO C 561 -7.85 16.55 1.43
N GLU C 562 -7.16 15.96 0.48
CA GLU C 562 -5.76 15.58 0.67
C GLU C 562 -4.88 16.73 1.15
N GLU C 563 -5.13 17.93 0.63
CA GLU C 563 -4.32 19.09 1.01
C GLU C 563 -4.44 19.43 2.51
N LYS C 564 -5.47 18.92 3.16
CA LYS C 564 -5.68 19.18 4.58
C LYS C 564 -5.09 18.12 5.51
N ILE C 565 -4.59 17.03 4.93
CA ILE C 565 -3.99 15.97 5.74
C ILE C 565 -2.68 16.48 6.34
N PHE C 566 -2.58 16.40 7.66
CA PHE C 566 -1.41 16.89 8.39
C PHE C 566 -0.97 15.79 9.36
N ARG C 567 0.14 15.13 9.01
CA ARG C 567 0.69 14.04 9.81
C ARG C 567 2.18 14.26 10.06
N PRO C 568 2.79 13.47 10.95
CA PRO C 568 4.22 13.64 11.22
C PRO C 568 5.02 13.50 9.93
N ASP C 569 6.15 14.20 9.86
CA ASP C 569 7.00 14.18 8.69
C ASP C 569 7.39 12.76 8.27
N ALA C 570 7.57 11.87 9.24
CA ALA C 570 7.96 10.50 8.95
C ALA C 570 7.00 9.78 8.03
N TRP C 571 5.72 10.15 8.06
CA TRP C 571 4.74 9.49 7.21
C TRP C 571 5.08 9.58 5.72
N SER C 572 5.58 10.74 5.30
CA SER C 572 5.92 10.92 3.89
C SER C 572 7.05 9.98 3.47
N MET C 573 7.86 9.55 4.44
CA MET C 573 8.96 8.63 4.15
C MET C 573 8.43 7.25 3.80
N PHE C 574 7.16 6.99 4.13
CA PHE C 574 6.55 5.71 3.82
C PHE C 574 5.67 5.78 2.58
N GLY C 575 5.72 6.92 1.87
CA GLY C 575 4.95 7.07 0.65
C GLY C 575 4.33 8.45 0.46
N THR C 576 4.45 8.99 -0.75
CA THR C 576 3.87 10.29 -1.06
C THR C 576 2.75 10.20 -2.09
N LYS C 577 2.70 9.10 -2.82
CA LYS C 577 1.66 8.91 -3.84
C LYS C 577 0.38 8.35 -3.22
N ASP C 578 0.51 7.33 -2.39
CA ASP C 578 -0.65 6.73 -1.74
C ASP C 578 -0.55 6.96 -0.24
N LEU C 579 -1.14 8.07 0.19
CA LEU C 579 -1.12 8.46 1.59
C LEU C 579 -1.79 7.46 2.50
N GLU C 580 -2.78 6.74 1.98
CA GLU C 580 -3.46 5.73 2.80
C GLU C 580 -2.51 4.60 3.11
N GLY C 581 -1.87 4.07 2.08
CA GLY C 581 -0.93 2.97 2.26
C GLY C 581 0.23 3.40 3.16
N ALA C 582 0.69 4.63 2.99
CA ALA C 582 1.79 5.14 3.80
C ALA C 582 1.37 5.23 5.26
N ASP C 583 0.12 5.60 5.50
CA ASP C 583 -0.43 5.72 6.84
C ASP C 583 -0.37 4.34 7.53
N TYR C 584 -0.80 3.29 6.83
CA TYR C 584 -0.75 1.96 7.43
C TYR C 584 0.69 1.53 7.70
N ARG C 585 1.59 1.83 6.77
CA ARG C 585 2.98 1.45 6.94
C ARG C 585 3.64 2.20 8.10
N ALA C 586 3.40 3.50 8.19
CA ALA C 586 3.97 4.30 9.26
C ALA C 586 3.45 3.88 10.63
N CYS C 587 2.14 3.67 10.73
CA CYS C 587 1.53 3.28 11.99
C CYS C 587 2.06 1.95 12.52
N LYS C 588 2.30 1.01 11.61
CA LYS C 588 2.79 -0.32 11.96
C LYS C 588 4.27 -0.33 12.34
N LYS C 589 5.09 0.35 11.55
CA LYS C 589 6.52 0.40 11.78
C LYS C 589 6.97 1.35 12.89
N LEU C 590 6.32 2.51 12.99
CA LEU C 590 6.69 3.49 14.00
C LEU C 590 6.07 3.18 15.37
#